data_2OZR
#
_entry.id   2OZR
#
_cell.length_a   161.836
_cell.length_b   71.974
_cell.length_c   138.130
_cell.angle_alpha   90.00
_cell.angle_beta   124.59
_cell.angle_gamma   90.00
#
_symmetry.space_group_name_H-M   'C 1 2 1'
#
loop_
_entity.id
_entity.type
_entity.pdbx_description
1 polymer 'Collagenase 3'
2 non-polymer 'ZINC ION'
3 non-polymer 'CALCIUM ION'
4 non-polymer '4-{[1-METHYL-2,4-DIOXO-6-(3-PHENYLPROP-1-YN-1-YL)-1,4-DIHYDROQUINAZOLIN-3(2H)-YL]METHYL}BENZOIC ACID'
5 non-polymer 'ACETOHYDROXAMIC ACID'
6 water water
#
_entity_poly.entity_id   1
_entity_poly.type   'polypeptide(L)'
_entity_poly.pdbx_seq_one_letter_code
;MASYNVFPRTLKWSKMNLTYRIVNYTPDMTHSEVEKAFKKAFKVWSDVTPLNFTRLHDGIADIMISFGIKEHGDFYPFDG
PSGLLAHAFPPGPNYGGDAHFDDDETWTSSSKGYNLFLVAAHEFGHSLGLDHSKDPGALMFPIYTYTGKSHFMLPDDDVQ
GIQSLYGPGD
;
_entity_poly.pdbx_strand_id   A,B,C,D,E,F,G,H
#
# COMPACT_ATOMS: atom_id res chain seq x y z
N TYR A 4 9.71 -23.61 49.60
CA TYR A 4 8.34 -24.17 49.44
C TYR A 4 7.28 -23.08 49.29
N ASN A 5 6.06 -23.47 48.87
CA ASN A 5 4.88 -22.57 48.85
C ASN A 5 3.56 -23.25 49.09
N VAL A 6 2.65 -22.48 49.68
CA VAL A 6 1.27 -22.90 49.84
C VAL A 6 0.46 -22.23 48.73
N PHE A 7 -0.72 -22.79 48.44
CA PHE A 7 -1.59 -22.13 47.49
C PHE A 7 -2.07 -20.87 48.19
N PRO A 8 -2.05 -19.74 47.47
CA PRO A 8 -2.56 -18.46 47.93
C PRO A 8 -3.92 -18.60 48.62
N ARG A 9 -4.23 -17.65 49.47
CA ARG A 9 -5.42 -17.76 50.29
C ARG A 9 -6.67 -17.26 49.60
N THR A 10 -6.46 -16.43 48.59
CA THR A 10 -7.57 -15.93 47.80
C THR A 10 -7.17 -16.14 46.37
N LEU A 11 -8.15 -16.47 45.53
CA LEU A 11 -7.94 -16.38 44.10
C LEU A 11 -7.66 -14.92 43.74
N LYS A 12 -6.36 -14.62 43.65
CA LYS A 12 -5.87 -13.27 43.34
C LYS A 12 -4.62 -13.44 42.50
N TRP A 13 -4.31 -12.43 41.70
CA TRP A 13 -3.11 -12.47 40.89
C TRP A 13 -1.88 -12.23 41.77
N SER A 14 -0.82 -13.00 41.49
CA SER A 14 0.43 -12.88 42.24
C SER A 14 1.38 -11.88 41.60
N LYS A 15 0.91 -11.23 40.53
CA LYS A 15 1.66 -10.15 39.89
C LYS A 15 0.74 -8.96 39.59
N MET A 16 1.34 -7.80 39.37
CA MET A 16 0.59 -6.56 39.13
C MET A 16 0.49 -6.20 37.64
N ASN A 17 1.42 -6.78 36.87
CA ASN A 17 1.44 -6.62 35.42
C ASN A 17 0.65 -7.75 34.79
N LEU A 18 -0.51 -7.39 34.27
CA LEU A 18 -1.35 -8.39 33.61
C LEU A 18 -1.53 -7.99 32.17
N THR A 19 -1.62 -8.99 31.30
CA THR A 19 -1.88 -8.77 29.89
C THR A 19 -3.28 -9.23 29.49
N TYR A 20 -3.85 -8.57 28.49
CA TYR A 20 -5.11 -9.01 27.92
C TYR A 20 -5.06 -9.02 26.41
N ARG A 21 -5.85 -9.89 25.81
CA ARG A 21 -5.93 -9.99 24.37
C ARG A 21 -7.40 -10.06 24.01
N ILE A 22 -7.82 -9.23 23.06
CA ILE A 22 -9.16 -9.31 22.44
C ILE A 22 -9.06 -10.32 21.30
N VAL A 23 -9.57 -11.54 21.53
CA VAL A 23 -9.43 -12.65 20.57
C VAL A 23 -10.25 -12.40 19.28
N ASN A 24 -11.52 -12.04 19.44
CA ASN A 24 -12.37 -11.68 18.32
C ASN A 24 -13.28 -10.50 18.67
N TYR A 25 -14.12 -10.10 17.73
CA TYR A 25 -14.90 -8.87 17.87
C TYR A 25 -16.38 -9.10 17.59
N THR A 26 -17.23 -8.33 18.24
CA THR A 26 -18.65 -8.38 17.95
C THR A 26 -18.95 -7.70 16.60
N PRO A 27 -20.02 -8.13 15.90
CA PRO A 27 -20.54 -7.38 14.75
C PRO A 27 -21.18 -6.04 15.12
N ASP A 28 -21.55 -5.90 16.39
CA ASP A 28 -22.43 -4.80 16.87
C ASP A 28 -21.77 -3.43 17.04
N MET A 29 -20.45 -3.42 17.06
CA MET A 29 -19.70 -2.18 17.28
C MET A 29 -18.45 -2.26 16.45
N THR A 30 -17.90 -1.10 16.12
CA THR A 30 -16.62 -1.04 15.40
C THR A 30 -15.47 -1.56 16.28
N HIS A 31 -14.38 -2.00 15.65
CA HIS A 31 -13.17 -2.40 16.39
C HIS A 31 -12.74 -1.35 17.40
N SER A 32 -12.79 -0.08 17.01
CA SER A 32 -12.39 1.03 17.90
C SER A 32 -13.27 1.13 19.17
N GLU A 33 -14.59 1.10 18.98
CA GLU A 33 -15.58 1.11 20.06
C GLU A 33 -15.33 -0.03 21.07
N VAL A 34 -15.06 -1.23 20.56
CA VAL A 34 -14.76 -2.39 21.39
C VAL A 34 -13.44 -2.22 22.16
N GLU A 35 -12.40 -1.78 21.48
CA GLU A 35 -11.12 -1.47 22.14
C GLU A 35 -11.26 -0.39 23.22
N LYS A 36 -11.94 0.70 22.87
CA LYS A 36 -12.22 1.79 23.78
C LYS A 36 -12.95 1.29 25.04
N ALA A 37 -13.87 0.33 24.87
CA ALA A 37 -14.69 -0.20 25.98
C ALA A 37 -13.91 -1.12 26.93
N PHE A 38 -13.13 -2.04 26.36
CA PHE A 38 -12.25 -2.86 27.19
C PHE A 38 -11.19 -2.05 27.90
N LYS A 39 -10.54 -1.14 27.18
CA LYS A 39 -9.54 -0.24 27.76
C LYS A 39 -10.13 0.51 28.95
N LYS A 40 -11.32 1.08 28.78
CA LYS A 40 -12.00 1.82 29.87
C LYS A 40 -12.33 0.95 31.08
N ALA A 41 -12.83 -0.25 30.80
CA ALA A 41 -13.19 -1.25 31.82
C ALA A 41 -12.00 -1.66 32.69
N PHE A 42 -10.81 -1.73 32.08
CA PHE A 42 -9.59 -2.07 32.81
C PHE A 42 -9.09 -0.88 33.61
N LYS A 43 -9.27 0.32 33.04
CA LYS A 43 -8.88 1.60 33.67
C LYS A 43 -9.60 1.87 34.99
N VAL A 44 -10.87 1.49 35.03
CA VAL A 44 -11.66 1.49 36.25
C VAL A 44 -10.90 0.82 37.41
N TRP A 45 -10.36 -0.38 37.16
CA TRP A 45 -9.69 -1.14 38.22
C TRP A 45 -8.23 -0.74 38.46
N SER A 46 -7.54 -0.34 37.39
CA SER A 46 -6.15 0.08 37.48
C SER A 46 -6.02 1.43 38.20
N ASP A 47 -7.08 2.23 38.17
CA ASP A 47 -7.05 3.58 38.75
C ASP A 47 -7.09 3.59 40.27
N VAL A 48 -7.49 2.47 40.87
CA VAL A 48 -7.61 2.39 42.32
C VAL A 48 -6.70 1.33 42.92
N THR A 49 -5.81 0.79 42.07
CA THR A 49 -4.89 -0.28 42.45
C THR A 49 -3.51 -0.05 41.80
N PRO A 50 -2.49 -0.85 42.20
CA PRO A 50 -1.22 -0.91 41.45
C PRO A 50 -1.27 -1.89 40.26
N LEU A 51 -2.46 -2.20 39.76
CA LEU A 51 -2.59 -3.09 38.60
C LEU A 51 -2.30 -2.34 37.31
N ASN A 52 -1.62 -3.04 36.39
CA ASN A 52 -1.17 -2.49 35.13
C ASN A 52 -1.60 -3.50 34.07
N PHE A 53 -2.40 -3.04 33.13
CA PHE A 53 -2.91 -3.91 32.07
C PHE A 53 -2.27 -3.58 30.73
N THR A 54 -1.67 -4.60 30.12
CA THR A 54 -0.97 -4.49 28.86
C THR A 54 -1.68 -5.31 27.78
N ARG A 55 -1.99 -4.66 26.66
CA ARG A 55 -2.66 -5.34 25.56
C ARG A 55 -1.72 -6.16 24.65
N LEU A 56 -2.05 -7.45 24.48
CA LEU A 56 -1.43 -8.32 23.48
C LEU A 56 -2.33 -8.46 22.26
N HIS A 57 -1.71 -8.60 21.08
CA HIS A 57 -2.46 -8.78 19.83
C HIS A 57 -2.56 -10.24 19.40
N ASP A 58 -1.59 -11.06 19.82
CA ASP A 58 -1.55 -12.49 19.49
C ASP A 58 -0.97 -13.19 20.71
N GLY A 59 -0.91 -14.51 20.68
CA GLY A 59 -0.32 -15.28 21.78
C GLY A 59 -1.28 -15.40 22.94
N ILE A 60 -0.75 -15.79 24.09
CA ILE A 60 -1.56 -16.07 25.27
C ILE A 60 -1.36 -14.94 26.26
N ALA A 61 -2.46 -14.29 26.60
CA ALA A 61 -2.44 -13.25 27.61
C ALA A 61 -3.04 -13.85 28.87
N ASP A 62 -2.89 -13.16 30.00
CA ASP A 62 -3.53 -13.58 31.24
C ASP A 62 -5.05 -13.57 31.11
N ILE A 63 -5.61 -12.43 30.68
CA ILE A 63 -7.06 -12.29 30.46
C ILE A 63 -7.34 -12.40 28.96
N MET A 64 -7.78 -13.57 28.52
CA MET A 64 -8.21 -13.78 27.13
C MET A 64 -9.69 -13.43 26.99
N ILE A 65 -9.99 -12.48 26.10
CA ILE A 65 -11.34 -11.98 25.88
C ILE A 65 -11.82 -12.47 24.51
N SER A 66 -13.01 -13.06 24.47
CA SER A 66 -13.63 -13.48 23.24
C SER A 66 -15.12 -13.26 23.27
N PHE A 67 -15.71 -13.14 22.07
CA PHE A 67 -17.18 -13.17 21.90
C PHE A 67 -17.56 -14.51 21.33
N GLY A 68 -18.62 -15.10 21.88
CA GLY A 68 -19.08 -16.42 21.47
C GLY A 68 -20.58 -16.58 21.62
N ILE A 69 -21.12 -17.69 21.09
CA ILE A 69 -22.52 -18.06 21.33
C ILE A 69 -22.61 -19.51 21.76
N LYS A 70 -23.69 -19.85 22.48
CA LYS A 70 -23.94 -21.21 22.97
C LYS A 70 -22.64 -21.88 23.47
N GLU A 71 -22.33 -23.06 22.94
CA GLU A 71 -21.11 -23.74 23.34
C GLU A 71 -19.92 -23.02 22.74
N HIS A 72 -19.02 -22.55 23.59
CA HIS A 72 -17.84 -21.81 23.12
C HIS A 72 -16.54 -22.33 23.74
N GLY A 73 -16.60 -23.51 24.36
CA GLY A 73 -15.39 -24.20 24.85
C GLY A 73 -15.12 -24.27 26.34
N ASP A 74 -16.16 -24.13 27.16
CA ASP A 74 -16.06 -24.36 28.61
C ASP A 74 -17.32 -25.05 29.12
N PHE A 75 -17.50 -25.10 30.44
CA PHE A 75 -18.72 -25.71 31.01
C PHE A 75 -19.87 -24.72 31.23
N TYR A 76 -19.85 -23.60 30.50
CA TYR A 76 -20.85 -22.54 30.66
C TYR A 76 -21.35 -22.01 29.31
N PRO A 77 -22.09 -22.85 28.55
CA PRO A 77 -22.63 -22.37 27.27
C PRO A 77 -23.61 -21.23 27.48
N PHE A 78 -23.56 -20.23 26.60
CA PHE A 78 -24.53 -19.14 26.61
C PHE A 78 -25.93 -19.64 26.19
N ASP A 79 -26.89 -18.74 26.11
CA ASP A 79 -28.29 -19.14 26.05
C ASP A 79 -29.15 -18.33 25.09
N GLY A 80 -28.55 -17.78 24.04
CA GLY A 80 -29.28 -16.90 23.14
C GLY A 80 -29.45 -15.53 23.78
N PRO A 81 -30.25 -14.64 23.14
CA PRO A 81 -30.42 -13.26 23.60
C PRO A 81 -30.90 -13.19 25.07
N SER A 82 -30.48 -12.14 25.79
CA SER A 82 -30.85 -11.94 27.20
C SER A 82 -30.38 -13.11 28.09
N GLY A 83 -30.82 -13.13 29.35
CA GLY A 83 -30.35 -14.15 30.30
C GLY A 83 -28.91 -13.91 30.70
N LEU A 84 -28.07 -14.93 30.52
CA LEU A 84 -26.61 -14.84 30.73
C LEU A 84 -25.96 -13.97 29.66
N LEU A 85 -25.33 -12.87 30.09
CA LEU A 85 -24.71 -11.86 29.20
C LEU A 85 -23.24 -12.14 28.91
N ALA A 86 -22.54 -12.59 29.95
CA ALA A 86 -21.10 -12.79 29.92
C ALA A 86 -20.70 -13.49 31.18
N HIS A 87 -19.50 -14.06 31.19
CA HIS A 87 -18.91 -14.52 32.42
C HIS A 87 -17.39 -14.47 32.33
N ALA A 88 -16.73 -14.53 33.50
CA ALA A 88 -15.28 -14.53 33.57
C ALA A 88 -14.79 -15.48 34.65
N PHE A 89 -13.61 -16.04 34.45
CA PHE A 89 -12.98 -16.92 35.43
C PHE A 89 -12.16 -16.10 36.42
N PRO A 90 -12.15 -16.51 37.71
CA PRO A 90 -11.29 -15.89 38.75
C PRO A 90 -9.80 -16.16 38.43
N PRO A 91 -8.88 -15.37 39.02
CA PRO A 91 -7.44 -15.50 38.71
C PRO A 91 -6.89 -16.92 38.83
N GLY A 92 -5.96 -17.25 37.95
CA GLY A 92 -5.36 -18.57 37.92
C GLY A 92 -4.89 -18.92 36.53
N PRO A 93 -4.22 -20.08 36.35
CA PRO A 93 -3.63 -20.51 35.09
C PRO A 93 -4.71 -20.84 34.05
N ASN A 94 -4.29 -20.99 32.79
CA ASN A 94 -5.19 -21.39 31.72
C ASN A 94 -6.40 -20.45 31.52
N TYR A 95 -7.60 -21.01 31.68
CA TYR A 95 -8.88 -20.30 31.55
C TYR A 95 -9.07 -19.23 32.63
N GLY A 96 -8.25 -19.25 33.66
CA GLY A 96 -8.29 -18.26 34.72
C GLY A 96 -8.13 -16.85 34.20
N GLY A 97 -9.03 -15.97 34.61
CA GLY A 97 -9.00 -14.56 34.22
C GLY A 97 -9.73 -14.24 32.93
N ASP A 98 -9.99 -15.26 32.12
CA ASP A 98 -10.66 -15.09 30.82
C ASP A 98 -12.09 -14.58 30.96
N ALA A 99 -12.48 -13.72 30.02
CA ALA A 99 -13.83 -13.14 29.99
C ALA A 99 -14.49 -13.47 28.65
N HIS A 100 -15.61 -14.15 28.71
CA HIS A 100 -16.38 -14.50 27.53
C HIS A 100 -17.64 -13.67 27.51
N PHE A 101 -17.97 -13.14 26.33
CA PHE A 101 -19.16 -12.32 26.15
C PHE A 101 -20.10 -12.99 25.16
N ASP A 102 -21.39 -13.02 25.49
CA ASP A 102 -22.41 -13.70 24.68
C ASP A 102 -22.78 -12.83 23.49
N ASP A 103 -22.43 -13.26 22.29
CA ASP A 103 -22.68 -12.43 21.11
C ASP A 103 -24.10 -12.56 20.53
N ASP A 104 -24.97 -13.31 21.23
CA ASP A 104 -26.41 -13.23 20.96
C ASP A 104 -27.04 -12.01 21.63
N GLU A 105 -26.25 -11.29 22.45
CA GLU A 105 -26.69 -9.99 22.97
C GLU A 105 -26.38 -8.91 21.94
N THR A 106 -27.01 -7.76 22.08
CA THR A 106 -26.68 -6.61 21.25
C THR A 106 -25.80 -5.67 22.05
N TRP A 107 -24.51 -5.68 21.71
CA TRP A 107 -23.54 -4.90 22.43
C TRP A 107 -23.52 -3.47 21.90
N THR A 108 -23.49 -2.48 22.80
CA THR A 108 -23.52 -1.07 22.42
C THR A 108 -22.53 -0.22 23.21
N SER A 109 -22.24 0.96 22.67
CA SER A 109 -21.52 2.00 23.39
C SER A 109 -22.50 3.07 23.85
N SER A 110 -23.66 2.66 24.33
CA SER A 110 -24.72 3.60 24.74
C SER A 110 -25.72 2.93 25.69
N SER A 111 -26.89 3.56 25.81
CA SER A 111 -27.95 3.14 26.74
C SER A 111 -28.79 1.98 26.21
N LYS A 112 -28.70 1.73 24.91
CA LYS A 112 -29.49 0.69 24.26
C LYS A 112 -28.78 -0.65 24.41
N GLY A 113 -29.51 -1.74 24.19
CA GLY A 113 -28.95 -3.09 24.31
C GLY A 113 -28.21 -3.28 25.62
N TYR A 114 -27.01 -3.86 25.55
CA TYR A 114 -26.14 -3.93 26.71
C TYR A 114 -24.85 -3.19 26.44
N ASN A 115 -24.51 -2.31 27.38
CA ASN A 115 -23.29 -1.53 27.30
C ASN A 115 -22.13 -2.46 27.58
N LEU A 116 -21.23 -2.59 26.60
CA LEU A 116 -20.08 -3.48 26.71
C LEU A 116 -19.10 -3.03 27.78
N PHE A 117 -18.76 -1.74 27.81
CA PHE A 117 -17.85 -1.23 28.84
C PHE A 117 -18.37 -1.59 30.23
N LEU A 118 -19.66 -1.40 30.43
CA LEU A 118 -20.27 -1.63 31.73
C LEU A 118 -20.17 -3.10 32.14
N VAL A 119 -20.52 -3.98 31.22
CA VAL A 119 -20.48 -5.44 31.45
C VAL A 119 -19.05 -5.97 31.59
N ALA A 120 -18.14 -5.52 30.72
CA ALA A 120 -16.73 -5.87 30.79
C ALA A 120 -16.09 -5.47 32.11
N ALA A 121 -16.37 -4.26 32.58
CA ALA A 121 -15.82 -3.79 33.87
C ALA A 121 -16.27 -4.69 35.04
N HIS A 122 -17.53 -5.07 35.03
CA HIS A 122 -18.08 -5.96 36.02
C HIS A 122 -17.39 -7.32 35.90
N GLU A 123 -17.36 -7.87 34.68
CA GLU A 123 -16.69 -9.16 34.44
C GLU A 123 -15.17 -9.14 34.75
N PHE A 124 -14.49 -8.04 34.43
CA PHE A 124 -13.09 -7.92 34.85
C PHE A 124 -12.89 -7.87 36.38
N GLY A 125 -13.88 -7.41 37.13
CA GLY A 125 -13.87 -7.57 38.57
C GLY A 125 -13.74 -9.02 38.97
N HIS A 126 -14.51 -9.90 38.32
CA HIS A 126 -14.41 -11.36 38.54
C HIS A 126 -13.04 -11.91 38.14
N SER A 127 -12.52 -11.39 37.02
CA SER A 127 -11.21 -11.75 36.49
C SER A 127 -10.11 -11.43 37.48
N LEU A 128 -10.35 -10.42 38.31
CA LEU A 128 -9.35 -9.93 39.29
C LEU A 128 -9.56 -10.49 40.72
N GLY A 129 -10.59 -11.29 40.93
CA GLY A 129 -10.77 -11.93 42.21
C GLY A 129 -11.97 -11.49 43.03
N LEU A 130 -12.80 -10.60 42.47
CA LEU A 130 -14.04 -10.22 43.15
C LEU A 130 -15.20 -11.12 42.80
N ASP A 131 -16.01 -11.46 43.79
CA ASP A 131 -17.26 -12.18 43.59
C ASP A 131 -18.36 -11.13 43.65
N HIS A 132 -19.62 -11.56 43.57
CA HIS A 132 -20.77 -10.64 43.61
C HIS A 132 -20.92 -9.91 44.93
N SER A 133 -21.26 -8.63 44.85
CA SER A 133 -21.52 -7.80 46.01
C SER A 133 -23.01 -7.82 46.39
N LYS A 134 -23.28 -7.60 47.66
CA LYS A 134 -24.66 -7.47 48.14
C LYS A 134 -25.12 -6.01 48.06
N ASP A 135 -24.17 -5.11 47.79
CA ASP A 135 -24.50 -3.70 47.64
C ASP A 135 -25.13 -3.49 46.25
N PRO A 136 -26.41 -3.10 46.20
CA PRO A 136 -27.10 -2.89 44.91
C PRO A 136 -26.57 -1.71 44.08
N GLY A 137 -25.73 -0.87 44.69
CA GLY A 137 -25.11 0.24 43.99
C GLY A 137 -23.71 -0.09 43.50
N ALA A 138 -23.22 -1.28 43.82
CA ALA A 138 -21.91 -1.75 43.40
C ALA A 138 -21.91 -2.24 41.95
N LEU A 139 -20.84 -1.92 41.22
CA LEU A 139 -20.61 -2.53 39.90
C LEU A 139 -20.65 -4.06 40.01
N MET A 140 -20.22 -4.60 41.15
CA MET A 140 -20.16 -6.05 41.33
C MET A 140 -21.47 -6.67 41.79
N PHE A 141 -22.53 -5.86 41.91
CA PHE A 141 -23.89 -6.36 42.11
C PHE A 141 -24.24 -7.25 40.91
N PRO A 142 -24.84 -8.44 41.14
CA PRO A 142 -25.06 -9.39 40.04
C PRO A 142 -25.92 -8.89 38.88
N ILE A 143 -26.86 -8.00 39.16
CA ILE A 143 -27.88 -7.59 38.19
C ILE A 143 -27.49 -6.32 37.43
N TYR A 144 -27.50 -6.39 36.11
CA TYR A 144 -27.17 -5.26 35.25
C TYR A 144 -28.11 -4.07 35.48
N THR A 145 -27.52 -2.88 35.54
CA THR A 145 -28.28 -1.63 35.57
C THR A 145 -27.45 -0.55 34.91
N TYR A 146 -28.07 0.18 33.98
CA TYR A 146 -27.46 1.35 33.35
C TYR A 146 -28.09 2.58 34.01
N THR A 147 -27.25 3.51 34.48
CA THR A 147 -27.74 4.72 35.16
C THR A 147 -27.35 6.04 34.47
N GLY A 148 -27.42 6.04 33.13
CA GLY A 148 -27.19 7.27 32.36
C GLY A 148 -25.73 7.68 32.20
N LYS A 149 -25.29 7.77 30.95
CA LYS A 149 -23.90 8.12 30.61
C LYS A 149 -23.43 9.36 31.39
N SER A 150 -22.65 9.11 32.44
CA SER A 150 -21.98 10.15 33.19
C SER A 150 -20.47 9.91 33.11
N HIS A 151 -19.69 10.69 33.86
CA HIS A 151 -18.31 10.32 34.08
C HIS A 151 -18.40 9.14 35.06
N PHE A 152 -17.72 8.03 34.75
CA PHE A 152 -17.86 6.80 35.52
C PHE A 152 -16.98 6.81 36.76
N MET A 153 -17.60 6.72 37.92
CA MET A 153 -16.87 6.67 39.19
C MET A 153 -17.14 5.36 39.89
N LEU A 154 -16.11 4.52 40.02
CA LEU A 154 -16.27 3.22 40.65
C LEU A 154 -16.82 3.39 42.06
N PRO A 155 -17.98 2.77 42.37
CA PRO A 155 -18.57 2.82 43.72
C PRO A 155 -17.63 2.36 44.83
N ASP A 156 -17.92 2.81 46.05
CA ASP A 156 -17.06 2.60 47.21
C ASP A 156 -16.86 1.13 47.54
N ASP A 157 -17.93 0.36 47.44
CA ASP A 157 -17.87 -1.06 47.74
C ASP A 157 -16.87 -1.76 46.83
N ASP A 158 -16.91 -1.42 45.54
CA ASP A 158 -16.01 -2.04 44.57
C ASP A 158 -14.57 -1.61 44.80
N VAL A 159 -14.37 -0.31 45.06
CA VAL A 159 -13.07 0.22 45.47
C VAL A 159 -12.49 -0.53 46.68
N GLN A 160 -13.32 -0.72 47.72
CA GLN A 160 -12.94 -1.46 48.92
C GLN A 160 -12.62 -2.94 48.65
N GLY A 161 -13.40 -3.58 47.78
CA GLY A 161 -13.20 -4.99 47.43
C GLY A 161 -11.89 -5.26 46.72
N ILE A 162 -11.59 -4.48 45.70
CA ILE A 162 -10.34 -4.66 44.94
C ILE A 162 -9.10 -4.22 45.75
N GLN A 163 -9.27 -3.34 46.72
CA GLN A 163 -8.15 -2.87 47.54
C GLN A 163 -7.84 -3.89 48.64
N SER A 164 -8.88 -4.58 49.11
CA SER A 164 -8.71 -5.72 50.01
C SER A 164 -7.88 -6.87 49.40
N LEU A 165 -7.64 -6.80 48.09
CA LEU A 165 -6.82 -7.79 47.39
C LEU A 165 -5.47 -7.23 47.00
N TYR A 166 -5.46 -6.04 46.41
CA TYR A 166 -4.26 -5.50 45.79
C TYR A 166 -3.78 -4.21 46.43
N GLY A 167 -4.59 -3.65 47.32
CA GLY A 167 -4.27 -2.37 47.94
C GLY A 167 -4.42 -1.21 46.98
N PRO A 168 -4.14 0.01 47.46
CA PRO A 168 -4.19 1.16 46.57
C PRO A 168 -2.87 1.26 45.77
N GLY A 169 -2.91 1.85 44.59
CA GLY A 169 -1.70 2.06 43.81
C GLY A 169 -1.10 3.42 44.06
N ASP A 170 -0.65 4.05 42.98
CA ASP A 170 -0.16 5.43 43.01
C ASP A 170 -0.89 6.23 41.91
N TYR B 4 43.29 -22.43 36.53
CA TYR B 4 41.95 -23.08 36.41
C TYR B 4 40.84 -22.04 36.23
N ASN B 5 39.62 -22.49 35.86
CA ASN B 5 38.44 -21.61 35.73
C ASN B 5 37.09 -22.25 35.92
N VAL B 6 36.18 -21.47 36.48
CA VAL B 6 34.80 -21.88 36.61
C VAL B 6 33.96 -21.08 35.60
N PHE B 7 32.89 -21.68 35.10
CA PHE B 7 31.96 -20.95 34.26
C PHE B 7 31.42 -19.79 35.10
N PRO B 8 31.33 -18.60 34.48
CA PRO B 8 30.86 -17.38 35.14
C PRO B 8 29.49 -17.55 35.81
N ARG B 9 29.15 -16.59 36.65
CA ARG B 9 27.98 -16.67 37.53
C ARG B 9 26.70 -16.11 36.90
N THR B 10 26.84 -15.38 35.81
CA THR B 10 25.72 -15.01 34.97
C THR B 10 26.17 -15.21 33.54
N LEU B 11 25.21 -15.31 32.63
CA LEU B 11 25.50 -15.21 31.22
C LEU B 11 25.88 -13.75 30.89
N LYS B 12 27.19 -13.54 30.76
CA LYS B 12 27.77 -12.22 30.45
C LYS B 12 28.98 -12.40 29.53
N TRP B 13 29.28 -11.40 28.72
CA TRP B 13 30.48 -11.43 27.89
C TRP B 13 31.72 -11.12 28.72
N SER B 14 32.73 -11.97 28.59
CA SER B 14 33.99 -11.80 29.29
C SER B 14 34.99 -10.98 28.47
N LYS B 15 34.49 -9.94 27.81
CA LYS B 15 35.30 -9.02 27.00
C LYS B 15 34.41 -7.84 26.62
N MET B 16 35.01 -6.68 26.39
CA MET B 16 34.24 -5.46 26.11
C MET B 16 34.12 -5.18 24.61
N ASN B 17 35.08 -5.71 23.86
CA ASN B 17 35.08 -5.63 22.41
C ASN B 17 34.23 -6.75 21.82
N LEU B 18 33.06 -6.36 21.32
CA LEU B 18 32.15 -7.32 20.70
C LEU B 18 31.95 -6.95 19.26
N THR B 19 31.87 -7.96 18.40
CA THR B 19 31.62 -7.73 16.98
C THR B 19 30.25 -8.24 16.56
N TYR B 20 29.70 -7.61 15.53
CA TYR B 20 28.49 -8.11 14.92
C TYR B 20 28.62 -8.12 13.41
N ARG B 21 27.80 -8.94 12.78
CA ARG B 21 27.71 -8.98 11.35
C ARG B 21 26.23 -9.07 11.02
N ILE B 22 25.80 -8.23 10.07
CA ILE B 22 24.47 -8.35 9.48
C ILE B 22 24.56 -9.35 8.32
N VAL B 23 24.10 -10.58 8.57
CA VAL B 23 24.22 -11.69 7.61
C VAL B 23 23.44 -11.41 6.31
N ASN B 24 22.19 -10.97 6.46
CA ASN B 24 21.30 -10.63 5.35
C ASN B 24 20.32 -9.53 5.78
N TYR B 25 19.41 -9.16 4.88
CA TYR B 25 18.64 -7.93 4.98
C TYR B 25 17.18 -8.16 4.62
N THR B 26 16.31 -7.37 5.24
CA THR B 26 14.86 -7.42 4.99
C THR B 26 14.52 -6.73 3.66
N PRO B 27 13.51 -7.23 2.94
CA PRO B 27 12.99 -6.46 1.81
C PRO B 27 12.36 -5.13 2.22
N ASP B 28 12.09 -4.96 3.51
CA ASP B 28 11.20 -3.91 3.99
C ASP B 28 11.79 -2.53 4.09
N MET B 29 13.11 -2.47 4.17
CA MET B 29 13.84 -1.22 4.36
C MET B 29 15.05 -1.23 3.46
N THR B 30 15.60 -0.04 3.19
CA THR B 30 16.87 0.06 2.45
C THR B 30 18.02 -0.50 3.29
N HIS B 31 19.07 -0.98 2.62
CA HIS B 31 20.28 -1.44 3.31
C HIS B 31 20.75 -0.43 4.33
N SER B 32 20.65 0.86 3.99
CA SER B 32 21.11 1.94 4.88
C SER B 32 20.25 2.08 6.13
N GLU B 33 18.92 2.01 5.96
CA GLU B 33 17.96 2.10 7.06
C GLU B 33 18.19 0.97 8.09
N VAL B 34 18.57 -0.21 7.60
CA VAL B 34 18.79 -1.37 8.46
C VAL B 34 20.10 -1.21 9.25
N GLU B 35 21.18 -0.88 8.56
CA GLU B 35 22.47 -0.65 9.20
C GLU B 35 22.39 0.47 10.24
N LYS B 36 21.64 1.53 9.90
CA LYS B 36 21.45 2.63 10.81
C LYS B 36 20.71 2.15 12.06
N ALA B 37 19.69 1.30 11.86
CA ALA B 37 18.83 0.80 12.95
C ALA B 37 19.59 -0.12 13.93
N PHE B 38 20.46 -0.97 13.37
CA PHE B 38 21.29 -1.83 14.21
C PHE B 38 22.38 -1.05 14.93
N LYS B 39 22.95 -0.05 14.26
CA LYS B 39 23.98 0.82 14.84
C LYS B 39 23.39 1.59 16.01
N LYS B 40 22.18 2.13 15.82
CA LYS B 40 21.53 2.87 16.90
C LYS B 40 21.25 1.96 18.08
N ALA B 41 20.81 0.73 17.79
CA ALA B 41 20.46 -0.30 18.77
C ALA B 41 21.63 -0.66 19.67
N PHE B 42 22.81 -0.73 19.08
CA PHE B 42 24.02 -1.06 19.83
C PHE B 42 24.50 0.12 20.66
N LYS B 43 24.33 1.33 20.13
CA LYS B 43 24.69 2.57 20.81
C LYS B 43 23.90 2.77 22.13
N VAL B 44 22.63 2.37 22.13
CA VAL B 44 21.78 2.33 23.32
C VAL B 44 22.52 1.70 24.51
N TRP B 45 23.25 0.63 24.23
CA TRP B 45 23.92 -0.16 25.25
C TRP B 45 25.38 0.22 25.48
N SER B 46 26.08 0.58 24.41
CA SER B 46 27.47 1.02 24.54
C SER B 46 27.55 2.38 25.24
N ASP B 47 26.48 3.18 25.16
CA ASP B 47 26.47 4.55 25.70
C ASP B 47 26.53 4.60 27.22
N VAL B 48 26.15 3.49 27.86
CA VAL B 48 26.00 3.43 29.31
C VAL B 48 26.90 2.33 29.91
N THR B 49 27.78 1.79 29.07
CA THR B 49 28.70 0.72 29.46
C THR B 49 30.10 0.94 28.87
N PRO B 50 31.08 0.12 29.29
CA PRO B 50 32.35 0.13 28.57
C PRO B 50 32.33 -0.67 27.25
N LEU B 51 31.24 -1.39 26.98
CA LEU B 51 31.10 -2.17 25.73
C LEU B 51 31.37 -1.36 24.44
N ASN B 52 31.96 -2.05 23.46
CA ASN B 52 32.42 -1.43 22.22
C ASN B 52 31.98 -2.34 21.10
N PHE B 53 31.34 -1.77 20.09
CA PHE B 53 30.81 -2.59 19.01
C PHE B 53 31.49 -2.34 17.67
N THR B 54 31.98 -3.41 17.05
CA THR B 54 32.61 -3.36 15.74
C THR B 54 31.82 -4.21 14.74
N ARG B 55 31.41 -3.61 13.63
CA ARG B 55 30.75 -4.36 12.55
C ARG B 55 31.70 -5.15 11.64
N LEU B 56 31.42 -6.45 11.48
CA LEU B 56 32.09 -7.30 10.49
C LEU B 56 31.23 -7.47 9.24
N HIS B 57 31.87 -7.45 8.07
CA HIS B 57 31.17 -7.59 6.79
C HIS B 57 31.11 -9.03 6.33
N ASP B 58 32.12 -9.81 6.71
CA ASP B 58 32.23 -11.22 6.36
C ASP B 58 32.85 -11.92 7.55
N GLY B 59 32.58 -13.22 7.71
CA GLY B 59 33.22 -14.01 8.75
C GLY B 59 32.31 -14.27 9.93
N ILE B 60 32.89 -14.78 11.01
CA ILE B 60 32.17 -15.06 12.24
C ILE B 60 32.36 -13.94 13.27
N ALA B 61 31.26 -13.28 13.62
CA ALA B 61 31.24 -12.27 14.66
C ALA B 61 30.60 -12.87 15.90
N ASP B 62 30.76 -12.20 17.03
CA ASP B 62 30.09 -12.60 18.28
C ASP B 62 28.56 -12.61 18.12
N ILE B 63 28.01 -11.51 17.62
CA ILE B 63 26.57 -11.34 17.44
C ILE B 63 26.25 -11.49 15.94
N MET B 64 25.80 -12.68 15.55
CA MET B 64 25.40 -12.92 14.14
C MET B 64 23.95 -12.53 13.97
N ILE B 65 23.69 -11.52 13.13
CA ILE B 65 22.34 -11.02 12.90
C ILE B 65 21.79 -11.48 11.54
N SER B 66 20.57 -12.03 11.54
CA SER B 66 19.91 -12.43 10.31
C SER B 66 18.40 -12.18 10.33
N PHE B 67 17.83 -12.11 9.12
CA PHE B 67 16.38 -12.11 8.93
C PHE B 67 16.02 -13.45 8.36
N GLY B 68 14.98 -14.08 8.93
CA GLY B 68 14.55 -15.42 8.52
C GLY B 68 13.05 -15.59 8.67
N ILE B 69 12.51 -16.67 8.11
CA ILE B 69 11.11 -17.01 8.34
C ILE B 69 11.00 -18.47 8.76
N LYS B 70 9.95 -18.78 9.53
CA LYS B 70 9.66 -20.16 9.92
C LYS B 70 10.90 -20.85 10.47
N GLU B 71 11.25 -22.01 9.91
CA GLU B 71 12.41 -22.75 10.36
C GLU B 71 13.64 -22.09 9.76
N HIS B 72 14.53 -21.62 10.61
CA HIS B 72 15.66 -20.85 10.12
C HIS B 72 16.98 -21.33 10.74
N GLY B 73 16.96 -22.52 11.34
CA GLY B 73 18.18 -23.17 11.83
C GLY B 73 18.45 -23.22 13.33
N ASP B 74 17.39 -23.20 14.15
CA ASP B 74 17.48 -23.44 15.58
C ASP B 74 16.17 -24.03 16.08
N PHE B 75 15.99 -24.10 17.40
CA PHE B 75 14.78 -24.68 17.99
C PHE B 75 13.66 -23.66 18.23
N TYR B 76 13.77 -22.50 17.59
CA TYR B 76 12.77 -21.45 17.73
C TYR B 76 12.25 -20.94 16.39
N PRO B 77 11.53 -21.80 15.62
CA PRO B 77 10.92 -21.34 14.38
C PRO B 77 9.98 -20.17 14.63
N PHE B 78 9.98 -19.21 13.71
CA PHE B 78 8.99 -18.15 13.68
C PHE B 78 7.63 -18.68 13.19
N ASP B 79 6.64 -17.80 13.17
CA ASP B 79 5.26 -18.23 13.10
C ASP B 79 4.41 -17.37 12.16
N GLY B 80 5.05 -16.79 11.15
CA GLY B 80 4.37 -15.90 10.22
C GLY B 80 4.20 -14.50 10.79
N PRO B 81 3.30 -13.69 10.21
CA PRO B 81 3.05 -12.32 10.66
C PRO B 81 2.62 -12.25 12.13
N SER B 82 2.97 -11.16 12.81
CA SER B 82 2.68 -10.98 14.23
C SER B 82 3.17 -12.17 15.09
N GLY B 83 2.76 -12.23 16.36
CA GLY B 83 3.24 -13.24 17.31
C GLY B 83 4.68 -12.95 17.71
N LEU B 84 5.55 -13.95 17.59
CA LEU B 84 6.99 -13.78 17.81
C LEU B 84 7.54 -12.84 16.75
N LEU B 85 8.28 -11.83 17.20
CA LEU B 85 8.89 -10.84 16.30
C LEU B 85 10.37 -11.15 16.01
N ALA B 86 11.06 -11.68 17.01
CA ALA B 86 12.52 -11.79 17.00
C ALA B 86 12.97 -12.48 18.26
N HIS B 87 14.07 -13.23 18.19
CA HIS B 87 14.71 -13.72 19.41
C HIS B 87 16.21 -13.54 19.35
N ALA B 88 16.82 -13.48 20.54
CA ALA B 88 18.26 -13.45 20.63
C ALA B 88 18.68 -14.42 21.70
N PHE B 89 19.85 -15.02 21.53
CA PHE B 89 20.48 -15.91 22.50
C PHE B 89 21.31 -15.12 23.51
N PRO B 90 21.41 -15.62 24.76
CA PRO B 90 22.25 -14.98 25.79
C PRO B 90 23.72 -15.12 25.43
N PRO B 91 24.62 -14.36 26.08
CA PRO B 91 26.07 -14.44 25.76
C PRO B 91 26.66 -15.84 25.91
N GLY B 92 27.47 -16.25 24.94
CA GLY B 92 28.11 -17.55 24.94
C GLY B 92 28.77 -17.84 23.60
N PRO B 93 29.36 -19.04 23.44
CA PRO B 93 29.97 -19.40 22.16
C PRO B 93 28.91 -19.82 21.14
N ASN B 94 29.31 -19.89 19.87
CA ASN B 94 28.44 -20.29 18.76
C ASN B 94 27.21 -19.36 18.58
N TYR B 95 26.02 -19.91 18.83
CA TYR B 95 24.74 -19.23 18.65
C TYR B 95 24.53 -18.14 19.71
N GLY B 96 25.20 -18.27 20.84
CA GLY B 96 25.18 -17.24 21.89
C GLY B 96 25.33 -15.82 21.35
N GLY B 97 24.41 -14.95 21.74
CA GLY B 97 24.46 -13.56 21.32
C GLY B 97 23.76 -13.24 20.01
N ASP B 98 23.47 -14.25 19.21
CA ASP B 98 22.86 -14.04 17.88
C ASP B 98 21.43 -13.53 17.96
N ALA B 99 21.11 -12.58 17.09
CA ALA B 99 19.76 -12.04 17.00
C ALA B 99 19.15 -12.41 15.66
N HIS B 100 17.94 -12.96 15.71
CA HIS B 100 17.18 -13.37 14.54
C HIS B 100 15.88 -12.59 14.48
N PHE B 101 15.53 -12.12 13.30
CA PHE B 101 14.34 -11.31 13.13
C PHE B 101 13.41 -12.00 12.16
N ASP B 102 12.13 -12.05 12.52
CA ASP B 102 11.13 -12.73 11.72
C ASP B 102 10.81 -11.83 10.52
N ASP B 103 11.13 -12.29 9.32
CA ASP B 103 10.92 -11.44 8.17
C ASP B 103 9.51 -11.56 7.59
N ASP B 104 8.65 -12.31 8.28
CA ASP B 104 7.22 -12.22 8.02
C ASP B 104 6.58 -10.99 8.70
N GLU B 105 7.40 -10.22 9.42
CA GLU B 105 6.93 -8.95 9.97
C GLU B 105 7.16 -7.87 8.93
N THR B 106 6.50 -6.73 9.10
CA THR B 106 6.82 -5.54 8.32
C THR B 106 7.75 -4.66 9.14
N TRP B 107 9.02 -4.68 8.79
CA TRP B 107 10.02 -3.91 9.53
C TRP B 107 10.06 -2.47 9.03
N THR B 108 10.06 -1.51 9.94
CA THR B 108 10.02 -0.11 9.55
C THR B 108 10.98 0.78 10.29
N SER B 109 11.22 1.95 9.70
CA SER B 109 11.96 3.03 10.34
C SER B 109 10.97 4.10 10.81
N SER B 110 9.83 3.66 11.34
CA SER B 110 8.75 4.56 11.78
C SER B 110 7.86 3.84 12.78
N SER B 111 6.60 4.28 12.87
CA SER B 111 5.62 3.71 13.80
C SER B 111 4.71 2.70 13.13
N LYS B 112 4.95 2.44 11.84
CA LYS B 112 4.19 1.46 11.11
C LYS B 112 4.80 0.08 11.35
N GLY B 113 4.02 -0.97 11.15
CA GLY B 113 4.49 -2.34 11.42
C GLY B 113 5.29 -2.41 12.71
N TYR B 114 6.49 -2.96 12.62
CA TYR B 114 7.38 -2.95 13.78
C TYR B 114 8.66 -2.22 13.47
N ASN B 115 9.05 -1.36 14.40
CA ASN B 115 10.28 -0.57 14.28
C ASN B 115 11.51 -1.45 14.52
N LEU B 116 12.36 -1.59 13.50
CA LEU B 116 13.56 -2.43 13.60
C LEU B 116 14.50 -1.99 14.73
N PHE B 117 14.87 -0.70 14.78
CA PHE B 117 15.74 -0.21 15.87
C PHE B 117 15.21 -0.62 17.27
N LEU B 118 13.91 -0.45 17.47
CA LEU B 118 13.31 -0.73 18.77
C LEU B 118 13.39 -2.20 19.15
N VAL B 119 13.06 -3.09 18.23
CA VAL B 119 13.10 -4.52 18.47
C VAL B 119 14.55 -5.00 18.60
N ALA B 120 15.41 -4.50 17.73
CA ALA B 120 16.86 -4.74 17.80
C ALA B 120 17.49 -4.40 19.16
N ALA B 121 17.27 -3.18 19.65
CA ALA B 121 17.79 -2.75 20.97
C ALA B 121 17.30 -3.66 22.12
N HIS B 122 16.01 -3.99 22.12
CA HIS B 122 15.48 -4.97 23.07
C HIS B 122 16.23 -6.30 22.92
N GLU B 123 16.32 -6.80 21.69
CA GLU B 123 16.95 -8.10 21.45
C GLU B 123 18.45 -8.13 21.76
N PHE B 124 19.15 -7.03 21.52
CA PHE B 124 20.57 -6.94 21.88
C PHE B 124 20.77 -6.90 23.41
N GLY B 125 19.75 -6.47 24.14
CA GLY B 125 19.76 -6.58 25.59
C GLY B 125 19.93 -8.02 26.03
N HIS B 126 19.12 -8.92 25.45
CA HIS B 126 19.28 -10.39 25.59
C HIS B 126 20.65 -10.91 25.19
N SER B 127 21.18 -10.39 24.07
CA SER B 127 22.48 -10.75 23.53
C SER B 127 23.64 -10.46 24.50
N LEU B 128 23.40 -9.49 25.39
CA LEU B 128 24.37 -9.01 26.35
C LEU B 128 24.09 -9.55 27.78
N GLY B 129 22.94 -10.20 27.95
CA GLY B 129 22.68 -10.92 29.19
C GLY B 129 21.53 -10.44 30.04
N LEU B 130 20.67 -9.59 29.48
CA LEU B 130 19.45 -9.21 30.18
C LEU B 130 18.29 -10.14 29.83
N ASP B 131 17.49 -10.45 30.84
CA ASP B 131 16.23 -11.13 30.62
C ASP B 131 15.14 -10.07 30.64
N HIS B 132 13.88 -10.51 30.64
CA HIS B 132 12.76 -9.56 30.67
C HIS B 132 12.61 -8.86 32.00
N SER B 133 12.29 -7.58 31.92
CA SER B 133 12.00 -6.77 33.10
C SER B 133 10.54 -6.94 33.48
N LYS B 134 10.22 -6.58 34.73
CA LYS B 134 8.85 -6.49 35.20
C LYS B 134 8.41 -5.03 35.20
N ASP B 135 9.28 -4.14 34.79
CA ASP B 135 8.92 -2.74 34.68
C ASP B 135 8.28 -2.49 33.31
N PRO B 136 7.01 -2.04 33.30
CA PRO B 136 6.26 -1.84 32.05
C PRO B 136 6.81 -0.73 31.17
N GLY B 137 7.64 0.16 31.74
CA GLY B 137 8.26 1.28 31.01
C GLY B 137 9.67 0.99 30.52
N ALA B 138 10.16 -0.21 30.82
CA ALA B 138 11.50 -0.67 30.43
C ALA B 138 11.59 -1.16 28.98
N LEU B 139 12.75 -0.96 28.36
CA LEU B 139 13.02 -1.57 27.05
C LEU B 139 12.93 -3.08 27.15
N MET B 140 13.43 -3.65 28.25
CA MET B 140 13.41 -5.11 28.42
C MET B 140 12.08 -5.71 28.90
N PHE B 141 11.02 -4.91 28.97
CA PHE B 141 9.65 -5.42 29.14
C PHE B 141 9.25 -6.32 27.95
N PRO B 142 8.62 -7.49 28.21
CA PRO B 142 8.44 -8.50 27.15
C PRO B 142 7.67 -8.06 25.91
N ILE B 143 6.79 -7.06 26.06
CA ILE B 143 5.79 -6.71 25.06
C ILE B 143 6.11 -5.41 24.34
N TYR B 144 6.07 -5.46 23.01
CA TYR B 144 6.38 -4.30 22.16
C TYR B 144 5.48 -3.11 22.47
N THR B 145 6.09 -1.94 22.51
CA THR B 145 5.37 -0.70 22.72
C THR B 145 6.19 0.41 22.06
N TYR B 146 5.54 1.13 21.15
CA TYR B 146 6.12 2.29 20.49
C TYR B 146 5.48 3.53 21.10
N THR B 147 6.29 4.39 21.72
CA THR B 147 5.76 5.48 22.55
C THR B 147 5.88 6.86 21.89
N GLY B 148 5.61 6.91 20.59
CA GLY B 148 5.83 8.12 19.80
C GLY B 148 7.31 8.34 19.55
N LYS B 149 7.64 8.84 18.36
CA LYS B 149 9.02 9.11 17.99
C LYS B 149 9.58 10.35 18.71
N SER B 150 10.61 10.12 19.53
CA SER B 150 11.34 11.20 20.20
C SER B 150 12.81 10.76 20.35
N HIS B 151 13.67 11.64 20.88
CA HIS B 151 15.07 11.24 21.10
C HIS B 151 15.08 10.00 22.00
N PHE B 152 15.86 8.99 21.66
CA PHE B 152 15.89 7.75 22.47
C PHE B 152 16.79 7.84 23.68
N MET B 153 16.16 7.74 24.84
CA MET B 153 16.88 7.71 26.10
C MET B 153 16.45 6.46 26.88
N LEU B 154 17.39 5.53 27.02
CA LEU B 154 17.17 4.23 27.67
C LEU B 154 16.64 4.39 29.09
N PRO B 155 15.52 3.71 29.42
CA PRO B 155 14.98 3.76 30.79
C PRO B 155 15.97 3.33 31.89
N ASP B 156 15.74 3.83 33.11
CA ASP B 156 16.66 3.64 34.21
C ASP B 156 16.80 2.17 34.63
N ASP B 157 15.70 1.44 34.55
CA ASP B 157 15.68 0.01 34.85
C ASP B 157 16.64 -0.77 33.97
N ASP B 158 16.70 -0.41 32.69
CA ASP B 158 17.61 -1.07 31.75
C ASP B 158 19.05 -0.64 31.96
N VAL B 159 19.27 0.65 32.18
CA VAL B 159 20.59 1.17 32.56
C VAL B 159 21.16 0.39 33.76
N GLN B 160 20.34 0.17 34.79
CA GLN B 160 20.76 -0.59 35.97
C GLN B 160 21.07 -2.05 35.68
N GLY B 161 20.22 -2.69 34.89
CA GLY B 161 20.42 -4.07 34.45
C GLY B 161 21.74 -4.27 33.71
N ILE B 162 21.97 -3.47 32.67
CA ILE B 162 23.19 -3.62 31.89
C ILE B 162 24.44 -3.21 32.70
N GLN B 163 24.27 -2.26 33.61
CA GLN B 163 25.39 -1.81 34.45
C GLN B 163 25.73 -2.81 35.55
N SER B 164 24.73 -3.57 35.99
CA SER B 164 24.94 -4.60 36.99
C SER B 164 25.75 -5.78 36.43
N LEU B 165 25.97 -5.78 35.12
CA LEU B 165 26.76 -6.81 34.45
C LEU B 165 28.14 -6.29 34.05
N TYR B 166 28.16 -5.09 33.46
CA TYR B 166 29.37 -4.56 32.81
C TYR B 166 29.87 -3.28 33.44
N GLY B 167 29.07 -2.69 34.32
CA GLY B 167 29.44 -1.43 34.95
C GLY B 167 29.19 -0.24 34.05
N PRO B 168 29.54 0.96 34.54
CA PRO B 168 29.31 2.18 33.77
C PRO B 168 30.40 2.42 32.74
N GLY B 169 30.06 3.13 31.68
CA GLY B 169 31.06 3.56 30.70
C GLY B 169 31.96 4.65 31.27
N ASP B 170 33.26 4.49 31.06
CA ASP B 170 34.28 5.45 31.50
C ASP B 170 34.46 6.55 30.47
N TYR C 4 -7.99 -3.06 -11.47
CA TYR C 4 -9.42 -2.65 -11.36
C TYR C 4 -9.65 -1.84 -10.09
N ASN C 5 -10.82 -1.18 -10.00
CA ASN C 5 -11.21 -0.35 -8.85
C ASN C 5 -12.68 0.00 -8.83
N VAL C 6 -13.42 -0.55 -7.88
CA VAL C 6 -14.80 -0.12 -7.66
C VAL C 6 -14.77 1.20 -6.86
N PHE C 7 -15.84 1.99 -6.98
CA PHE C 7 -15.89 3.28 -6.28
C PHE C 7 -15.72 3.02 -4.78
N PRO C 8 -15.17 4.02 -4.06
CA PRO C 8 -15.11 3.94 -2.59
C PRO C 8 -16.49 3.61 -1.98
N ARG C 9 -16.45 2.93 -0.84
CA ARG C 9 -17.63 2.27 -0.27
C ARG C 9 -18.48 3.19 0.58
N THR C 10 -17.84 4.22 1.10
CA THR C 10 -18.53 5.30 1.77
C THR C 10 -17.81 6.58 1.40
N LEU C 11 -18.56 7.67 1.32
CA LEU C 11 -17.94 8.97 1.12
C LEU C 11 -17.02 9.31 2.29
N LYS C 12 -15.75 9.00 2.09
CA LYS C 12 -14.67 9.36 3.01
C LYS C 12 -13.48 9.84 2.21
N TRP C 13 -12.54 10.48 2.88
CA TRP C 13 -11.28 10.85 2.27
C TRP C 13 -10.36 9.63 2.29
N SER C 14 -9.75 9.38 1.14
CA SER C 14 -8.82 8.27 0.96
C SER C 14 -7.39 8.67 1.37
N LYS C 15 -7.29 9.83 2.02
CA LYS C 15 -6.03 10.32 2.57
C LYS C 15 -6.27 11.01 3.92
N MET C 16 -5.22 11.08 4.74
CA MET C 16 -5.32 11.68 6.07
C MET C 16 -4.93 13.17 6.04
N ASN C 17 -3.95 13.52 5.21
CA ASN C 17 -3.52 14.91 5.05
C ASN C 17 -4.53 15.67 4.23
N LEU C 18 -5.27 16.57 4.87
CA LEU C 18 -6.19 17.42 4.13
C LEU C 18 -5.75 18.87 4.23
N THR C 19 -6.11 19.65 3.23
CA THR C 19 -5.82 21.07 3.29
C THR C 19 -7.13 21.86 3.25
N TYR C 20 -7.06 23.09 3.74
CA TYR C 20 -8.21 23.97 3.73
C TYR C 20 -7.78 25.39 3.41
N ARG C 21 -8.73 26.21 2.97
CA ARG C 21 -8.42 27.58 2.59
C ARG C 21 -9.58 28.51 2.90
N ILE C 22 -9.26 29.58 3.63
CA ILE C 22 -10.21 30.62 3.94
C ILE C 22 -10.16 31.62 2.77
N VAL C 23 -11.07 31.42 1.82
CA VAL C 23 -11.15 32.21 0.60
C VAL C 23 -11.50 33.68 0.91
N ASN C 24 -12.47 33.87 1.79
CA ASN C 24 -12.83 35.22 2.20
C ASN C 24 -13.28 35.24 3.63
N TYR C 25 -13.59 36.43 4.14
CA TYR C 25 -13.89 36.62 5.55
C TYR C 25 -15.20 37.35 5.72
N THR C 26 -15.88 37.06 6.82
CA THR C 26 -17.06 37.79 7.28
C THR C 26 -16.67 39.18 7.84
N PRO C 27 -17.55 40.19 7.66
CA PRO C 27 -17.43 41.53 8.30
C PRO C 27 -17.76 41.54 9.79
N ASP C 28 -18.23 40.41 10.32
CA ASP C 28 -18.77 40.35 11.68
C ASP C 28 -17.71 40.06 12.72
N MET C 29 -16.57 39.53 12.28
CA MET C 29 -15.50 39.14 13.19
C MET C 29 -14.15 39.55 12.62
N THR C 30 -13.16 39.70 13.49
CA THR C 30 -11.80 40.04 13.03
C THR C 30 -11.21 38.86 12.26
N HIS C 31 -10.24 39.14 11.40
CA HIS C 31 -9.60 38.08 10.66
C HIS C 31 -9.12 37.00 11.62
N SER C 32 -8.44 37.44 12.70
CA SER C 32 -7.94 36.56 13.77
C SER C 32 -8.99 35.68 14.43
N GLU C 33 -10.12 36.29 14.79
CA GLU C 33 -11.25 35.55 15.39
C GLU C 33 -11.73 34.41 14.48
N VAL C 34 -11.88 34.72 13.19
CA VAL C 34 -12.28 33.77 12.17
C VAL C 34 -11.28 32.63 11.96
N GLU C 35 -9.98 32.97 11.87
CA GLU C 35 -8.94 31.94 11.77
C GLU C 35 -8.93 31.02 12.98
N LYS C 36 -9.18 31.59 14.15
CA LYS C 36 -9.18 30.88 15.42
C LYS C 36 -10.36 29.92 15.51
N ALA C 37 -11.54 30.39 15.10
CA ALA C 37 -12.73 29.55 15.05
C ALA C 37 -12.51 28.39 14.10
N PHE C 38 -12.00 28.67 12.89
CA PHE C 38 -11.85 27.60 11.90
C PHE C 38 -10.81 26.59 12.35
N LYS C 39 -9.73 27.09 12.92
CA LYS C 39 -8.65 26.27 13.48
C LYS C 39 -9.18 25.33 14.56
N LYS C 40 -9.99 25.86 15.48
CA LYS C 40 -10.54 25.08 16.56
C LYS C 40 -11.54 24.03 16.04
N ALA C 41 -12.40 24.46 15.11
CA ALA C 41 -13.35 23.59 14.41
C ALA C 41 -12.69 22.35 13.77
N PHE C 42 -11.52 22.54 13.15
CA PHE C 42 -10.76 21.42 12.58
C PHE C 42 -10.11 20.55 13.65
N LYS C 43 -9.64 21.19 14.73
CA LYS C 43 -9.00 20.50 15.85
C LYS C 43 -9.97 19.56 16.55
N VAL C 44 -11.25 19.88 16.49
CA VAL C 44 -12.31 19.05 17.07
C VAL C 44 -12.24 17.63 16.46
N TRP C 45 -11.96 17.59 15.16
CA TRP C 45 -11.93 16.33 14.39
C TRP C 45 -10.56 15.66 14.33
N SER C 46 -9.51 16.48 14.25
CA SER C 46 -8.15 15.96 14.21
C SER C 46 -7.72 15.38 15.55
N ASP C 47 -8.30 15.89 16.66
CA ASP C 47 -7.97 15.39 18.02
C ASP C 47 -8.36 13.92 18.30
N VAL C 48 -9.28 13.37 17.52
CA VAL C 48 -9.81 12.02 17.77
C VAL C 48 -9.66 11.12 16.55
N THR C 49 -8.79 11.52 15.62
CA THR C 49 -8.54 10.78 14.39
C THR C 49 -7.08 10.95 13.95
N PRO C 50 -6.63 10.13 12.97
CA PRO C 50 -5.34 10.44 12.35
C PRO C 50 -5.41 11.59 11.32
N LEU C 51 -6.55 12.28 11.20
CA LEU C 51 -6.66 13.41 10.25
C LEU C 51 -5.74 14.60 10.56
N ASN C 52 -5.11 15.10 9.50
CA ASN C 52 -4.16 16.21 9.56
C ASN C 52 -4.66 17.32 8.65
N PHE C 53 -4.80 18.52 9.20
CA PHE C 53 -5.29 19.67 8.45
C PHE C 53 -4.20 20.70 8.31
N THR C 54 -3.89 21.07 7.08
CA THR C 54 -2.89 22.08 6.78
C THR C 54 -3.60 23.25 6.11
N ARG C 55 -3.38 24.46 6.62
CA ARG C 55 -4.00 25.64 6.02
C ARG C 55 -3.28 26.07 4.75
N LEU C 56 -4.04 26.42 3.70
CA LEU C 56 -3.53 27.03 2.47
C LEU C 56 -3.96 28.49 2.34
N HIS C 57 -3.05 29.35 1.88
CA HIS C 57 -3.35 30.77 1.74
C HIS C 57 -3.92 31.11 0.37
N ASP C 58 -3.43 30.42 -0.66
CA ASP C 58 -3.91 30.58 -2.03
C ASP C 58 -4.20 29.20 -2.62
N GLY C 59 -4.71 29.19 -3.85
CA GLY C 59 -4.84 27.97 -4.63
C GLY C 59 -6.04 27.10 -4.31
N ILE C 60 -6.01 25.86 -4.79
CA ILE C 60 -7.09 24.91 -4.52
C ILE C 60 -6.70 24.07 -3.31
N ALA C 61 -7.59 24.02 -2.33
CA ALA C 61 -7.42 23.14 -1.17
C ALA C 61 -8.49 22.07 -1.27
N ASP C 62 -8.37 21.00 -0.49
CA ASP C 62 -9.40 19.97 -0.47
C ASP C 62 -10.71 20.59 0.00
N ILE C 63 -10.63 21.33 1.09
CA ILE C 63 -11.78 21.95 1.70
C ILE C 63 -11.66 23.45 1.49
N MET C 64 -12.52 24.00 0.63
CA MET C 64 -12.51 25.43 0.33
C MET C 64 -13.58 26.14 1.16
N ILE C 65 -13.17 27.13 1.95
CA ILE C 65 -14.10 27.80 2.87
C ILE C 65 -14.40 29.22 2.42
N SER C 66 -15.68 29.53 2.22
CA SER C 66 -16.04 30.87 1.78
C SER C 66 -17.28 31.41 2.42
N PHE C 67 -17.36 32.73 2.49
CA PHE C 67 -18.55 33.42 2.96
C PHE C 67 -19.27 34.00 1.75
N GLY C 68 -20.60 33.93 1.78
CA GLY C 68 -21.41 34.44 0.69
C GLY C 68 -22.85 34.58 1.08
N ILE C 69 -23.64 35.15 0.18
CA ILE C 69 -25.07 35.32 0.40
C ILE C 69 -25.77 34.89 -0.86
N LYS C 70 -27.06 34.55 -0.71
CA LYS C 70 -27.94 34.23 -1.84
C LYS C 70 -27.30 33.24 -2.81
N GLU C 71 -27.22 33.58 -4.09
CA GLU C 71 -26.53 32.75 -5.07
C GLU C 71 -25.05 33.00 -4.92
N HIS C 72 -24.29 31.92 -4.76
CA HIS C 72 -22.86 32.06 -4.52
C HIS C 72 -22.06 30.98 -5.27
N GLY C 73 -22.69 30.34 -6.25
CA GLY C 73 -22.00 29.46 -7.18
C GLY C 73 -22.28 27.98 -7.07
N ASP C 74 -23.48 27.63 -6.62
CA ASP C 74 -23.90 26.23 -6.57
C ASP C 74 -25.43 26.13 -6.55
N PHE C 75 -25.94 24.92 -6.35
CA PHE C 75 -27.39 24.67 -6.38
C PHE C 75 -28.10 24.87 -5.03
N TYR C 76 -27.41 25.52 -4.09
CA TYR C 76 -27.96 25.73 -2.75
C TYR C 76 -27.83 27.19 -2.33
N PRO C 77 -28.63 28.09 -2.95
CA PRO C 77 -28.50 29.51 -2.63
C PRO C 77 -28.95 29.80 -1.21
N PHE C 78 -28.33 30.79 -0.57
CA PHE C 78 -28.71 31.16 0.77
C PHE C 78 -29.98 32.04 0.78
N ASP C 79 -30.48 32.36 1.97
CA ASP C 79 -31.87 32.81 2.10
C ASP C 79 -32.05 34.09 2.93
N GLY C 80 -30.96 34.82 3.14
CA GLY C 80 -30.99 35.97 4.03
C GLY C 80 -30.80 35.55 5.48
N PRO C 81 -31.04 36.49 6.41
CA PRO C 81 -30.86 36.19 7.84
C PRO C 81 -31.73 35.02 8.27
N SER C 82 -31.23 34.21 9.20
CA SER C 82 -31.92 33.02 9.72
C SER C 82 -32.16 31.94 8.65
N GLY C 83 -32.77 30.83 9.04
CA GLY C 83 -33.01 29.70 8.15
C GLY C 83 -31.75 28.89 7.92
N LEU C 84 -31.39 28.70 6.66
CA LEU C 84 -30.12 28.04 6.30
C LEU C 84 -28.95 28.91 6.77
N LEU C 85 -28.01 28.28 7.47
CA LEU C 85 -26.89 29.00 8.09
C LEU C 85 -25.61 28.78 7.32
N ALA C 86 -25.40 27.53 6.89
CA ALA C 86 -24.19 27.11 6.21
C ALA C 86 -24.40 25.74 5.59
N HIS C 87 -23.53 25.36 4.67
CA HIS C 87 -23.50 23.97 4.20
C HIS C 87 -22.13 23.55 3.69
N ALA C 88 -21.94 22.24 3.68
CA ALA C 88 -20.71 21.65 3.24
C ALA C 88 -21.05 20.44 2.38
N PHE C 89 -20.17 20.16 1.43
CA PHE C 89 -20.33 18.98 0.57
C PHE C 89 -19.50 17.83 1.15
N PRO C 90 -20.00 16.59 1.03
CA PRO C 90 -19.27 15.41 1.51
C PRO C 90 -17.96 15.17 0.72
N PRO C 91 -17.07 14.30 1.22
CA PRO C 91 -15.77 14.05 0.55
C PRO C 91 -15.90 13.64 -0.91
N GLY C 92 -15.05 14.24 -1.74
CA GLY C 92 -15.17 14.11 -3.18
C GLY C 92 -14.45 15.27 -3.85
N PRO C 93 -14.24 15.18 -5.17
CA PRO C 93 -13.42 16.15 -5.88
C PRO C 93 -14.14 17.48 -6.03
N ASN C 94 -13.39 18.52 -6.41
CA ASN C 94 -13.98 19.79 -6.76
C ASN C 94 -14.73 20.40 -5.57
N TYR C 95 -16.05 20.60 -5.69
CA TYR C 95 -16.90 21.11 -4.62
C TYR C 95 -16.96 20.25 -3.35
N GLY C 96 -16.74 18.94 -3.49
CA GLY C 96 -16.65 18.04 -2.34
C GLY C 96 -15.77 18.54 -1.21
N GLY C 97 -16.29 18.48 0.02
CA GLY C 97 -15.58 18.96 1.19
C GLY C 97 -15.71 20.45 1.49
N ASP C 98 -16.16 21.23 0.51
CA ASP C 98 -16.22 22.69 0.63
C ASP C 98 -17.30 23.10 1.63
N ALA C 99 -17.01 24.14 2.40
CA ALA C 99 -17.94 24.64 3.37
C ALA C 99 -18.27 26.10 3.02
N HIS C 100 -19.55 26.40 2.97
CA HIS C 100 -20.04 27.74 2.63
C HIS C 100 -20.86 28.28 3.79
N PHE C 101 -20.64 29.56 4.13
CA PHE C 101 -21.32 30.19 5.27
C PHE C 101 -22.18 31.39 4.82
N ASP C 102 -23.40 31.42 5.33
CA ASP C 102 -24.33 32.47 4.94
C ASP C 102 -23.96 33.76 5.68
N ASP C 103 -23.38 34.70 4.94
CA ASP C 103 -22.92 35.95 5.54
C ASP C 103 -24.06 36.92 5.80
N ASP C 104 -25.30 36.47 5.62
CA ASP C 104 -26.47 37.19 6.13
C ASP C 104 -26.76 36.88 7.60
N GLU C 105 -26.20 35.79 8.12
CA GLU C 105 -26.14 35.54 9.54
C GLU C 105 -25.17 36.49 10.22
N THR C 106 -25.36 36.72 11.52
CA THR C 106 -24.39 37.45 12.32
C THR C 106 -23.52 36.40 13.01
N TRP C 107 -22.26 36.32 12.56
CA TRP C 107 -21.33 35.31 13.02
C TRP C 107 -20.54 35.83 14.22
N THR C 108 -20.40 34.98 15.24
CA THR C 108 -19.82 35.41 16.50
C THR C 108 -18.84 34.40 17.07
N SER C 109 -18.04 34.89 18.03
CA SER C 109 -17.22 34.05 18.89
C SER C 109 -17.94 33.88 20.23
N SER C 110 -19.21 34.25 20.28
CA SER C 110 -19.96 34.25 21.53
C SER C 110 -21.30 33.52 21.41
N SER C 111 -22.23 33.93 22.28
CA SER C 111 -23.57 33.38 22.39
C SER C 111 -24.60 34.17 21.57
N LYS C 112 -24.16 35.29 21.01
CA LYS C 112 -25.01 36.14 20.17
C LYS C 112 -25.11 35.51 18.79
N GLY C 113 -26.07 35.98 18.00
CA GLY C 113 -26.24 35.49 16.62
C GLY C 113 -25.89 34.02 16.53
N TYR C 114 -24.98 33.68 15.63
CA TYR C 114 -24.55 32.29 15.51
C TYR C 114 -23.06 32.16 15.69
N ASN C 115 -22.67 31.18 16.50
CA ASN C 115 -21.28 30.91 16.80
C ASN C 115 -20.61 30.22 15.61
N LEU C 116 -19.64 30.92 15.01
CA LEU C 116 -18.93 30.42 13.83
C LEU C 116 -18.18 29.11 14.12
N PHE C 117 -17.39 29.07 15.20
CA PHE C 117 -16.70 27.83 15.60
C PHE C 117 -17.66 26.62 15.60
N LEU C 118 -18.85 26.81 16.15
CA LEU C 118 -19.82 25.74 16.33
C LEU C 118 -20.36 25.21 15.00
N VAL C 119 -20.86 26.13 14.17
CA VAL C 119 -21.40 25.77 12.86
C VAL C 119 -20.31 25.21 11.96
N ALA C 120 -19.10 25.81 12.03
CA ALA C 120 -17.94 25.30 11.31
C ALA C 120 -17.62 23.86 11.71
N ALA C 121 -17.54 23.59 13.01
CA ALA C 121 -17.20 22.26 13.50
C ALA C 121 -18.22 21.26 12.99
N HIS C 122 -19.49 21.64 13.01
CA HIS C 122 -20.60 20.84 12.48
C HIS C 122 -20.46 20.65 10.98
N GLU C 123 -20.28 21.73 10.22
CA GLU C 123 -20.13 21.62 8.78
C GLU C 123 -18.95 20.77 8.33
N PHE C 124 -17.86 20.80 9.09
CA PHE C 124 -16.66 20.01 8.77
C PHE C 124 -16.89 18.52 9.06
N GLY C 125 -17.82 18.21 9.96
CA GLY C 125 -18.31 16.85 10.10
C GLY C 125 -18.87 16.34 8.77
N HIS C 126 -19.61 17.21 8.09
CA HIS C 126 -20.17 16.91 6.77
C HIS C 126 -19.07 16.76 5.69
N SER C 127 -18.16 17.74 5.67
CA SER C 127 -16.97 17.70 4.82
C SER C 127 -16.13 16.42 4.92
N LEU C 128 -16.21 15.74 6.07
CA LEU C 128 -15.39 14.56 6.36
C LEU C 128 -16.11 13.21 6.29
N GLY C 129 -17.41 13.24 6.02
CA GLY C 129 -18.16 12.02 5.73
C GLY C 129 -19.35 11.75 6.64
N LEU C 130 -19.60 12.65 7.58
CA LEU C 130 -20.73 12.48 8.51
C LEU C 130 -22.02 13.16 8.05
N ASP C 131 -23.10 12.40 8.10
CA ASP C 131 -24.45 12.95 7.94
C ASP C 131 -24.99 13.34 9.32
N HIS C 132 -26.25 13.78 9.34
CA HIS C 132 -26.91 14.17 10.59
C HIS C 132 -27.15 13.03 11.59
N SER C 133 -26.99 13.38 12.86
CA SER C 133 -27.18 12.44 13.96
C SER C 133 -28.61 12.50 14.48
N LYS C 134 -29.09 11.39 15.02
CA LYS C 134 -30.42 11.36 15.66
C LYS C 134 -30.32 11.54 17.17
N ASP C 135 -29.11 11.71 17.67
CA ASP C 135 -28.86 12.01 19.08
C ASP C 135 -28.88 13.53 19.25
N PRO C 136 -29.82 14.05 20.09
CA PRO C 136 -29.99 15.49 20.29
C PRO C 136 -28.82 16.21 20.96
N GLY C 137 -27.94 15.44 21.60
CA GLY C 137 -26.72 15.97 22.20
C GLY C 137 -25.50 15.99 21.28
N ALA C 138 -25.62 15.35 20.12
CA ALA C 138 -24.50 15.30 19.17
C ALA C 138 -24.27 16.64 18.48
N LEU C 139 -23.02 16.90 18.14
CA LEU C 139 -22.64 18.05 17.27
C LEU C 139 -23.30 17.91 15.90
N MET C 140 -23.46 16.68 15.44
CA MET C 140 -24.06 16.40 14.13
C MET C 140 -25.58 16.28 14.15
N PHE C 141 -26.20 16.68 15.25
CA PHE C 141 -27.64 16.87 15.29
C PHE C 141 -27.95 18.09 14.40
N PRO C 142 -29.03 18.02 13.58
CA PRO C 142 -29.30 19.03 12.53
C PRO C 142 -29.49 20.47 13.01
N ILE C 143 -30.04 20.64 14.22
CA ILE C 143 -30.43 21.96 14.71
C ILE C 143 -29.41 22.60 15.64
N TYR C 144 -28.99 23.81 15.28
CA TYR C 144 -28.07 24.62 16.07
C TYR C 144 -28.46 24.74 17.55
N THR C 145 -27.53 24.33 18.41
CA THR C 145 -27.66 24.51 19.85
C THR C 145 -26.35 25.10 20.40
N TYR C 146 -26.46 26.21 21.11
CA TYR C 146 -25.35 26.75 21.89
C TYR C 146 -25.64 26.38 23.35
N THR C 147 -24.77 25.57 23.97
CA THR C 147 -25.02 25.10 25.34
C THR C 147 -24.28 25.88 26.43
N GLY C 148 -23.65 26.98 26.04
CA GLY C 148 -22.95 27.81 27.00
C GLY C 148 -21.47 27.54 26.92
N LYS C 149 -20.69 28.61 26.79
CA LYS C 149 -19.26 28.56 26.57
C LYS C 149 -18.48 27.84 27.68
N SER C 150 -17.70 26.83 27.28
CA SER C 150 -17.00 25.99 28.23
C SER C 150 -15.80 25.32 27.55
N HIS C 151 -15.23 24.30 28.18
CA HIS C 151 -14.32 23.44 27.44
C HIS C 151 -15.17 22.58 26.51
N PHE C 152 -14.89 22.65 25.22
CA PHE C 152 -15.62 21.84 24.26
C PHE C 152 -15.02 20.44 24.22
N MET C 153 -15.85 19.46 24.53
CA MET C 153 -15.50 18.05 24.38
C MET C 153 -16.46 17.42 23.40
N LEU C 154 -15.92 16.92 22.29
CA LEU C 154 -16.73 16.31 21.23
C LEU C 154 -17.56 15.17 21.83
N PRO C 155 -18.90 15.31 21.74
CA PRO C 155 -19.82 14.27 22.21
C PRO C 155 -19.50 12.88 21.68
N ASP C 156 -19.80 11.86 22.49
CA ASP C 156 -19.50 10.47 22.20
C ASP C 156 -20.00 10.02 20.82
N ASP C 157 -21.20 10.46 20.45
CA ASP C 157 -21.81 10.05 19.18
C ASP C 157 -21.02 10.51 17.97
N ASP C 158 -20.48 11.72 18.05
CA ASP C 158 -19.68 12.29 16.99
C ASP C 158 -18.29 11.66 16.95
N VAL C 159 -17.73 11.41 18.12
CA VAL C 159 -16.44 10.71 18.22
C VAL C 159 -16.55 9.34 17.55
N GLN C 160 -17.63 8.61 17.89
CA GLN C 160 -17.89 7.30 17.32
C GLN C 160 -18.07 7.32 15.80
N GLY C 161 -18.78 8.34 15.30
CA GLY C 161 -19.09 8.48 13.89
C GLY C 161 -17.85 8.72 13.07
N ILE C 162 -17.05 9.69 13.50
CA ILE C 162 -15.84 10.01 12.77
C ILE C 162 -14.79 8.90 12.90
N GLN C 163 -14.83 8.18 14.01
CA GLN C 163 -13.91 7.08 14.22
C GLN C 163 -14.27 5.81 13.41
N SER C 164 -15.54 5.65 13.07
CA SER C 164 -15.97 4.52 12.27
C SER C 164 -15.48 4.66 10.83
N LEU C 165 -15.11 5.88 10.47
CA LEU C 165 -14.58 6.22 9.13
C LEU C 165 -13.05 6.22 9.07
N TYR C 166 -12.40 6.85 10.05
CA TYR C 166 -10.95 7.12 9.98
C TYR C 166 -10.12 6.44 11.06
N GLY C 167 -10.77 5.72 11.97
CA GLY C 167 -10.10 5.18 13.16
C GLY C 167 -9.89 6.24 14.24
N PRO C 168 -9.29 5.85 15.38
CA PRO C 168 -8.88 6.79 16.43
C PRO C 168 -7.51 7.41 16.14
N GLY C 169 -7.21 8.52 16.81
CA GLY C 169 -5.92 9.19 16.67
C GLY C 169 -4.84 8.47 17.45
N ASP C 170 -3.58 8.76 17.14
CA ASP C 170 -2.46 8.17 17.87
C ASP C 170 -2.17 8.95 19.15
N ASN D 5 22.12 -1.18 -23.00
CA ASN D 5 22.36 -0.02 -22.09
C ASN D 5 21.11 0.83 -21.88
N VAL D 6 20.32 0.46 -20.88
CA VAL D 6 18.99 1.05 -20.71
C VAL D 6 19.02 2.37 -19.93
N PHE D 7 17.89 3.06 -19.93
CA PHE D 7 17.76 4.29 -19.15
C PHE D 7 17.83 3.94 -17.67
N PRO D 8 18.36 4.86 -16.84
CA PRO D 8 18.32 4.70 -15.38
C PRO D 8 16.88 4.52 -14.86
N ARG D 9 16.77 3.99 -13.64
CA ARG D 9 15.51 3.47 -13.14
C ARG D 9 14.79 4.42 -12.19
N THR D 10 15.56 5.36 -11.67
CA THR D 10 15.05 6.49 -10.94
C THR D 10 15.66 7.70 -11.60
N LEU D 11 14.95 8.81 -11.56
CA LEU D 11 15.60 10.06 -11.90
C LEU D 11 16.55 10.39 -10.76
N LYS D 12 17.83 10.08 -10.97
CA LYS D 12 18.91 10.50 -10.08
C LYS D 12 20.16 10.81 -10.86
N TRP D 13 21.06 11.54 -10.22
CA TRP D 13 22.35 11.87 -10.82
C TRP D 13 23.24 10.64 -10.77
N SER D 14 23.91 10.40 -11.89
CA SER D 14 24.82 9.26 -12.05
C SER D 14 26.24 9.62 -11.61
N LYS D 15 26.34 10.74 -10.91
CA LYS D 15 27.61 11.26 -10.39
C LYS D 15 27.36 11.99 -9.06
N MET D 16 28.38 12.00 -8.21
CA MET D 16 28.28 12.64 -6.89
C MET D 16 28.66 14.12 -6.93
N ASN D 17 29.60 14.49 -7.80
CA ASN D 17 30.07 15.87 -7.93
C ASN D 17 29.13 16.68 -8.80
N LEU D 18 28.40 17.59 -8.17
CA LEU D 18 27.45 18.45 -8.86
C LEU D 18 27.86 19.89 -8.72
N THR D 19 27.50 20.68 -9.71
CA THR D 19 27.81 22.09 -9.67
C THR D 19 26.50 22.85 -9.70
N TYR D 20 26.54 24.08 -9.20
CA TYR D 20 25.37 24.92 -9.27
C TYR D 20 25.80 26.34 -9.58
N ARG D 21 24.84 27.15 -10.04
CA ARG D 21 25.11 28.53 -10.41
C ARG D 21 23.92 29.42 -10.07
N ILE D 22 24.20 30.47 -9.31
CA ILE D 22 23.23 31.50 -9.02
C ILE D 22 23.29 32.50 -10.16
N VAL D 23 22.38 32.36 -11.10
CA VAL D 23 22.36 33.12 -12.33
C VAL D 23 22.06 34.60 -12.04
N ASN D 24 21.06 34.83 -11.20
CA ASN D 24 20.70 36.17 -10.81
C ASN D 24 20.24 36.20 -9.36
N TYR D 25 19.92 37.40 -8.87
CA TYR D 25 19.64 37.59 -7.45
C TYR D 25 18.32 38.33 -7.24
N THR D 26 17.69 38.05 -6.11
CA THR D 26 16.49 38.75 -5.69
C THR D 26 16.83 40.16 -5.14
N PRO D 27 15.89 41.13 -5.27
CA PRO D 27 16.12 42.46 -4.67
C PRO D 27 15.92 42.47 -3.15
N ASP D 28 15.36 41.38 -2.62
CA ASP D 28 14.85 41.36 -1.24
C ASP D 28 15.92 41.07 -0.20
N MET D 29 17.05 40.54 -0.65
CA MET D 29 18.12 40.15 0.24
C MET D 29 19.44 40.61 -0.37
N THR D 30 20.48 40.72 0.47
CA THR D 30 21.83 41.00 -0.07
C THR D 30 22.37 39.75 -0.73
N HIS D 31 23.30 39.95 -1.65
CA HIS D 31 24.01 38.88 -2.35
C HIS D 31 24.53 37.83 -1.40
N SER D 32 25.13 38.29 -0.29
CA SER D 32 25.69 37.41 0.74
C SER D 32 24.64 36.57 1.47
N GLU D 33 23.51 37.19 1.85
CA GLU D 33 22.33 36.48 2.43
C GLU D 33 21.87 35.32 1.53
N VAL D 34 21.68 35.62 0.25
CA VAL D 34 21.29 34.66 -0.79
C VAL D 34 22.31 33.53 -0.96
N GLU D 35 23.59 33.88 -1.11
CA GLU D 35 24.68 32.88 -1.23
C GLU D 35 24.71 31.93 -0.05
N LYS D 36 24.54 32.50 1.14
CA LYS D 36 24.55 31.76 2.39
C LYS D 36 23.31 30.86 2.52
N ALA D 37 22.16 31.35 2.06
CA ALA D 37 20.90 30.58 2.03
C ALA D 37 21.00 29.37 1.11
N PHE D 38 21.49 29.57 -0.11
CA PHE D 38 21.68 28.47 -1.07
C PHE D 38 22.75 27.50 -0.61
N LYS D 39 23.85 28.03 -0.07
CA LYS D 39 24.93 27.21 0.46
C LYS D 39 24.42 26.28 1.56
N LYS D 40 23.63 26.83 2.47
CA LYS D 40 23.05 26.06 3.56
C LYS D 40 22.05 25.00 3.07
N ALA D 41 21.21 25.39 2.12
CA ALA D 41 20.23 24.47 1.50
C ALA D 41 20.88 23.27 0.81
N PHE D 42 22.01 23.49 0.13
CA PHE D 42 22.77 22.37 -0.42
C PHE D 42 23.39 21.51 0.67
N LYS D 43 23.90 22.19 1.71
CA LYS D 43 24.56 21.51 2.82
C LYS D 43 23.62 20.56 3.58
N VAL D 44 22.32 20.86 3.54
CA VAL D 44 21.30 20.00 4.13
C VAL D 44 21.39 18.59 3.52
N TRP D 45 21.56 18.54 2.20
CA TRP D 45 21.61 17.29 1.46
C TRP D 45 23.01 16.65 1.40
N SER D 46 24.05 17.47 1.35
CA SER D 46 25.40 16.93 1.32
C SER D 46 25.87 16.37 2.68
N ASP D 47 25.33 16.90 3.78
CA ASP D 47 25.66 16.40 5.13
C ASP D 47 25.25 14.94 5.40
N VAL D 48 24.31 14.41 4.60
CA VAL D 48 23.78 13.07 4.82
C VAL D 48 23.92 12.17 3.60
N THR D 49 24.72 12.59 2.64
CA THR D 49 24.98 11.81 1.42
C THR D 49 26.45 11.98 1.02
N PRO D 50 26.93 11.17 0.03
CA PRO D 50 28.25 11.41 -0.57
C PRO D 50 28.25 12.50 -1.66
N LEU D 51 27.13 13.23 -1.82
CA LEU D 51 27.05 14.34 -2.78
C LEU D 51 27.90 15.54 -2.39
N ASN D 52 28.39 16.25 -3.41
CA ASN D 52 29.36 17.34 -3.30
C ASN D 52 28.90 18.44 -4.25
N PHE D 53 28.71 19.64 -3.73
CA PHE D 53 28.21 20.76 -4.52
C PHE D 53 29.26 21.85 -4.67
N THR D 54 29.59 22.19 -5.92
CA THR D 54 30.61 23.18 -6.24
C THR D 54 30.01 24.36 -6.97
N ARG D 55 30.08 25.56 -6.37
CA ARG D 55 29.56 26.77 -7.01
C ARG D 55 30.33 27.16 -8.28
N LEU D 56 29.59 27.42 -9.37
CA LEU D 56 30.12 28.04 -10.58
C LEU D 56 29.63 29.48 -10.69
N HIS D 57 30.55 30.38 -11.06
CA HIS D 57 30.20 31.80 -11.21
C HIS D 57 29.57 32.10 -12.57
N ASP D 58 30.12 31.52 -13.62
CA ASP D 58 29.47 31.57 -14.91
C ASP D 58 29.45 30.17 -15.54
N GLY D 59 29.15 30.13 -16.84
CA GLY D 59 29.05 28.86 -17.56
C GLY D 59 27.77 28.10 -17.27
N ILE D 60 27.80 26.81 -17.59
CA ILE D 60 26.64 25.94 -17.38
C ILE D 60 26.93 24.99 -16.22
N ALA D 61 26.06 25.03 -15.23
CA ALA D 61 26.15 24.11 -14.10
C ALA D 61 25.02 23.09 -14.21
N ASP D 62 25.16 21.96 -13.51
CA ASP D 62 24.09 20.98 -13.44
C ASP D 62 22.83 21.62 -12.89
N ILE D 63 22.97 22.32 -11.78
CA ILE D 63 21.82 22.99 -11.16
C ILE D 63 21.95 24.49 -11.42
N MET D 64 21.04 25.01 -12.23
CA MET D 64 21.06 26.44 -12.58
C MET D 64 19.95 27.13 -11.80
N ILE D 65 20.34 28.12 -10.99
CA ILE D 65 19.39 28.76 -10.05
C ILE D 65 19.08 30.15 -10.56
N SER D 66 17.79 30.48 -10.64
CA SER D 66 17.39 31.80 -11.10
C SER D 66 16.11 32.32 -10.48
N PHE D 67 15.99 33.65 -10.46
CA PHE D 67 14.81 34.33 -9.98
C PHE D 67 14.07 34.95 -11.16
N GLY D 68 12.77 34.74 -11.22
CA GLY D 68 11.98 35.32 -12.32
C GLY D 68 10.54 35.56 -11.92
N ILE D 69 9.79 36.20 -12.80
CA ILE D 69 8.37 36.41 -12.57
C ILE D 69 7.66 36.01 -13.84
N LYS D 70 6.39 35.61 -13.70
CA LYS D 70 5.55 35.25 -14.84
C LYS D 70 6.27 34.27 -15.76
N GLU D 71 6.22 34.54 -17.08
CA GLU D 71 6.97 33.74 -18.05
C GLU D 71 8.44 34.05 -17.88
N HIS D 72 9.24 32.98 -17.76
CA HIS D 72 10.67 33.09 -17.52
C HIS D 72 11.49 32.02 -18.28
N GLY D 73 10.83 31.30 -19.18
CA GLY D 73 11.52 30.40 -20.11
C GLY D 73 11.29 28.91 -19.99
N ASP D 74 10.11 28.54 -19.53
CA ASP D 74 9.69 27.14 -19.50
C ASP D 74 8.15 27.05 -19.55
N PHE D 75 7.61 25.85 -19.32
CA PHE D 75 6.16 25.66 -19.35
C PHE D 75 5.45 25.92 -18.02
N TYR D 76 6.15 26.52 -17.05
CA TYR D 76 5.57 26.72 -15.72
C TYR D 76 5.71 28.18 -15.27
N PRO D 77 4.98 29.10 -15.93
CA PRO D 77 5.06 30.50 -15.58
C PRO D 77 4.63 30.75 -14.14
N PHE D 78 5.30 31.68 -13.47
CA PHE D 78 4.87 32.08 -12.14
C PHE D 78 3.64 32.99 -12.22
N ASP D 79 3.04 33.24 -11.07
CA ASP D 79 1.66 33.70 -10.98
C ASP D 79 1.50 34.97 -10.14
N GLY D 80 2.62 35.65 -9.89
CA GLY D 80 2.60 36.84 -9.04
C GLY D 80 2.69 36.50 -7.57
N PRO D 81 2.42 37.50 -6.69
CA PRO D 81 2.58 37.27 -5.25
C PRO D 81 1.82 36.03 -4.78
N SER D 82 2.39 35.29 -3.84
CA SER D 82 1.78 34.07 -3.29
C SER D 82 1.54 32.97 -4.34
N GLY D 83 0.87 31.89 -3.94
CA GLY D 83 0.58 30.78 -4.85
C GLY D 83 1.82 29.96 -5.07
N LEU D 84 2.15 29.68 -6.33
CA LEU D 84 3.44 29.06 -6.67
C LEU D 84 4.58 29.92 -6.12
N LEU D 85 5.50 29.31 -5.37
CA LEU D 85 6.64 30.03 -4.81
C LEU D 85 7.90 29.81 -5.64
N ALA D 86 8.03 28.60 -6.17
CA ALA D 86 9.26 28.15 -6.83
C ALA D 86 9.08 26.74 -7.39
N HIS D 87 9.98 26.35 -8.28
CA HIS D 87 10.03 24.96 -8.75
C HIS D 87 11.41 24.55 -9.25
N ALA D 88 11.61 23.25 -9.23
CA ALA D 88 12.83 22.65 -9.68
C ALA D 88 12.47 21.46 -10.55
N PHE D 89 13.37 21.13 -11.47
CA PHE D 89 13.22 19.98 -12.33
C PHE D 89 14.01 18.82 -11.75
N PRO D 90 13.50 17.58 -11.91
CA PRO D 90 14.20 16.39 -11.48
C PRO D 90 15.55 16.24 -12.21
N PRO D 91 16.45 15.35 -11.73
CA PRO D 91 17.73 15.18 -12.39
C PRO D 91 17.60 14.86 -13.89
N GLY D 92 18.58 15.29 -14.66
CA GLY D 92 18.58 15.13 -16.11
C GLY D 92 19.28 16.27 -16.82
N PRO D 93 19.39 16.17 -18.16
CA PRO D 93 20.04 17.15 -19.04
C PRO D 93 19.34 18.51 -19.03
N ASN D 94 20.09 19.52 -19.48
CA ASN D 94 19.58 20.89 -19.65
C ASN D 94 18.84 21.48 -18.46
N TYR D 95 17.51 21.59 -18.57
CA TYR D 95 16.66 22.10 -17.49
C TYR D 95 16.59 21.16 -16.26
N GLY D 96 16.95 19.89 -16.45
CA GLY D 96 17.06 18.97 -15.31
C GLY D 96 17.90 19.53 -14.17
N GLY D 97 17.35 19.47 -12.96
CA GLY D 97 18.07 19.96 -11.79
C GLY D 97 17.92 21.45 -11.49
N ASP D 98 17.54 22.22 -12.51
CA ASP D 98 17.41 23.67 -12.40
C ASP D 98 16.34 24.08 -11.39
N ALA D 99 16.56 25.17 -10.67
CA ALA D 99 15.60 25.63 -9.70
C ALA D 99 15.22 27.09 -9.94
N HIS D 100 13.93 27.37 -9.98
CA HIS D 100 13.42 28.69 -10.28
C HIS D 100 12.63 29.19 -9.10
N PHE D 101 12.82 30.46 -8.75
CA PHE D 101 12.16 31.08 -7.60
C PHE D 101 11.37 32.28 -8.07
N ASP D 102 10.14 32.40 -7.57
CA ASP D 102 9.24 33.43 -8.03
C ASP D 102 9.58 34.72 -7.30
N ASP D 103 10.11 35.68 -8.03
CA ASP D 103 10.56 36.91 -7.41
C ASP D 103 9.42 37.90 -7.18
N ASP D 104 8.19 37.45 -7.38
CA ASP D 104 7.03 38.20 -6.90
C ASP D 104 6.72 37.83 -5.43
N GLU D 105 7.48 36.88 -4.90
CA GLU D 105 7.46 36.58 -3.45
C GLU D 105 8.40 37.53 -2.70
N THR D 106 8.15 37.73 -1.40
CA THR D 106 9.13 38.39 -0.55
C THR D 106 10.01 37.32 0.11
N TRP D 107 11.26 37.25 -0.37
CA TRP D 107 12.23 36.28 0.12
C TRP D 107 13.00 36.85 1.32
N THR D 108 13.20 36.01 2.33
CA THR D 108 13.77 36.45 3.59
C THR D 108 14.79 35.48 4.17
N SER D 109 15.53 36.00 5.15
CA SER D 109 16.39 35.21 6.01
C SER D 109 15.62 34.87 7.28
N SER D 110 14.39 35.33 7.37
CA SER D 110 13.61 35.25 8.59
C SER D 110 12.32 34.46 8.43
N SER D 111 11.36 34.79 9.29
CA SER D 111 10.04 34.18 9.36
C SER D 111 9.00 34.99 8.59
N LYS D 112 9.39 36.18 8.14
CA LYS D 112 8.53 37.04 7.33
C LYS D 112 8.53 36.50 5.89
N GLY D 113 7.49 36.81 5.14
CA GLY D 113 7.38 36.35 3.75
C GLY D 113 7.70 34.88 3.65
N TYR D 114 8.57 34.51 2.70
CA TYR D 114 9.02 33.12 2.60
C TYR D 114 10.53 33.04 2.75
N ASN D 115 10.95 32.09 3.57
CA ASN D 115 12.33 31.85 3.87
C ASN D 115 13.01 31.19 2.66
N LEU D 116 13.97 31.90 2.06
CA LEU D 116 14.68 31.42 0.89
C LEU D 116 15.41 30.10 1.16
N PHE D 117 16.14 30.04 2.27
CA PHE D 117 16.84 28.80 2.64
C PHE D 117 15.90 27.58 2.65
N LEU D 118 14.73 27.75 3.26
CA LEU D 118 13.78 26.67 3.46
C LEU D 118 13.17 26.20 2.14
N VAL D 119 12.65 27.14 1.35
CA VAL D 119 12.10 26.85 0.02
C VAL D 119 13.15 26.23 -0.90
N ALA D 120 14.38 26.77 -0.87
CA ALA D 120 15.49 26.24 -1.67
C ALA D 120 15.87 24.80 -1.30
N ALA D 121 15.99 24.53 0.02
CA ALA D 121 16.31 23.19 0.49
C ALA D 121 15.23 22.21 0.01
N HIS D 122 13.98 22.67 0.00
CA HIS D 122 12.87 21.89 -0.54
C HIS D 122 13.03 21.68 -2.05
N GLU D 123 13.22 22.75 -2.82
CA GLU D 123 13.41 22.60 -4.26
C GLU D 123 14.64 21.75 -4.64
N PHE D 124 15.71 21.82 -3.84
CA PHE D 124 16.91 21.07 -4.15
C PHE D 124 16.69 19.57 -3.90
N GLY D 125 15.73 19.24 -3.03
CA GLY D 125 15.29 17.86 -2.89
C GLY D 125 14.77 17.30 -4.21
N HIS D 126 14.01 18.12 -4.93
CA HIS D 126 13.50 17.76 -6.26
C HIS D 126 14.62 17.69 -7.31
N SER D 127 15.50 18.68 -7.29
CA SER D 127 16.67 18.71 -8.16
C SER D 127 17.50 17.42 -8.02
N LEU D 128 17.34 16.73 -6.89
CA LEU D 128 18.15 15.55 -6.58
C LEU D 128 17.39 14.24 -6.71
N GLY D 129 16.10 14.30 -7.02
CA GLY D 129 15.31 13.11 -7.32
C GLY D 129 14.23 12.77 -6.31
N LEU D 130 13.97 13.67 -5.37
CA LEU D 130 12.90 13.48 -4.40
C LEU D 130 11.61 14.15 -4.83
N ASP D 131 10.53 13.38 -4.83
CA ASP D 131 9.22 13.92 -5.05
C ASP D 131 8.62 14.30 -3.68
N HIS D 132 7.37 14.70 -3.65
CA HIS D 132 6.75 15.12 -2.42
C HIS D 132 6.56 14.00 -1.42
N SER D 133 6.71 14.37 -0.14
CA SER D 133 6.47 13.45 0.96
C SER D 133 5.04 13.55 1.45
N LYS D 134 4.55 12.46 2.06
CA LYS D 134 3.22 12.47 2.68
C LYS D 134 3.30 12.60 4.19
N ASP D 135 4.52 12.72 4.70
CA ASP D 135 4.76 12.99 6.11
C ASP D 135 4.73 14.50 6.32
N PRO D 136 3.76 15.01 7.12
CA PRO D 136 3.57 16.45 7.33
C PRO D 136 4.78 17.14 7.97
N GLY D 137 5.63 16.36 8.62
CA GLY D 137 6.82 16.88 9.28
C GLY D 137 8.06 16.96 8.41
N ALA D 138 7.96 16.44 7.18
CA ALA D 138 9.12 16.37 6.28
C ALA D 138 9.35 17.66 5.49
N LEU D 139 10.62 17.96 5.20
CA LEU D 139 10.97 19.04 4.28
C LEU D 139 10.24 18.91 2.94
N MET D 140 10.05 17.68 2.48
CA MET D 140 9.45 17.41 1.16
C MET D 140 7.91 17.37 1.15
N PHE D 141 7.28 17.59 2.30
CA PHE D 141 5.85 17.84 2.34
C PHE D 141 5.56 19.04 1.43
N PRO D 142 4.48 18.99 0.61
CA PRO D 142 4.27 20.00 -0.47
C PRO D 142 4.09 21.46 0.00
N ILE D 143 3.60 21.63 1.22
CA ILE D 143 3.21 22.95 1.74
C ILE D 143 4.25 23.57 2.67
N TYR D 144 4.61 24.82 2.35
CA TYR D 144 5.53 25.62 3.16
C TYR D 144 5.04 25.74 4.59
N THR D 145 5.90 25.31 5.52
CA THR D 145 5.75 25.59 6.95
C THR D 145 7.10 25.96 7.54
N TYR D 146 7.15 27.16 8.11
CA TYR D 146 8.28 27.63 8.89
C TYR D 146 7.99 27.29 10.36
N THR D 147 8.90 26.58 11.04
CA THR D 147 8.62 26.16 12.43
C THR D 147 9.38 26.95 13.52
N GLY D 148 10.12 27.98 13.10
CA GLY D 148 10.93 28.77 14.01
C GLY D 148 12.34 28.23 14.06
N LYS D 149 13.30 29.10 13.68
CA LYS D 149 14.75 28.82 13.76
C LYS D 149 15.26 29.20 15.14
N SER D 150 16.05 28.38 15.85
CA SER D 150 16.36 26.92 15.70
C SER D 150 17.43 26.40 14.72
N HIS D 151 18.19 25.41 15.21
CA HIS D 151 19.11 24.62 14.42
C HIS D 151 18.31 23.72 13.48
N PHE D 152 18.69 23.70 12.20
CA PHE D 152 17.99 22.87 11.24
C PHE D 152 18.51 21.44 11.27
N MET D 153 17.62 20.50 11.57
CA MET D 153 17.99 19.10 11.40
C MET D 153 17.02 18.47 10.43
N LEU D 154 17.56 17.96 9.33
CA LEU D 154 16.78 17.29 8.29
C LEU D 154 15.93 16.17 8.89
N PRO D 155 14.60 16.30 8.80
CA PRO D 155 13.67 15.28 9.27
C PRO D 155 14.00 13.88 8.74
N ASP D 156 13.65 12.86 9.53
CA ASP D 156 14.03 11.46 9.27
C ASP D 156 13.55 10.97 7.90
N ASP D 157 12.35 11.38 7.51
CA ASP D 157 11.76 10.98 6.23
C ASP D 157 12.54 11.49 5.01
N ASP D 158 13.11 12.71 5.12
CA ASP D 158 13.91 13.28 4.03
C ASP D 158 15.29 12.67 4.00
N VAL D 159 15.83 12.34 5.17
CA VAL D 159 17.11 11.62 5.28
C VAL D 159 17.00 10.26 4.59
N GLN D 160 15.95 9.52 4.94
CA GLN D 160 15.70 8.20 4.36
C GLN D 160 15.56 8.26 2.82
N GLY D 161 14.80 9.25 2.36
CA GLY D 161 14.51 9.43 0.95
C GLY D 161 15.75 9.66 0.13
N ILE D 162 16.56 10.62 0.57
CA ILE D 162 17.74 10.99 -0.19
C ILE D 162 18.80 9.90 -0.13
N GLN D 163 18.84 9.17 0.98
CA GLN D 163 19.79 8.07 1.13
C GLN D 163 19.33 6.82 0.39
N SER D 164 18.03 6.70 0.16
CA SER D 164 17.48 5.59 -0.64
C SER D 164 18.03 5.70 -2.05
N LEU D 165 18.40 6.91 -2.43
CA LEU D 165 18.89 7.23 -3.76
C LEU D 165 20.42 7.22 -3.87
N TYR D 166 21.09 7.91 -2.94
CA TYR D 166 22.52 8.15 -3.03
C TYR D 166 23.38 7.46 -1.97
N GLY D 167 22.72 6.80 -1.02
CA GLY D 167 23.40 6.23 0.16
C GLY D 167 23.76 7.28 1.21
N PRO D 168 24.31 6.85 2.36
CA PRO D 168 24.71 7.80 3.41
C PRO D 168 26.09 8.40 3.14
N GLY D 169 26.43 9.47 3.86
CA GLY D 169 27.74 10.12 3.71
C GLY D 169 28.84 9.34 4.40
N ASP D 170 30.10 9.71 4.13
CA ASP D 170 31.23 9.15 4.88
C ASP D 170 31.40 9.95 6.17
N TYR E 4 -25.15 8.30 15.21
CA TYR E 4 -24.52 8.87 13.99
C TYR E 4 -24.96 8.12 12.75
N ASN E 5 -24.85 8.78 11.59
CA ASN E 5 -25.03 8.16 10.27
C ASN E 5 -23.92 8.59 9.32
N VAL E 6 -23.56 7.71 8.42
CA VAL E 6 -22.70 8.05 7.30
C VAL E 6 -23.56 8.36 6.07
N PHE E 7 -22.94 8.39 4.90
CA PHE E 7 -23.68 8.25 3.66
C PHE E 7 -23.51 6.83 3.15
N PRO E 8 -24.60 6.02 3.14
CA PRO E 8 -24.44 4.73 2.51
C PRO E 8 -24.24 4.94 1.02
N ARG E 9 -23.61 3.98 0.37
CA ARG E 9 -23.25 4.19 -1.00
C ARG E 9 -23.89 3.24 -1.95
N THR E 10 -24.14 3.76 -3.14
CA THR E 10 -24.49 2.93 -4.26
C THR E 10 -23.21 2.70 -5.02
N LEU E 11 -22.85 1.43 -5.12
CA LEU E 11 -21.59 1.04 -5.69
C LEU E 11 -21.89 0.18 -6.90
N LYS E 12 -23.15 -0.25 -6.97
CA LYS E 12 -23.66 -1.02 -8.08
C LYS E 12 -25.15 -0.79 -8.25
N TRP E 13 -25.57 -0.74 -9.51
CA TRP E 13 -26.96 -0.64 -9.82
C TRP E 13 -27.69 -1.85 -9.23
N SER E 14 -28.71 -1.58 -8.42
CA SER E 14 -29.44 -2.63 -7.70
C SER E 14 -30.19 -3.54 -8.66
N LYS E 15 -30.20 -3.17 -9.94
CA LYS E 15 -30.98 -3.88 -10.97
C LYS E 15 -30.15 -4.13 -12.23
N MET E 16 -30.64 -4.99 -13.12
CA MET E 16 -29.89 -5.40 -14.32
C MET E 16 -30.50 -4.92 -15.66
N ASN E 17 -31.73 -4.42 -15.65
CA ASN E 17 -32.33 -3.84 -16.85
C ASN E 17 -32.17 -2.30 -16.92
N LEU E 18 -30.93 -1.84 -17.10
CA LEU E 18 -30.62 -0.41 -17.15
C LEU E 18 -31.07 0.27 -18.45
N THR E 19 -31.47 1.53 -18.33
CA THR E 19 -31.87 2.36 -19.47
C THR E 19 -30.90 3.52 -19.71
N TYR E 20 -30.87 4.00 -20.95
CA TYR E 20 -30.10 5.20 -21.28
C TYR E 20 -30.83 6.04 -22.30
N ARG E 21 -30.43 7.31 -22.37
CA ARG E 21 -31.01 8.26 -23.30
C ARG E 21 -29.89 9.14 -23.80
N ILE E 22 -29.81 9.32 -25.11
CA ILE E 22 -28.92 10.28 -25.71
C ILE E 22 -29.76 11.56 -25.81
N VAL E 23 -29.49 12.51 -24.93
CA VAL E 23 -30.32 13.73 -24.84
C VAL E 23 -30.13 14.69 -26.02
N ASN E 24 -28.89 14.78 -26.50
CA ASN E 24 -28.53 15.61 -27.65
C ASN E 24 -27.26 15.06 -28.30
N TYR E 25 -26.90 15.63 -29.46
CA TYR E 25 -25.85 15.10 -30.30
C TYR E 25 -24.73 16.08 -30.59
N THR E 26 -23.55 15.54 -30.86
CA THR E 26 -22.39 16.31 -31.30
C THR E 26 -22.53 16.74 -32.77
N PRO E 27 -21.99 17.92 -33.14
CA PRO E 27 -21.86 18.30 -34.54
C PRO E 27 -20.92 17.40 -35.35
N ASP E 28 -20.04 16.67 -34.66
CA ASP E 28 -18.88 16.03 -35.30
C ASP E 28 -19.16 14.71 -36.01
N MET E 29 -20.34 14.15 -35.80
CA MET E 29 -20.67 12.84 -36.31
C MET E 29 -22.16 12.81 -36.58
N THR E 30 -22.60 11.85 -37.40
CA THR E 30 -24.01 11.68 -37.68
C THR E 30 -24.65 11.02 -36.47
N HIS E 31 -25.97 11.20 -36.34
CA HIS E 31 -26.75 10.56 -35.30
C HIS E 31 -26.46 9.06 -35.22
N SER E 32 -26.47 8.41 -36.38
CA SER E 32 -26.20 6.98 -36.53
C SER E 32 -24.80 6.59 -36.04
N GLU E 33 -23.78 7.39 -36.38
CA GLU E 33 -22.42 7.19 -35.90
C GLU E 33 -22.32 7.29 -34.37
N VAL E 34 -22.95 8.31 -33.81
CA VAL E 34 -23.04 8.50 -32.35
C VAL E 34 -23.75 7.34 -31.63
N GLU E 35 -24.91 6.95 -32.13
CA GLU E 35 -25.71 5.82 -31.60
C GLU E 35 -24.97 4.49 -31.64
N LYS E 36 -24.26 4.24 -32.75
CA LYS E 36 -23.43 3.05 -32.91
C LYS E 36 -22.30 3.03 -31.90
N ALA E 37 -21.69 4.19 -31.64
CA ALA E 37 -20.62 4.33 -30.63
C ALA E 37 -21.08 4.07 -29.20
N PHE E 38 -22.21 4.66 -28.80
CA PHE E 38 -22.78 4.43 -27.47
C PHE E 38 -23.23 2.97 -27.29
N LYS E 39 -23.91 2.42 -28.29
CA LYS E 39 -24.30 1.00 -28.30
C LYS E 39 -23.13 0.04 -28.12
N LYS E 40 -21.99 0.33 -28.76
CA LYS E 40 -20.81 -0.52 -28.64
C LYS E 40 -20.14 -0.35 -27.29
N ALA E 41 -20.13 0.88 -26.79
CA ALA E 41 -19.64 1.21 -25.45
C ALA E 41 -20.42 0.49 -24.33
N PHE E 42 -21.72 0.31 -24.53
CA PHE E 42 -22.53 -0.51 -23.63
C PHE E 42 -22.32 -2.02 -23.83
N LYS E 43 -22.11 -2.43 -25.09
CA LYS E 43 -21.90 -3.85 -25.41
C LYS E 43 -20.63 -4.40 -24.75
N VAL E 44 -19.58 -3.58 -24.70
CA VAL E 44 -18.34 -3.94 -24.04
C VAL E 44 -18.63 -4.52 -22.65
N TRP E 45 -19.34 -3.75 -21.82
CA TRP E 45 -19.65 -4.13 -20.45
C TRP E 45 -20.73 -5.19 -20.30
N SER E 46 -21.73 -5.15 -21.16
CA SER E 46 -22.89 -6.03 -21.02
C SER E 46 -22.67 -7.43 -21.61
N ASP E 47 -21.54 -7.59 -22.31
CA ASP E 47 -21.08 -8.89 -22.81
C ASP E 47 -20.40 -9.69 -21.71
N VAL E 48 -19.69 -8.98 -20.82
CA VAL E 48 -18.94 -9.62 -19.74
C VAL E 48 -19.63 -9.55 -18.36
N THR E 49 -20.94 -9.28 -18.34
CA THR E 49 -21.73 -9.14 -17.11
C THR E 49 -23.19 -9.56 -17.39
N PRO E 50 -24.01 -9.70 -16.32
CA PRO E 50 -25.46 -9.89 -16.52
C PRO E 50 -26.23 -8.61 -16.87
N LEU E 51 -25.55 -7.45 -16.86
CA LEU E 51 -26.12 -6.13 -17.18
C LEU E 51 -26.71 -6.05 -18.58
N ASN E 52 -27.74 -5.24 -18.72
CA ASN E 52 -28.47 -5.08 -19.98
C ASN E 52 -28.81 -3.60 -20.15
N PHE E 53 -28.79 -3.10 -21.38
CA PHE E 53 -29.01 -1.67 -21.61
C PHE E 53 -30.06 -1.39 -22.67
N THR E 54 -31.09 -0.65 -22.26
CA THR E 54 -32.23 -0.35 -23.12
C THR E 54 -32.28 1.15 -23.37
N ARG E 55 -32.40 1.55 -24.63
CA ARG E 55 -32.41 2.96 -25.00
C ARG E 55 -33.81 3.56 -25.05
N LEU E 56 -33.95 4.69 -24.36
CA LEU E 56 -35.18 5.50 -24.35
C LEU E 56 -34.97 6.78 -25.16
N HIS E 57 -35.96 7.15 -25.97
CA HIS E 57 -35.90 8.38 -26.76
C HIS E 57 -36.42 9.57 -25.98
N ASP E 58 -37.33 9.30 -25.05
CA ASP E 58 -38.00 10.31 -24.25
C ASP E 58 -37.94 9.96 -22.76
N GLY E 59 -38.15 10.95 -21.91
CA GLY E 59 -38.27 10.72 -20.47
C GLY E 59 -36.98 10.56 -19.70
N ILE E 60 -37.11 10.15 -18.44
CA ILE E 60 -35.96 9.98 -17.57
C ILE E 60 -35.43 8.54 -17.64
N ALA E 61 -34.12 8.39 -17.87
CA ALA E 61 -33.46 7.09 -17.89
C ALA E 61 -32.37 7.03 -16.83
N ASP E 62 -31.89 5.83 -16.51
CA ASP E 62 -30.84 5.67 -15.50
C ASP E 62 -29.61 6.41 -15.92
N ILE E 63 -29.24 6.24 -17.19
CA ILE E 63 -28.04 6.84 -17.73
C ILE E 63 -28.38 7.91 -18.78
N MET E 64 -28.33 9.17 -18.37
CA MET E 64 -28.57 10.30 -19.27
C MET E 64 -27.26 10.76 -19.93
N ILE E 65 -27.21 10.65 -21.27
CA ILE E 65 -26.02 11.04 -22.05
C ILE E 65 -26.23 12.40 -22.72
N SER E 66 -25.25 13.28 -22.63
CA SER E 66 -25.39 14.60 -23.25
C SER E 66 -24.04 15.18 -23.66
N PHE E 67 -24.08 16.14 -24.59
CA PHE E 67 -22.92 16.86 -25.05
C PHE E 67 -23.06 18.33 -24.63
N GLY E 68 -22.06 18.84 -23.94
CA GLY E 68 -22.05 20.25 -23.54
C GLY E 68 -20.67 20.88 -23.59
N ILE E 69 -20.65 22.22 -23.50
CA ILE E 69 -19.42 22.96 -23.36
C ILE E 69 -19.42 23.74 -22.05
N LYS E 70 -18.23 23.99 -21.51
CA LYS E 70 -18.03 24.87 -20.37
C LYS E 70 -18.96 24.52 -19.21
N GLU E 71 -19.56 25.53 -18.59
CA GLU E 71 -20.58 25.33 -17.58
C GLU E 71 -21.85 24.83 -18.28
N HIS E 72 -22.29 23.63 -17.92
CA HIS E 72 -23.39 22.95 -18.61
C HIS E 72 -24.40 22.36 -17.62
N GLY E 73 -24.47 22.95 -16.42
CA GLY E 73 -25.53 22.62 -15.45
C GLY E 73 -25.25 21.64 -14.31
N ASP E 74 -23.99 21.37 -14.01
CA ASP E 74 -23.66 20.51 -12.84
C ASP E 74 -22.56 21.05 -11.93
N PHE E 75 -22.00 22.20 -12.28
CA PHE E 75 -20.90 22.85 -11.55
C PHE E 75 -19.56 22.12 -11.58
N TYR E 76 -19.48 21.12 -12.45
CA TYR E 76 -18.19 20.59 -12.91
C TYR E 76 -18.11 21.01 -14.36
N PRO E 77 -17.62 22.24 -14.63
CA PRO E 77 -17.58 22.73 -16.00
C PRO E 77 -16.47 22.12 -16.84
N PHE E 78 -16.67 22.08 -18.16
CA PHE E 78 -15.62 21.68 -19.07
C PHE E 78 -14.68 22.85 -19.39
N ASP E 79 -13.65 22.60 -20.19
CA ASP E 79 -12.51 23.50 -20.28
C ASP E 79 -12.02 23.84 -21.68
N GLY E 80 -12.92 23.76 -22.67
CA GLY E 80 -12.54 23.97 -24.05
C GLY E 80 -11.77 22.78 -24.60
N PRO E 81 -11.13 22.94 -25.78
CA PRO E 81 -10.41 21.84 -26.42
C PRO E 81 -9.32 21.25 -25.52
N SER E 82 -9.09 19.94 -25.65
CA SER E 82 -8.15 19.16 -24.81
C SER E 82 -8.56 19.20 -23.35
N GLY E 83 -7.72 18.69 -22.44
CA GLY E 83 -8.01 18.67 -21.01
C GLY E 83 -9.06 17.64 -20.62
N LEU E 84 -10.08 18.07 -19.85
CA LEU E 84 -11.21 17.20 -19.52
C LEU E 84 -11.96 16.83 -20.80
N LEU E 85 -12.21 15.54 -20.99
CA LEU E 85 -12.83 15.06 -22.24
C LEU E 85 -14.27 14.71 -22.04
N ALA E 86 -14.58 14.26 -20.83
CA ALA E 86 -15.92 13.83 -20.48
C ALA E 86 -15.95 13.65 -18.97
N HIS E 87 -17.13 13.37 -18.43
CA HIS E 87 -17.26 12.82 -17.08
C HIS E 87 -18.58 12.13 -16.88
N ALA E 88 -18.58 11.17 -15.97
CA ALA E 88 -19.80 10.45 -15.62
C ALA E 88 -19.90 10.39 -14.11
N PHE E 89 -21.11 10.14 -13.63
CA PHE E 89 -21.38 10.04 -12.21
C PHE E 89 -21.54 8.57 -11.81
N PRO E 90 -21.08 8.19 -10.61
CA PRO E 90 -21.24 6.83 -10.10
C PRO E 90 -22.72 6.47 -9.99
N PRO E 91 -23.05 5.18 -9.78
CA PRO E 91 -24.43 4.66 -9.69
C PRO E 91 -25.36 5.37 -8.69
N GLY E 92 -26.67 5.35 -8.96
CA GLY E 92 -27.64 5.91 -8.02
C GLY E 92 -28.90 6.56 -8.58
N PRO E 93 -29.57 7.38 -7.74
CA PRO E 93 -30.70 8.21 -8.17
C PRO E 93 -30.29 9.52 -8.86
N ASN E 94 -31.21 10.10 -9.63
CA ASN E 94 -31.06 11.42 -10.28
C ASN E 94 -29.90 11.53 -11.26
N TYR E 95 -28.85 12.23 -10.82
CA TYR E 95 -27.65 12.52 -11.62
C TYR E 95 -26.73 11.30 -11.69
N GLY E 96 -27.03 10.29 -10.89
CA GLY E 96 -26.27 9.06 -10.84
C GLY E 96 -26.31 8.28 -12.14
N GLY E 97 -25.11 7.94 -12.65
CA GLY E 97 -24.98 7.20 -13.90
C GLY E 97 -24.80 8.05 -15.15
N ASP E 98 -25.26 9.31 -15.09
CA ASP E 98 -25.19 10.24 -16.24
C ASP E 98 -23.76 10.43 -16.74
N ALA E 99 -23.64 10.67 -18.06
CA ALA E 99 -22.35 10.86 -18.71
C ALA E 99 -22.40 12.09 -19.60
N HIS E 100 -21.44 13.00 -19.43
CA HIS E 100 -21.41 14.22 -20.23
C HIS E 100 -20.12 14.30 -21.01
N PHE E 101 -20.22 14.63 -22.30
CA PHE E 101 -19.05 14.71 -23.16
C PHE E 101 -18.78 16.16 -23.53
N ASP E 102 -17.53 16.57 -23.40
CA ASP E 102 -17.13 17.92 -23.79
C ASP E 102 -17.26 18.10 -25.29
N ASP E 103 -18.23 18.91 -25.71
CA ASP E 103 -18.44 19.11 -27.14
C ASP E 103 -17.48 20.15 -27.74
N ASP E 104 -16.48 20.54 -26.96
CA ASP E 104 -15.34 21.33 -27.47
C ASP E 104 -14.19 20.45 -27.96
N GLU E 105 -14.37 19.13 -27.90
CA GLU E 105 -13.48 18.18 -28.58
C GLU E 105 -14.11 17.79 -29.90
N THR E 106 -13.26 17.41 -30.86
CA THR E 106 -13.70 16.77 -32.09
C THR E 106 -13.88 15.27 -31.84
N TRP E 107 -15.14 14.83 -31.76
CA TRP E 107 -15.48 13.41 -31.59
C TRP E 107 -15.49 12.70 -32.93
N THR E 108 -14.86 11.52 -32.99
CA THR E 108 -14.74 10.79 -34.24
C THR E 108 -15.03 9.30 -34.10
N SER E 109 -15.11 8.62 -35.24
CA SER E 109 -15.15 7.16 -35.26
C SER E 109 -13.81 6.56 -35.69
N SER E 110 -12.72 7.28 -35.37
CA SER E 110 -11.36 6.88 -35.77
C SER E 110 -10.31 7.47 -34.84
N SER E 111 -9.06 7.61 -35.32
CA SER E 111 -7.93 8.15 -34.52
C SER E 111 -7.88 9.67 -34.41
N LYS E 112 -8.48 10.37 -35.37
CA LYS E 112 -8.64 11.83 -35.34
C LYS E 112 -9.38 12.32 -34.10
N GLY E 113 -8.92 13.43 -33.52
CA GLY E 113 -9.54 14.00 -32.33
C GLY E 113 -9.57 12.97 -31.22
N TYR E 114 -10.77 12.74 -30.67
CA TYR E 114 -10.98 11.68 -29.66
C TYR E 114 -12.08 10.74 -30.11
N ASN E 115 -11.90 9.45 -29.84
CA ASN E 115 -12.81 8.41 -30.32
C ASN E 115 -13.97 8.25 -29.35
N LEU E 116 -15.17 8.59 -29.82
CA LEU E 116 -16.35 8.61 -28.96
C LEU E 116 -16.68 7.26 -28.31
N PHE E 117 -16.60 6.17 -29.08
CA PHE E 117 -16.76 4.84 -28.51
C PHE E 117 -15.83 4.63 -27.29
N LEU E 118 -14.54 4.87 -27.49
CA LEU E 118 -13.48 4.69 -26.50
C LEU E 118 -13.73 5.48 -25.21
N VAL E 119 -14.00 6.78 -25.36
CA VAL E 119 -14.21 7.63 -24.19
C VAL E 119 -15.52 7.25 -23.49
N ALA E 120 -16.57 7.02 -24.28
CA ALA E 120 -17.85 6.55 -23.76
C ALA E 120 -17.72 5.23 -23.00
N ALA E 121 -17.03 4.25 -23.58
CA ALA E 121 -16.80 2.93 -22.97
C ALA E 121 -16.17 3.07 -21.61
N HIS E 122 -15.19 3.99 -21.54
CA HIS E 122 -14.51 4.37 -20.30
C HIS E 122 -15.42 5.06 -19.27
N GLU E 123 -16.14 6.11 -19.71
CA GLU E 123 -17.07 6.83 -18.83
C GLU E 123 -18.16 5.91 -18.29
N PHE E 124 -18.67 5.02 -19.15
CA PHE E 124 -19.70 4.07 -18.70
C PHE E 124 -19.17 3.13 -17.61
N GLY E 125 -17.87 2.85 -17.65
CA GLY E 125 -17.19 2.16 -16.55
C GLY E 125 -17.47 2.84 -15.23
N HIS E 126 -17.31 4.16 -15.17
CA HIS E 126 -17.68 4.93 -13.97
C HIS E 126 -19.18 4.80 -13.63
N SER E 127 -20.04 5.02 -14.61
CA SER E 127 -21.49 4.92 -14.43
C SER E 127 -21.96 3.61 -13.79
N LEU E 128 -21.13 2.56 -13.87
CA LEU E 128 -21.54 1.22 -13.44
C LEU E 128 -20.92 0.80 -12.10
N GLY E 129 -19.85 1.46 -11.69
CA GLY E 129 -19.32 1.26 -10.36
C GLY E 129 -17.82 1.37 -10.29
N LEU E 130 -17.20 1.55 -11.45
CA LEU E 130 -15.76 1.46 -11.56
C LEU E 130 -15.09 2.80 -11.37
N ASP E 131 -13.86 2.75 -10.88
CA ASP E 131 -13.02 3.93 -10.71
C ASP E 131 -11.78 3.66 -11.54
N HIS E 132 -10.84 4.60 -11.55
CA HIS E 132 -9.65 4.48 -12.38
C HIS E 132 -8.81 3.26 -12.06
N SER E 133 -8.04 2.81 -13.05
CA SER E 133 -7.14 1.67 -12.92
C SER E 133 -5.70 2.15 -12.95
N LYS E 134 -4.83 1.41 -12.28
CA LYS E 134 -3.41 1.74 -12.19
C LYS E 134 -2.63 1.16 -13.39
N ASP E 135 -3.13 0.03 -13.90
CA ASP E 135 -2.63 -0.64 -15.13
C ASP E 135 -2.77 0.24 -16.37
N PRO E 136 -1.63 0.60 -17.01
CA PRO E 136 -1.57 1.44 -18.21
C PRO E 136 -2.29 0.94 -19.47
N GLY E 137 -2.74 -0.31 -19.46
CA GLY E 137 -3.37 -0.91 -20.65
C GLY E 137 -4.86 -1.11 -20.43
N ALA E 138 -5.31 -0.76 -19.22
CA ALA E 138 -6.73 -0.87 -18.87
C ALA E 138 -7.54 0.20 -19.59
N LEU E 139 -8.78 -0.14 -19.95
CA LEU E 139 -9.73 0.84 -20.48
C LEU E 139 -10.05 1.86 -19.40
N MET E 140 -10.00 1.41 -18.14
CA MET E 140 -10.34 2.26 -17.01
C MET E 140 -9.15 3.04 -16.46
N PHE E 141 -8.05 3.04 -17.20
CA PHE E 141 -6.92 3.91 -16.92
C PHE E 141 -7.43 5.36 -17.10
N PRO E 142 -6.97 6.30 -16.24
CA PRO E 142 -7.33 7.73 -16.35
C PRO E 142 -6.96 8.44 -17.67
N ILE E 143 -5.98 7.90 -18.41
CA ILE E 143 -5.42 8.59 -19.57
C ILE E 143 -5.83 7.95 -20.89
N TYR E 144 -6.31 8.78 -21.82
CA TYR E 144 -6.72 8.35 -23.18
C TYR E 144 -5.54 7.96 -24.05
N THR E 145 -5.59 6.74 -24.60
CA THR E 145 -4.61 6.30 -25.61
C THR E 145 -5.31 5.52 -26.71
N TYR E 146 -5.10 5.91 -27.97
CA TYR E 146 -5.67 5.16 -29.08
C TYR E 146 -4.63 4.21 -29.70
N THR E 147 -4.85 2.91 -29.49
CA THR E 147 -3.90 1.88 -29.90
C THR E 147 -4.24 1.34 -31.29
N GLY E 148 -3.34 0.54 -31.87
CA GLY E 148 -3.50 0.00 -33.22
C GLY E 148 -4.60 -1.06 -33.36
N PHE E 152 -11.55 -4.30 -31.01
CA PHE E 152 -11.55 -3.98 -29.58
C PHE E 152 -11.98 -5.17 -28.70
N MET E 153 -11.02 -5.67 -27.92
CA MET E 153 -11.32 -6.62 -26.85
C MET E 153 -11.06 -5.92 -25.53
N LEU E 154 -12.05 -5.98 -24.64
CA LEU E 154 -11.98 -5.37 -23.32
C LEU E 154 -10.84 -5.98 -22.50
N PRO E 155 -9.90 -5.13 -22.04
CA PRO E 155 -8.75 -5.63 -21.30
C PRO E 155 -9.14 -6.40 -20.04
N ASP E 156 -8.39 -7.47 -19.77
CA ASP E 156 -8.66 -8.38 -18.64
C ASP E 156 -8.80 -7.66 -17.31
N ASP E 157 -8.10 -6.53 -17.14
CA ASP E 157 -8.18 -5.75 -15.90
C ASP E 157 -9.56 -5.14 -15.67
N ASP E 158 -10.26 -4.85 -16.76
CA ASP E 158 -11.58 -4.23 -16.74
C ASP E 158 -12.66 -5.27 -16.59
N VAL E 159 -12.40 -6.45 -17.16
CA VAL E 159 -13.28 -7.59 -16.97
C VAL E 159 -13.26 -8.04 -15.50
N GLN E 160 -12.11 -7.91 -14.84
CA GLN E 160 -12.04 -8.14 -13.39
C GLN E 160 -12.91 -7.08 -12.72
N GLY E 161 -12.42 -5.84 -12.74
CA GLY E 161 -13.16 -4.66 -12.25
C GLY E 161 -14.67 -4.80 -12.16
N ILE E 162 -15.28 -5.21 -13.28
CA ILE E 162 -16.75 -5.15 -13.44
C ILE E 162 -17.44 -6.49 -13.12
N GLN E 163 -16.75 -7.59 -13.39
CA GLN E 163 -17.24 -8.90 -12.97
C GLN E 163 -17.22 -9.04 -11.45
N SER E 164 -16.47 -8.14 -10.80
CA SER E 164 -16.37 -8.09 -9.34
C SER E 164 -17.48 -7.29 -8.65
N LEU E 165 -18.38 -6.70 -9.46
CA LEU E 165 -19.55 -6.02 -8.92
C LEU E 165 -20.82 -6.73 -9.35
N TYR E 166 -20.86 -7.18 -10.61
CA TYR E 166 -22.11 -7.70 -11.16
C TYR E 166 -22.11 -9.20 -11.39
N GLY E 167 -20.93 -9.80 -11.38
CA GLY E 167 -20.82 -11.24 -11.69
C GLY E 167 -20.59 -11.48 -13.17
N PRO E 168 -20.23 -12.74 -13.54
CA PRO E 168 -19.82 -13.04 -14.91
C PRO E 168 -20.89 -12.75 -15.95
N GLY E 169 -22.09 -13.32 -15.77
CA GLY E 169 -23.20 -13.16 -16.70
C GLY E 169 -22.83 -13.53 -18.12
N ASP E 170 -23.12 -14.76 -18.55
CA ASP E 170 -23.92 -15.73 -17.82
C ASP E 170 -23.06 -16.63 -16.92
N TYR F 4 8.41 9.13 2.25
CA TYR F 4 8.96 9.80 1.04
C TYR F 4 8.51 9.06 -0.22
N ASN F 5 8.74 9.68 -1.38
CA ASN F 5 8.57 9.06 -2.70
C ASN F 5 9.64 9.55 -3.66
N VAL F 6 10.04 8.68 -4.59
CA VAL F 6 10.90 9.06 -5.69
C VAL F 6 10.00 9.28 -6.90
N PHE F 7 10.62 9.35 -8.08
CA PHE F 7 9.89 9.18 -9.32
C PHE F 7 10.10 7.75 -9.81
N PRO F 8 9.01 6.95 -9.85
CA PRO F 8 9.22 5.66 -10.50
C PRO F 8 9.35 5.94 -11.99
N ARG F 9 10.12 5.12 -12.67
CA ARG F 9 10.35 5.36 -14.07
C ARG F 9 9.89 4.21 -14.91
N THR F 10 9.64 4.53 -16.18
CA THR F 10 9.36 3.53 -17.16
C THR F 10 10.55 3.53 -18.07
N LEU F 11 11.18 2.37 -18.21
CA LEU F 11 12.32 2.23 -19.09
C LEU F 11 11.93 1.13 -20.07
N LYS F 12 10.62 1.06 -20.31
CA LYS F 12 10.00 -0.03 -21.07
C LYS F 12 8.52 0.27 -21.28
N TRP F 13 8.11 0.33 -22.54
CA TRP F 13 6.71 0.38 -22.89
C TRP F 13 6.02 -0.88 -22.35
N SER F 14 5.12 -0.68 -21.38
CA SER F 14 4.42 -1.74 -20.68
C SER F 14 3.53 -2.59 -21.59
N LYS F 15 3.37 -2.15 -22.84
CA LYS F 15 2.61 -2.89 -23.88
C LYS F 15 3.51 -3.24 -25.07
N MET F 16 2.97 -3.98 -26.05
CA MET F 16 3.73 -4.44 -27.21
C MET F 16 3.21 -3.93 -28.58
N ASN F 17 2.00 -3.39 -28.64
CA ASN F 17 1.44 -2.83 -29.88
C ASN F 17 1.54 -1.29 -29.97
N LEU F 18 2.74 -0.78 -30.28
CA LEU F 18 2.99 0.68 -30.24
C LEU F 18 2.55 1.40 -31.51
N THR F 19 2.09 2.64 -31.35
CA THR F 19 1.67 3.49 -32.47
C THR F 19 2.64 4.66 -32.68
N TYR F 20 2.75 5.09 -33.93
CA TYR F 20 3.52 6.28 -34.27
C TYR F 20 2.77 7.06 -35.31
N ARG F 21 3.10 8.34 -35.41
CA ARG F 21 2.46 9.26 -36.31
C ARG F 21 3.55 10.15 -36.85
N ILE F 22 3.50 10.41 -38.15
CA ILE F 22 4.43 11.36 -38.75
C ILE F 22 3.64 12.65 -38.83
N VAL F 23 3.99 13.60 -37.97
CA VAL F 23 3.23 14.83 -37.82
C VAL F 23 3.43 15.74 -39.01
N ASN F 24 4.68 15.87 -39.47
CA ASN F 24 5.02 16.70 -40.60
C ASN F 24 6.23 16.08 -41.29
N TYR F 25 6.69 16.70 -42.38
CA TYR F 25 7.73 16.13 -43.24
C TYR F 25 8.88 17.11 -43.57
N THR F 26 10.07 16.54 -43.79
CA THR F 26 11.20 17.32 -44.27
C THR F 26 11.05 17.72 -45.76
N PRO F 27 11.53 18.92 -46.14
CA PRO F 27 11.63 19.31 -47.55
C PRO F 27 12.54 18.42 -48.41
N ASP F 28 13.52 17.77 -47.79
CA ASP F 28 14.65 17.13 -48.52
C ASP F 28 14.37 15.78 -49.15
N MET F 29 13.21 15.18 -48.85
CA MET F 29 12.90 13.84 -49.29
C MET F 29 11.43 13.78 -49.61
N THR F 30 11.00 12.79 -50.38
CA THR F 30 9.57 12.60 -50.66
C THR F 30 8.86 12.03 -49.42
N HIS F 31 7.54 12.22 -49.33
CA HIS F 31 6.75 11.56 -48.29
C HIS F 31 7.06 10.07 -48.24
N SER F 32 7.08 9.43 -49.42
CA SER F 32 7.33 8.00 -49.57
C SER F 32 8.70 7.57 -49.01
N GLU F 33 9.74 8.33 -49.32
CA GLU F 33 11.09 8.05 -48.82
C GLU F 33 11.18 8.21 -47.30
N VAL F 34 10.50 9.23 -46.78
CA VAL F 34 10.43 9.49 -45.34
C VAL F 34 9.73 8.34 -44.59
N GLU F 35 8.50 8.02 -45.00
CA GLU F 35 7.76 6.86 -44.46
C GLU F 35 8.57 5.56 -44.56
N LYS F 36 9.22 5.33 -45.70
CA LYS F 36 10.08 4.14 -45.86
C LYS F 36 11.27 4.14 -44.89
N ALA F 37 11.90 5.30 -44.69
CA ALA F 37 12.99 5.46 -43.72
C ALA F 37 12.54 5.16 -42.29
N PHE F 38 11.38 5.69 -41.91
CA PHE F 38 10.81 5.42 -40.58
C PHE F 38 10.38 3.97 -40.39
N LYS F 39 9.72 3.37 -41.39
CA LYS F 39 9.38 1.95 -41.38
C LYS F 39 10.57 1.05 -41.10
N LYS F 40 11.66 1.28 -41.81
CA LYS F 40 12.85 0.47 -41.65
C LYS F 40 13.48 0.67 -40.27
N ALA F 41 13.40 1.89 -39.76
CA ALA F 41 13.94 2.23 -38.45
C ALA F 41 13.19 1.52 -37.32
N PHE F 42 11.86 1.41 -37.47
CA PHE F 42 11.05 0.58 -36.59
C PHE F 42 11.26 -0.93 -36.81
N LYS F 43 11.46 -1.36 -38.06
CA LYS F 43 11.64 -2.79 -38.37
C LYS F 43 12.89 -3.36 -37.71
N VAL F 44 13.90 -2.51 -37.58
CA VAL F 44 15.18 -2.85 -36.99
C VAL F 44 15.02 -3.28 -35.53
N TRP F 45 14.12 -2.61 -34.83
CA TRP F 45 13.88 -2.90 -33.43
C TRP F 45 12.85 -4.01 -33.27
N SER F 46 11.82 -3.98 -34.09
CA SER F 46 10.75 -4.97 -33.97
C SER F 46 11.08 -6.33 -34.60
N ASP F 47 12.25 -6.46 -35.22
CA ASP F 47 12.72 -7.73 -35.80
C ASP F 47 13.42 -8.62 -34.75
N VAL F 48 13.95 -8.00 -33.71
CA VAL F 48 14.66 -8.71 -32.65
C VAL F 48 13.88 -8.75 -31.31
N THR F 49 12.73 -8.09 -31.25
CA THR F 49 11.88 -8.04 -30.07
C THR F 49 10.45 -8.43 -30.43
N PRO F 50 9.58 -8.67 -29.40
CA PRO F 50 8.14 -8.88 -29.62
C PRO F 50 7.37 -7.58 -29.92
N LEU F 51 8.07 -6.45 -29.95
CA LEU F 51 7.50 -5.12 -30.23
C LEU F 51 6.86 -5.02 -31.61
N ASN F 52 5.71 -4.38 -31.64
CA ASN F 52 4.91 -4.20 -32.84
C ASN F 52 4.71 -2.69 -33.03
N PHE F 53 4.66 -2.22 -34.27
CA PHE F 53 4.50 -0.78 -34.52
C PHE F 53 3.41 -0.49 -35.54
N THR F 54 2.51 0.41 -35.18
CA THR F 54 1.37 0.75 -36.04
C THR F 54 1.34 2.26 -36.33
N ARG F 55 1.27 2.61 -37.61
CA ARG F 55 1.23 4.01 -38.01
C ARG F 55 -0.17 4.60 -38.00
N LEU F 56 -0.35 5.65 -37.19
CA LEU F 56 -1.58 6.47 -37.22
C LEU F 56 -1.38 7.71 -38.08
N HIS F 57 -2.42 8.13 -38.78
CA HIS F 57 -2.37 9.31 -39.66
C HIS F 57 -2.81 10.61 -39.01
N ASP F 58 -3.76 10.51 -38.08
CA ASP F 58 -4.12 11.64 -37.21
C ASP F 58 -4.25 11.17 -35.76
N GLY F 59 -4.50 12.10 -34.86
CA GLY F 59 -4.63 11.80 -33.43
C GLY F 59 -3.31 11.64 -32.72
N ILE F 60 -3.36 11.20 -31.46
CA ILE F 60 -2.16 11.04 -30.66
C ILE F 60 -1.68 9.57 -30.73
N ALA F 61 -0.39 9.42 -30.97
CA ALA F 61 0.24 8.10 -30.99
C ALA F 61 1.25 8.06 -29.86
N ASP F 62 1.69 6.86 -29.50
CA ASP F 62 2.75 6.69 -28.50
C ASP F 62 3.97 7.48 -28.91
N ILE F 63 4.44 7.25 -30.14
CA ILE F 63 5.63 7.91 -30.68
C ILE F 63 5.26 8.98 -31.71
N MET F 64 5.26 10.24 -31.30
CA MET F 64 4.93 11.34 -32.19
C MET F 64 6.19 11.81 -32.91
N ILE F 65 6.21 11.73 -34.23
CA ILE F 65 7.42 12.05 -35.00
C ILE F 65 7.24 13.38 -35.71
N SER F 66 8.18 14.31 -35.51
CA SER F 66 8.06 15.61 -36.18
C SER F 66 9.40 16.20 -36.54
N PHE F 67 9.38 17.08 -37.52
CA PHE F 67 10.55 17.81 -38.00
C PHE F 67 10.35 19.26 -37.59
N GLY F 68 11.40 19.88 -37.06
CA GLY F 68 11.34 21.28 -36.69
C GLY F 68 12.71 21.89 -36.52
N ILE F 69 12.76 23.21 -36.39
CA ILE F 69 14.03 23.91 -36.23
C ILE F 69 14.06 24.79 -35.00
N LYS F 70 15.27 25.05 -34.50
CA LYS F 70 15.51 25.91 -33.34
C LYS F 70 14.59 25.56 -32.18
N GLU F 71 13.98 26.57 -31.56
CA GLU F 71 12.97 26.35 -30.53
C GLU F 71 11.67 25.91 -31.22
N HIS F 72 11.33 24.63 -31.03
CA HIS F 72 10.25 23.98 -31.76
C HIS F 72 9.19 23.44 -30.81
N GLY F 73 9.15 23.98 -29.59
CA GLY F 73 8.11 23.64 -28.63
C GLY F 73 8.44 22.72 -27.47
N ASP F 74 9.72 22.41 -27.24
CA ASP F 74 10.04 21.64 -26.04
C ASP F 74 10.98 22.27 -25.01
N PHE F 75 11.66 23.36 -25.40
CA PHE F 75 12.74 24.00 -24.60
C PHE F 75 14.09 23.27 -24.68
N TYR F 76 14.15 22.28 -25.56
CA TYR F 76 15.37 21.63 -25.94
C TYR F 76 15.66 22.04 -27.38
N PRO F 77 16.07 23.31 -27.59
CA PRO F 77 16.03 23.83 -28.95
C PRO F 77 17.09 23.20 -29.83
N PHE F 78 16.87 23.28 -31.13
CA PHE F 78 17.85 22.81 -32.07
C PHE F 78 18.83 23.94 -32.39
N ASP F 79 19.90 23.63 -33.15
CA ASP F 79 21.05 24.51 -33.23
C ASP F 79 21.51 24.87 -34.63
N GLY F 80 20.64 24.73 -35.62
CA GLY F 80 21.02 24.99 -37.00
C GLY F 80 21.81 23.85 -37.62
N PRO F 81 22.43 24.10 -38.80
CA PRO F 81 23.26 23.09 -39.48
C PRO F 81 24.32 22.44 -38.59
N SER F 82 24.44 21.11 -38.72
CA SER F 82 25.40 20.28 -37.97
C SER F 82 25.09 20.20 -36.47
N GLY F 83 26.09 19.83 -35.68
CA GLY F 83 25.93 19.69 -34.23
C GLY F 83 24.90 18.65 -33.86
N LEU F 84 23.90 19.06 -33.08
CA LEU F 84 22.74 18.23 -32.75
C LEU F 84 21.95 17.85 -34.01
N LEU F 85 21.59 16.57 -34.12
CA LEU F 85 20.92 16.06 -35.31
C LEU F 85 19.45 15.78 -35.07
N ALA F 86 19.13 15.22 -33.91
CA ALA F 86 17.76 14.90 -33.52
C ALA F 86 17.71 14.57 -32.03
N HIS F 87 16.50 14.47 -31.47
CA HIS F 87 16.35 13.92 -30.14
C HIS F 87 15.02 13.22 -29.93
N ALA F 88 14.99 12.35 -28.93
CA ALA F 88 13.81 11.58 -28.59
C ALA F 88 13.71 11.46 -27.09
N PHE F 89 12.50 11.33 -26.59
CA PHE F 89 12.24 11.19 -25.16
C PHE F 89 12.09 9.72 -24.78
N PRO F 90 12.65 9.32 -23.61
CA PRO F 90 12.42 8.00 -23.03
C PRO F 90 10.93 7.65 -22.95
N PRO F 91 10.60 6.35 -22.76
CA PRO F 91 9.23 5.83 -22.65
C PRO F 91 8.34 6.47 -21.55
N GLY F 92 7.03 6.21 -21.63
CA GLY F 92 6.09 6.77 -20.66
C GLY F 92 5.01 7.63 -21.31
N PRO F 93 4.60 8.71 -20.60
CA PRO F 93 3.44 9.50 -20.99
C PRO F 93 3.75 10.75 -21.82
N ASN F 94 2.75 11.19 -22.58
CA ASN F 94 2.76 12.47 -23.30
C ASN F 94 3.93 12.64 -24.27
N TYR F 95 4.91 13.47 -23.91
CA TYR F 95 6.14 13.67 -24.69
C TYR F 95 6.96 12.38 -24.76
N GLY F 96 6.55 11.40 -23.95
CA GLY F 96 7.19 10.09 -23.87
C GLY F 96 7.18 9.32 -25.18
N GLY F 97 8.38 9.03 -25.68
CA GLY F 97 8.54 8.29 -26.91
C GLY F 97 8.68 9.12 -28.17
N ASP F 98 8.35 10.41 -28.08
CA ASP F 98 8.35 11.30 -29.24
C ASP F 98 9.77 11.50 -29.75
N ALA F 99 9.93 11.67 -31.07
CA ALA F 99 11.24 11.88 -31.68
C ALA F 99 11.20 13.11 -32.57
N HIS F 100 12.19 13.99 -32.44
CA HIS F 100 12.21 15.23 -33.21
C HIS F 100 13.49 15.34 -34.00
N PHE F 101 13.38 15.71 -35.28
CA PHE F 101 14.53 15.81 -36.14
C PHE F 101 14.79 17.26 -36.51
N ASP F 102 16.04 17.67 -36.43
CA ASP F 102 16.45 19.02 -36.79
C ASP F 102 16.37 19.19 -38.30
N ASP F 103 15.44 20.03 -38.75
CA ASP F 103 15.30 20.22 -40.18
C ASP F 103 16.26 21.25 -40.77
N ASP F 104 17.22 21.72 -39.97
CA ASP F 104 18.33 22.50 -40.55
C ASP F 104 19.42 21.56 -41.04
N GLU F 105 19.26 20.28 -40.72
CA GLU F 105 20.00 19.18 -41.36
C GLU F 105 19.40 18.83 -42.72
N THR F 106 20.25 18.34 -43.64
CA THR F 106 19.81 17.77 -44.90
C THR F 106 19.60 16.26 -44.70
N TRP F 107 18.35 15.83 -44.82
CA TRP F 107 18.02 14.42 -44.62
C TRP F 107 18.01 13.71 -45.95
N THR F 108 18.64 12.54 -46.00
CA THR F 108 18.77 11.78 -47.25
C THR F 108 18.48 10.29 -47.04
N SER F 109 18.48 9.54 -48.13
CA SER F 109 18.44 8.08 -48.07
C SER F 109 19.76 7.49 -48.62
N SER F 110 20.80 8.32 -48.60
CA SER F 110 22.14 7.94 -49.05
C SER F 110 23.17 8.42 -48.02
N SER F 111 24.43 8.53 -48.44
CA SER F 111 25.51 8.99 -47.56
C SER F 111 25.57 10.51 -47.40
N LYS F 112 24.90 11.24 -48.30
CA LYS F 112 24.84 12.70 -48.27
C LYS F 112 24.16 13.20 -47.00
N GLY F 113 24.46 14.43 -46.59
CA GLY F 113 23.87 15.03 -45.38
C GLY F 113 23.89 14.00 -44.27
N TYR F 114 22.74 13.82 -43.61
CA TYR F 114 22.57 12.75 -42.65
C TYR F 114 21.46 11.79 -43.09
N ASN F 115 21.76 10.50 -43.02
CA ASN F 115 20.85 9.47 -43.45
C ASN F 115 19.71 9.39 -42.46
N LEU F 116 18.48 9.63 -42.90
CA LEU F 116 17.31 9.69 -42.01
C LEU F 116 16.96 8.35 -41.35
N PHE F 117 17.00 7.27 -42.12
CA PHE F 117 16.85 5.93 -41.55
C PHE F 117 17.76 5.70 -40.32
N LEU F 118 19.05 5.94 -40.51
CA LEU F 118 20.09 5.69 -39.51
C LEU F 118 19.84 6.48 -38.23
N VAL F 119 19.62 7.79 -38.39
CA VAL F 119 19.43 8.68 -37.25
C VAL F 119 18.12 8.34 -36.55
N ALA F 120 17.07 8.03 -37.32
CA ALA F 120 15.79 7.61 -36.74
C ALA F 120 15.97 6.30 -35.98
N ALA F 121 16.63 5.32 -36.59
CA ALA F 121 16.91 4.03 -35.95
C ALA F 121 17.54 4.19 -34.58
N HIS F 122 18.60 5.02 -34.54
CA HIS F 122 19.30 5.43 -33.31
C HIS F 122 18.38 6.14 -32.33
N GLU F 123 17.65 7.16 -32.81
CA GLU F 123 16.67 7.87 -31.96
C GLU F 123 15.61 6.94 -31.40
N PHE F 124 15.10 6.03 -32.22
CA PHE F 124 14.02 5.14 -31.78
C PHE F 124 14.42 4.20 -30.63
N GLY F 125 15.71 3.84 -30.57
CA GLY F 125 16.27 3.12 -29.43
C GLY F 125 15.99 3.85 -28.13
N HIS F 126 16.25 5.16 -28.10
CA HIS F 126 15.91 6.01 -26.94
C HIS F 126 14.41 5.94 -26.63
N SER F 127 13.56 6.29 -27.60
CA SER F 127 12.11 6.12 -27.47
C SER F 127 11.68 4.79 -26.80
N LEU F 128 12.49 3.74 -26.97
CA LEU F 128 12.16 2.40 -26.49
C LEU F 128 12.79 2.04 -25.13
N GLY F 129 13.99 2.55 -24.88
CA GLY F 129 14.59 2.37 -23.57
C GLY F 129 16.10 2.26 -23.47
N LEU F 130 16.80 2.64 -24.53
CA LEU F 130 18.26 2.54 -24.58
C LEU F 130 18.93 3.91 -24.44
N ASP F 131 20.07 3.93 -23.76
CA ASP F 131 20.93 5.10 -23.75
C ASP F 131 22.16 4.78 -24.61
N HIS F 132 23.05 5.75 -24.80
CA HIS F 132 24.23 5.55 -25.62
C HIS F 132 25.09 4.35 -25.19
N SER F 133 26.00 3.92 -26.06
CA SER F 133 27.03 2.94 -25.71
C SER F 133 28.41 3.53 -25.96
N LYS F 134 29.44 2.84 -25.46
CA LYS F 134 30.83 3.23 -25.72
C LYS F 134 31.44 2.35 -26.81
N ASP F 135 30.69 1.33 -27.22
CA ASP F 135 31.00 0.54 -28.41
C ASP F 135 30.94 1.44 -29.65
N PRO F 136 32.10 1.69 -30.29
CA PRO F 136 32.19 2.57 -31.47
C PRO F 136 31.48 2.00 -32.71
N GLY F 137 31.20 0.71 -32.69
CA GLY F 137 30.55 0.02 -33.80
C GLY F 137 29.04 0.02 -33.68
N ALA F 138 28.53 0.30 -32.47
CA ALA F 138 27.10 0.21 -32.17
C ALA F 138 26.24 1.30 -32.83
N LEU F 139 24.95 1.03 -32.95
CA LEU F 139 23.99 1.99 -33.52
C LEU F 139 23.74 3.06 -32.48
N MET F 140 23.70 2.63 -31.22
CA MET F 140 23.63 3.53 -30.08
C MET F 140 25.06 3.89 -29.69
N PHE F 141 25.61 4.91 -30.34
CA PHE F 141 26.94 5.41 -30.05
C PHE F 141 27.00 6.88 -30.48
N PRO F 142 27.20 7.79 -29.51
CA PRO F 142 26.95 9.23 -29.67
C PRO F 142 27.17 9.79 -31.08
N ILE F 143 28.28 9.41 -31.70
CA ILE F 143 28.74 10.00 -32.95
C ILE F 143 28.19 9.24 -34.15
N TYR F 144 27.77 9.99 -35.17
CA TYR F 144 27.21 9.45 -36.41
C TYR F 144 28.33 9.07 -37.35
N THR F 145 28.31 7.83 -37.81
CA THR F 145 29.26 7.35 -38.79
C THR F 145 28.51 6.61 -39.88
N TYR F 146 28.74 6.95 -41.14
CA TYR F 146 28.12 6.19 -42.22
C TYR F 146 29.13 5.19 -42.80
N THR F 147 28.95 3.91 -42.43
CA THR F 147 29.76 2.81 -42.99
C THR F 147 29.23 2.58 -44.43
N GLY F 148 29.86 1.76 -45.28
CA GLY F 148 30.73 0.66 -44.93
C GLY F 148 29.97 -0.54 -45.50
N LYS F 149 29.25 -1.23 -44.62
CA LYS F 149 28.21 -2.21 -45.01
C LYS F 149 27.17 -1.51 -45.87
N SER F 150 26.59 -2.22 -46.83
CA SER F 150 25.46 -1.65 -47.59
C SER F 150 24.18 -2.47 -47.56
N HIS F 151 24.08 -3.31 -46.52
CA HIS F 151 22.81 -3.85 -46.05
C HIS F 151 22.84 -3.70 -44.55
N PHE F 152 21.79 -3.10 -43.98
CA PHE F 152 21.78 -2.87 -42.54
C PHE F 152 21.48 -4.12 -41.72
N MET F 153 22.48 -4.54 -40.96
CA MET F 153 22.33 -5.56 -39.92
C MET F 153 22.53 -4.86 -38.59
N LEU F 154 21.60 -5.07 -37.65
CA LEU F 154 21.67 -4.46 -36.33
C LEU F 154 22.82 -5.05 -35.52
N PRO F 155 23.76 -4.19 -35.04
CA PRO F 155 24.91 -4.61 -34.26
C PRO F 155 24.51 -5.32 -32.96
N ASP F 156 25.29 -6.34 -32.56
CA ASP F 156 24.92 -7.23 -31.46
C ASP F 156 24.69 -6.54 -30.11
N ASP F 157 25.43 -5.47 -29.84
CA ASP F 157 25.23 -4.67 -28.62
C ASP F 157 23.77 -4.22 -28.47
N ASP F 158 23.24 -3.68 -29.57
CA ASP F 158 21.89 -3.12 -29.64
C ASP F 158 20.85 -4.21 -29.58
N VAL F 159 21.18 -5.32 -30.25
CA VAL F 159 20.34 -6.52 -30.26
C VAL F 159 20.11 -7.02 -28.84
N GLN F 160 21.19 -7.18 -28.07
CA GLN F 160 21.10 -7.66 -26.69
C GLN F 160 20.54 -6.58 -25.74
N GLY F 161 20.99 -5.35 -25.95
CA GLY F 161 20.47 -4.18 -25.23
C GLY F 161 18.95 -4.10 -25.16
N ILE F 162 18.27 -4.30 -26.30
CA ILE F 162 16.82 -4.12 -26.38
C ILE F 162 16.09 -5.41 -26.00
N GLN F 163 16.71 -6.55 -26.30
CA GLN F 163 16.18 -7.86 -25.92
C GLN F 163 16.10 -8.07 -24.42
N SER F 164 16.92 -7.32 -23.68
CA SER F 164 16.91 -7.34 -22.20
C SER F 164 15.65 -6.70 -21.62
N LEU F 165 15.15 -5.68 -22.31
CA LEU F 165 13.98 -4.94 -21.85
C LEU F 165 12.71 -5.64 -22.30
N TYR F 166 12.70 -6.06 -23.56
CA TYR F 166 11.45 -6.51 -24.18
C TYR F 166 11.33 -8.03 -24.41
N GLY F 167 12.45 -8.73 -24.40
CA GLY F 167 12.42 -10.15 -24.77
C GLY F 167 12.80 -10.32 -26.23
N PRO F 168 13.02 -11.57 -26.67
CA PRO F 168 13.48 -11.80 -28.04
C PRO F 168 12.33 -11.92 -29.04
N GLY F 169 12.65 -11.72 -30.32
CA GLY F 169 11.70 -11.82 -31.42
C GLY F 169 10.46 -12.62 -31.11
N ASP F 170 10.50 -13.92 -31.41
CA ASP F 170 9.34 -14.77 -31.19
C ASP F 170 9.63 -15.96 -30.26
N TYR G 4 -32.51 -53.54 10.94
CA TYR G 4 -31.40 -52.58 11.22
C TYR G 4 -31.71 -51.17 10.71
N ASN G 5 -30.91 -50.20 11.16
CA ASN G 5 -30.91 -48.82 10.66
C ASN G 5 -29.47 -48.31 10.55
N VAL G 6 -29.20 -47.49 9.55
CA VAL G 6 -27.93 -46.77 9.46
C VAL G 6 -28.14 -45.34 9.92
N PHE G 7 -27.10 -44.54 9.82
CA PHE G 7 -27.27 -43.10 9.93
C PHE G 7 -27.53 -42.56 8.55
N PRO G 8 -28.64 -41.81 8.37
CA PRO G 8 -29.01 -41.39 7.01
C PRO G 8 -28.10 -40.29 6.50
N ARG G 9 -28.17 -40.01 5.20
CA ARG G 9 -27.53 -38.85 4.61
C ARG G 9 -26.04 -39.09 4.46
N THR G 10 -25.46 -38.85 3.27
CA THR G 10 -25.97 -37.97 2.19
C THR G 10 -25.60 -36.55 2.64
N LEU G 11 -24.37 -36.46 3.15
CA LEU G 11 -23.78 -35.20 3.57
C LEU G 11 -23.72 -34.25 2.38
N LYS G 12 -24.90 -34.01 1.79
CA LYS G 12 -25.15 -32.98 0.77
C LYS G 12 -26.53 -32.37 1.06
N TRP G 13 -26.61 -31.03 1.03
CA TRP G 13 -27.85 -30.32 1.36
C TRP G 13 -29.02 -30.83 0.55
N SER G 14 -30.14 -31.07 1.24
CA SER G 14 -31.40 -31.48 0.61
C SER G 14 -32.23 -30.25 0.22
N LYS G 15 -31.66 -29.07 0.44
CA LYS G 15 -32.29 -27.82 0.13
C LYS G 15 -31.26 -26.90 -0.52
N MET G 16 -31.67 -26.30 -1.63
CA MET G 16 -30.80 -25.43 -2.42
C MET G 16 -30.69 -24.02 -1.86
N ASN G 17 -31.67 -23.60 -1.07
CA ASN G 17 -31.64 -22.28 -0.41
C ASN G 17 -31.07 -22.38 0.99
N LEU G 18 -29.97 -21.68 1.21
CA LEU G 18 -29.24 -21.71 2.47
C LEU G 18 -29.10 -20.32 3.08
N THR G 19 -29.04 -20.26 4.41
CA THR G 19 -28.78 -19.00 5.11
C THR G 19 -27.42 -19.08 5.77
N TYR G 20 -26.81 -17.91 5.97
CA TYR G 20 -25.59 -17.84 6.76
C TYR G 20 -25.61 -16.68 7.74
N ARG G 21 -24.75 -16.77 8.75
CA ARG G 21 -24.59 -15.74 9.76
C ARG G 21 -23.11 -15.61 10.18
N ILE G 22 -22.59 -14.40 10.12
CA ILE G 22 -21.26 -14.08 10.63
C ILE G 22 -21.44 -13.76 12.11
N VAL G 23 -21.11 -14.72 12.98
CA VAL G 23 -21.35 -14.62 14.42
C VAL G 23 -20.45 -13.59 15.10
N ASN G 24 -19.17 -13.60 14.76
CA ASN G 24 -18.21 -12.67 15.33
C ASN G 24 -17.20 -12.35 14.25
N TYR G 25 -16.24 -11.48 14.55
CA TYR G 25 -15.32 -10.97 13.55
C TYR G 25 -13.88 -11.06 14.03
N THR G 26 -12.97 -11.28 13.08
CA THR G 26 -11.55 -11.30 13.35
C THR G 26 -11.00 -9.89 13.55
N PRO G 27 -9.96 -9.74 14.40
CA PRO G 27 -9.29 -8.44 14.57
C PRO G 27 -8.55 -7.94 13.33
N ASP G 28 -8.25 -8.87 12.40
CA ASP G 28 -7.27 -8.68 11.32
C ASP G 28 -7.76 -7.84 10.15
N MET G 29 -9.07 -7.79 9.98
CA MET G 29 -9.70 -7.12 8.85
C MET G 29 -10.88 -6.34 9.38
N THR G 30 -11.29 -5.31 8.64
CA THR G 30 -12.49 -4.52 8.94
C THR G 30 -13.76 -5.36 8.72
N HIS G 31 -14.87 -4.95 9.36
CA HIS G 31 -16.16 -5.65 9.17
C HIS G 31 -16.47 -5.83 7.68
N SER G 32 -16.44 -4.74 6.91
CA SER G 32 -16.73 -4.76 5.48
C SER G 32 -15.84 -5.71 4.67
N GLU G 33 -14.56 -5.79 5.02
CA GLU G 33 -13.62 -6.66 4.32
C GLU G 33 -13.99 -8.11 4.57
N VAL G 34 -14.37 -8.41 5.79
CA VAL G 34 -14.76 -9.75 6.19
C VAL G 34 -16.06 -10.16 5.48
N GLU G 35 -17.05 -9.27 5.53
CA GLU G 35 -18.32 -9.48 4.85
C GLU G 35 -18.14 -9.62 3.33
N LYS G 36 -17.22 -8.86 2.76
CA LYS G 36 -16.94 -8.94 1.33
C LYS G 36 -16.29 -10.27 0.96
N ALA G 37 -15.34 -10.70 1.79
CA ALA G 37 -14.62 -11.94 1.57
C ALA G 37 -15.55 -13.16 1.63
N PHE G 38 -16.49 -13.15 2.56
CA PHE G 38 -17.45 -14.25 2.67
C PHE G 38 -18.48 -14.21 1.54
N LYS G 39 -18.97 -13.01 1.23
CA LYS G 39 -19.85 -12.78 0.09
C LYS G 39 -19.25 -13.37 -1.18
N LYS G 40 -17.99 -13.03 -1.44
CA LYS G 40 -17.28 -13.53 -2.60
C LYS G 40 -17.17 -15.08 -2.60
N ALA G 41 -16.82 -15.65 -1.45
CA ALA G 41 -16.62 -17.09 -1.33
C ALA G 41 -17.89 -17.89 -1.60
N PHE G 42 -19.04 -17.38 -1.15
CA PHE G 42 -20.34 -17.98 -1.46
C PHE G 42 -20.64 -17.86 -2.96
N LYS G 43 -20.34 -16.70 -3.53
CA LYS G 43 -20.63 -16.42 -4.94
C LYS G 43 -19.91 -17.37 -5.90
N VAL G 44 -18.72 -17.83 -5.48
CA VAL G 44 -17.94 -18.84 -6.19
C VAL G 44 -18.77 -20.08 -6.49
N TRP G 45 -19.59 -20.47 -5.51
CA TRP G 45 -20.39 -21.67 -5.54
C TRP G 45 -21.77 -21.45 -6.12
N SER G 46 -22.32 -20.27 -5.87
CA SER G 46 -23.67 -19.96 -6.30
C SER G 46 -23.71 -19.49 -7.75
N ASP G 47 -22.54 -19.21 -8.33
CA ASP G 47 -22.44 -18.87 -9.76
C ASP G 47 -22.61 -20.11 -10.63
N VAL G 48 -22.16 -21.27 -10.12
CA VAL G 48 -22.17 -22.51 -10.91
C VAL G 48 -23.21 -23.54 -10.46
N THR G 49 -24.09 -23.17 -9.52
CA THR G 49 -25.15 -24.07 -9.04
C THR G 49 -26.51 -23.36 -8.89
N PRO G 50 -27.57 -24.12 -8.58
CA PRO G 50 -28.85 -23.47 -8.20
C PRO G 50 -28.90 -23.04 -6.72
N LEU G 51 -27.81 -23.27 -5.97
CA LEU G 51 -27.70 -22.75 -4.60
C LEU G 51 -27.78 -21.22 -4.58
N ASN G 52 -28.47 -20.69 -3.58
CA ASN G 52 -28.36 -19.27 -3.26
C ASN G 52 -28.28 -19.07 -1.75
N PHE G 53 -27.50 -18.06 -1.35
CA PHE G 53 -27.17 -17.83 0.05
C PHE G 53 -27.72 -16.49 0.51
N THR G 54 -28.41 -16.52 1.65
CA THR G 54 -28.97 -15.31 2.27
C THR G 54 -28.37 -15.08 3.66
N ARG G 55 -27.98 -13.84 3.93
CA ARG G 55 -27.31 -13.48 5.18
C ARG G 55 -28.29 -13.07 6.26
N LEU G 56 -28.19 -13.74 7.40
CA LEU G 56 -28.91 -13.34 8.62
C LEU G 56 -27.95 -12.67 9.59
N HIS G 57 -28.41 -11.58 10.20
CA HIS G 57 -27.66 -10.89 11.25
C HIS G 57 -27.92 -11.51 12.62
N ASP G 58 -29.09 -12.12 12.79
CA ASP G 58 -29.46 -12.74 14.07
C ASP G 58 -29.96 -14.17 13.88
N GLY G 59 -29.94 -14.92 14.97
CA GLY G 59 -30.58 -16.23 15.04
C GLY G 59 -29.72 -17.38 14.55
N ILE G 60 -30.32 -18.57 14.47
CA ILE G 60 -29.66 -19.73 13.91
C ILE G 60 -29.86 -19.73 12.39
N ALA G 61 -28.75 -19.68 11.66
CA ALA G 61 -28.71 -19.84 10.21
C ALA G 61 -28.18 -21.23 9.87
N ASP G 62 -28.20 -21.59 8.59
CA ASP G 62 -27.72 -22.88 8.13
C ASP G 62 -26.21 -23.01 8.26
N ILE G 63 -25.51 -21.99 7.75
CA ILE G 63 -24.06 -21.95 7.86
C ILE G 63 -23.72 -20.85 8.87
N MET G 64 -23.41 -21.27 10.08
CA MET G 64 -22.97 -20.34 11.12
C MET G 64 -21.46 -20.21 11.02
N ILE G 65 -21.02 -18.95 10.96
CA ILE G 65 -19.61 -18.64 10.75
C ILE G 65 -19.04 -17.91 11.96
N SER G 66 -17.91 -18.39 12.46
CA SER G 66 -17.27 -17.75 13.59
C SER G 66 -15.78 -17.92 13.52
N PHE G 67 -15.10 -17.02 14.22
CA PHE G 67 -13.67 -17.08 14.44
C PHE G 67 -13.49 -17.54 15.89
N GLY G 68 -12.50 -18.39 16.14
CA GLY G 68 -12.16 -18.77 17.50
C GLY G 68 -10.78 -19.39 17.51
N ILE G 69 -10.27 -19.62 18.72
CA ILE G 69 -8.96 -20.26 18.91
C ILE G 69 -9.11 -21.45 19.86
N LYS G 70 -8.10 -22.32 19.86
CA LYS G 70 -8.02 -23.48 20.76
C LYS G 70 -9.33 -24.24 20.83
N GLU G 71 -9.70 -24.71 22.02
CA GLU G 71 -11.05 -25.23 22.26
C GLU G 71 -12.06 -24.07 22.19
N HIS G 72 -12.97 -24.16 21.23
CA HIS G 72 -13.95 -23.09 20.98
C HIS G 72 -15.36 -23.67 20.87
N GLY G 73 -15.56 -24.88 21.37
CA GLY G 73 -16.90 -25.40 21.55
C GLY G 73 -17.37 -26.59 20.73
N ASP G 74 -16.48 -27.25 19.98
CA ASP G 74 -16.93 -28.42 19.26
C ASP G 74 -16.09 -29.69 19.47
N PHE G 75 -15.12 -29.61 20.39
CA PHE G 75 -14.10 -30.67 20.61
C PHE G 75 -13.22 -30.99 19.40
N TYR G 76 -13.07 -29.98 18.55
CA TYR G 76 -12.14 -29.99 17.42
C TYR G 76 -11.22 -28.80 17.60
N PRO G 77 -10.32 -28.85 18.58
CA PRO G 77 -9.60 -27.62 18.92
C PRO G 77 -8.65 -27.15 17.83
N PHE G 78 -8.44 -25.84 17.75
CA PHE G 78 -7.47 -25.25 16.85
C PHE G 78 -6.10 -25.25 17.54
N ASP G 79 -5.04 -25.07 16.77
CA ASP G 79 -3.69 -25.41 17.21
C ASP G 79 -2.68 -24.25 17.30
N GLY G 80 -3.17 -23.00 17.27
CA GLY G 80 -2.27 -21.83 17.29
C GLY G 80 -1.85 -21.48 15.88
N PRO G 81 -0.79 -20.64 15.74
CA PRO G 81 -0.37 -20.27 14.37
C PRO G 81 0.03 -21.48 13.49
N SER G 82 -0.19 -21.35 12.18
CA SER G 82 0.03 -22.41 11.18
C SER G 82 -0.86 -23.63 11.43
N GLY G 83 -0.53 -24.75 10.77
CA GLY G 83 -1.30 -25.99 10.93
C GLY G 83 -2.71 -25.84 10.41
N LEU G 84 -3.69 -26.31 11.18
CA LEU G 84 -5.09 -26.11 10.85
C LEU G 84 -5.39 -24.63 10.71
N LEU G 85 -6.09 -24.27 9.64
CA LEU G 85 -6.40 -22.88 9.33
C LEU G 85 -7.82 -22.59 9.70
N ALA G 86 -8.67 -23.60 9.51
CA ALA G 86 -10.11 -23.51 9.68
C ALA G 86 -10.69 -24.89 9.45
N HIS G 87 -11.95 -25.07 9.83
CA HIS G 87 -12.69 -26.28 9.44
C HIS G 87 -14.18 -26.00 9.29
N ALA G 88 -14.84 -26.88 8.55
CA ALA G 88 -16.27 -26.76 8.31
C ALA G 88 -16.87 -28.14 8.40
N PHE G 89 -18.12 -28.21 8.82
CA PHE G 89 -18.75 -29.49 9.00
C PHE G 89 -19.59 -29.80 7.77
N PRO G 90 -19.59 -31.09 7.34
CA PRO G 90 -20.43 -31.56 6.23
C PRO G 90 -21.87 -31.10 6.42
N PRO G 91 -22.64 -31.00 5.33
CA PRO G 91 -24.02 -30.52 5.41
C PRO G 91 -24.85 -31.34 6.39
N GLY G 92 -25.93 -30.73 6.91
CA GLY G 92 -26.72 -31.34 7.98
C GLY G 92 -27.07 -30.34 9.07
N PRO G 93 -27.99 -30.74 9.99
CA PRO G 93 -28.52 -29.85 11.03
C PRO G 93 -27.46 -29.45 12.05
N ASN G 94 -27.77 -28.44 12.85
CA ASN G 94 -26.91 -28.01 13.96
C ASN G 94 -25.48 -27.67 13.49
N TYR G 95 -24.48 -28.31 14.10
CA TYR G 95 -23.08 -28.03 13.77
C TYR G 95 -22.75 -28.25 12.28
N GLY G 96 -23.59 -29.03 11.61
CA GLY G 96 -23.45 -29.31 10.18
C GLY G 96 -23.54 -28.04 9.36
N GLY G 97 -22.63 -27.90 8.41
CA GLY G 97 -22.59 -26.72 7.53
C GLY G 97 -21.85 -25.51 8.10
N ASP G 98 -21.53 -25.56 9.40
CA ASP G 98 -20.85 -24.44 10.08
C ASP G 98 -19.38 -24.35 9.71
N ALA G 99 -18.85 -23.13 9.66
CA ALA G 99 -17.45 -22.91 9.33
C ALA G 99 -16.71 -22.09 10.39
N HIS G 100 -15.66 -22.66 10.96
CA HIS G 100 -14.89 -21.96 11.98
C HIS G 100 -13.51 -21.64 11.46
N PHE G 101 -12.99 -20.47 11.83
CA PHE G 101 -11.72 -19.98 11.31
C PHE G 101 -10.78 -19.74 12.47
N ASP G 102 -9.57 -20.23 12.37
CA ASP G 102 -8.60 -20.17 13.46
C ASP G 102 -8.07 -18.76 13.57
N ASP G 103 -8.48 -18.01 14.58
CA ASP G 103 -8.08 -16.61 14.65
C ASP G 103 -6.65 -16.41 15.19
N ASP G 104 -5.90 -17.48 15.35
CA ASP G 104 -4.47 -17.38 15.61
C ASP G 104 -3.68 -17.33 14.30
N GLU G 105 -4.38 -17.50 13.18
CA GLU G 105 -3.87 -17.14 11.88
C GLU G 105 -4.09 -15.64 11.63
N THR G 106 -3.27 -15.03 10.79
CA THR G 106 -3.53 -13.69 10.30
C THR G 106 -4.37 -13.84 9.04
N TRP G 107 -5.48 -13.11 9.00
CA TRP G 107 -6.40 -13.16 7.87
C TRP G 107 -6.28 -11.88 7.07
N THR G 108 -6.28 -12.01 5.75
CA THR G 108 -6.02 -10.89 4.86
C THR G 108 -6.90 -10.95 3.61
N SER G 109 -6.90 -9.85 2.87
CA SER G 109 -7.47 -9.81 1.53
C SER G 109 -6.37 -9.69 0.47
N SER G 110 -5.19 -10.22 0.82
CA SER G 110 -4.03 -10.29 -0.07
C SER G 110 -3.27 -11.60 0.12
N SER G 111 -1.98 -11.59 -0.20
CA SER G 111 -1.12 -12.79 -0.17
C SER G 111 -0.53 -13.03 1.20
N LYS G 112 -0.59 -12.01 2.05
CA LYS G 112 -0.07 -12.07 3.41
C LYS G 112 -0.90 -13.05 4.25
N GLY G 113 -0.24 -13.66 5.23
CA GLY G 113 -0.88 -14.62 6.12
C GLY G 113 -1.66 -15.63 5.29
N TYR G 114 -2.96 -15.71 5.57
CA TYR G 114 -3.87 -16.50 4.75
C TYR G 114 -4.99 -15.61 4.25
N ASN G 115 -5.26 -15.71 2.95
CA ASN G 115 -6.36 -15.00 2.32
C ASN G 115 -7.67 -15.56 2.84
N LEU G 116 -8.46 -14.73 3.53
CA LEU G 116 -9.75 -15.17 4.11
C LEU G 116 -10.73 -15.71 3.07
N PHE G 117 -10.92 -14.96 1.98
CA PHE G 117 -11.82 -15.38 0.90
C PHE G 117 -11.47 -16.79 0.36
N LEU G 118 -10.18 -17.00 0.12
CA LEU G 118 -9.67 -18.25 -0.42
C LEU G 118 -9.92 -19.45 0.51
N VAL G 119 -9.64 -19.27 1.80
CA VAL G 119 -9.90 -20.32 2.79
C VAL G 119 -11.41 -20.52 2.98
N ALA G 120 -12.16 -19.42 3.01
CA ALA G 120 -13.61 -19.48 3.18
C ALA G 120 -14.28 -20.18 2.01
N ALA G 121 -13.75 -19.96 0.81
CA ALA G 121 -14.28 -20.63 -0.40
C ALA G 121 -14.07 -22.14 -0.32
N HIS G 122 -12.86 -22.54 0.06
CA HIS G 122 -12.53 -23.95 0.29
C HIS G 122 -13.42 -24.54 1.38
N GLU G 123 -13.53 -23.83 2.51
CA GLU G 123 -14.31 -24.31 3.65
C GLU G 123 -15.78 -24.47 3.32
N PHE G 124 -16.33 -23.52 2.56
CA PHE G 124 -17.75 -23.58 2.17
C PHE G 124 -17.97 -24.77 1.23
N GLY G 125 -16.90 -25.21 0.57
CA GLY G 125 -16.97 -26.41 -0.26
C GLY G 125 -17.30 -27.64 0.58
N HIS G 126 -16.64 -27.73 1.73
CA HIS G 126 -16.96 -28.74 2.76
C HIS G 126 -18.39 -28.54 3.28
N SER G 127 -18.78 -27.30 3.55
CA SER G 127 -20.13 -26.95 4.04
C SER G 127 -21.22 -27.42 3.10
N LEU G 128 -20.88 -27.51 1.81
CA LEU G 128 -21.83 -27.87 0.77
C LEU G 128 -21.76 -29.33 0.33
N GLY G 129 -20.85 -30.11 0.90
CA GLY G 129 -20.79 -31.52 0.60
C GLY G 129 -19.53 -32.04 -0.07
N LEU G 130 -18.60 -31.15 -0.39
CA LEU G 130 -17.35 -31.57 -1.03
C LEU G 130 -16.29 -31.97 -0.01
N ASP G 131 -15.72 -33.15 -0.20
CA ASP G 131 -14.56 -33.54 0.57
C ASP G 131 -13.32 -33.04 -0.17
N HIS G 132 -12.14 -33.48 0.27
CA HIS G 132 -10.91 -33.09 -0.40
C HIS G 132 -10.69 -33.76 -1.76
N SER G 133 -10.03 -33.01 -2.65
CA SER G 133 -9.73 -33.44 -4.01
C SER G 133 -8.25 -33.78 -4.16
N LYS G 134 -7.95 -34.71 -5.07
CA LYS G 134 -6.56 -35.08 -5.34
C LYS G 134 -5.95 -34.25 -6.45
N ASP G 135 -6.78 -33.43 -7.10
CA ASP G 135 -6.30 -32.52 -8.12
C ASP G 135 -5.58 -31.35 -7.46
N PRO G 136 -4.25 -31.28 -7.62
CA PRO G 136 -3.45 -30.27 -6.92
C PRO G 136 -3.85 -28.83 -7.24
N GLY G 137 -4.57 -28.65 -8.35
CA GLY G 137 -4.94 -27.33 -8.84
C GLY G 137 -6.32 -26.89 -8.39
N ALA G 138 -7.05 -27.81 -7.76
CA ALA G 138 -8.42 -27.57 -7.29
C ALA G 138 -8.45 -26.71 -6.02
N LEU G 139 -9.51 -25.92 -5.88
CA LEU G 139 -9.77 -25.21 -4.63
C LEU G 139 -9.89 -26.20 -3.48
N MET G 140 -10.45 -27.37 -3.78
CA MET G 140 -10.72 -28.37 -2.75
C MET G 140 -9.54 -29.29 -2.45
N PHE G 141 -8.37 -28.96 -2.99
CA PHE G 141 -7.13 -29.61 -2.59
C PHE G 141 -6.81 -29.24 -1.14
N PRO G 142 -6.52 -30.25 -0.29
CA PRO G 142 -6.20 -30.11 1.12
C PRO G 142 -5.21 -28.98 1.50
N ILE G 143 -4.25 -28.70 0.63
CA ILE G 143 -3.13 -27.80 0.95
C ILE G 143 -3.34 -26.40 0.38
N TYR G 144 -3.26 -25.40 1.25
CA TYR G 144 -3.38 -24.00 0.86
C TYR G 144 -2.20 -23.60 0.01
N THR G 145 -2.52 -23.11 -1.19
CA THR G 145 -1.52 -22.52 -2.08
C THR G 145 -2.14 -21.26 -2.67
N TYR G 146 -1.49 -20.11 -2.46
CA TYR G 146 -1.97 -18.84 -3.04
C TYR G 146 -1.26 -18.52 -4.34
N THR G 147 -1.98 -18.69 -5.45
CA THR G 147 -1.55 -18.27 -6.80
C THR G 147 -1.86 -16.75 -6.86
N GLY G 148 -1.63 -16.03 -7.96
CA GLY G 148 -1.36 -16.54 -9.30
C GLY G 148 -1.09 -15.41 -10.29
N LYS G 149 -1.95 -15.18 -11.28
CA LYS G 149 -3.39 -15.53 -11.30
C LYS G 149 -4.19 -14.58 -10.39
N SER G 150 -4.69 -13.51 -11.00
CA SER G 150 -5.60 -12.57 -10.34
C SER G 150 -6.89 -12.51 -11.14
N HIS G 151 -8.02 -12.57 -10.43
CA HIS G 151 -9.35 -12.79 -10.99
C HIS G 151 -9.67 -14.27 -10.82
N PHE G 152 -10.38 -14.57 -9.73
CA PHE G 152 -10.68 -15.93 -9.34
C PHE G 152 -11.74 -16.54 -10.25
N MET G 153 -11.32 -17.53 -11.03
CA MET G 153 -12.22 -18.39 -11.77
C MET G 153 -12.13 -19.76 -11.11
N LEU G 154 -13.27 -20.25 -10.62
CA LEU G 154 -13.34 -21.55 -9.97
C LEU G 154 -12.79 -22.62 -10.91
N PRO G 155 -11.76 -23.38 -10.45
CA PRO G 155 -11.21 -24.51 -11.23
C PRO G 155 -12.27 -25.52 -11.67
N ASP G 156 -11.95 -26.23 -12.76
CA ASP G 156 -12.85 -27.16 -13.40
C ASP G 156 -13.26 -28.30 -12.47
N ASP G 157 -12.30 -28.83 -11.73
CA ASP G 157 -12.53 -29.93 -10.79
C ASP G 157 -13.60 -29.63 -9.72
N ASP G 158 -13.60 -28.38 -9.23
CA ASP G 158 -14.55 -27.92 -8.22
C ASP G 158 -15.91 -27.59 -8.84
N VAL G 159 -15.89 -27.04 -10.04
CA VAL G 159 -17.14 -26.84 -10.81
C VAL G 159 -17.82 -28.20 -10.99
N GLN G 160 -17.10 -29.17 -11.55
CA GLN G 160 -17.58 -30.55 -11.71
C GLN G 160 -18.01 -31.16 -10.39
N GLY G 161 -17.15 -31.00 -9.38
CA GLY G 161 -17.39 -31.57 -8.06
C GLY G 161 -18.68 -31.16 -7.41
N ILE G 162 -18.93 -29.84 -7.38
CA ILE G 162 -20.14 -29.31 -6.78
C ILE G 162 -21.37 -29.63 -7.65
N GLN G 163 -21.21 -29.57 -8.97
CA GLN G 163 -22.30 -29.87 -9.89
C GLN G 163 -22.74 -31.35 -9.86
N SER G 164 -21.82 -32.23 -9.48
CA SER G 164 -22.15 -33.65 -9.25
C SER G 164 -23.01 -33.84 -7.99
N LEU G 165 -23.19 -32.77 -7.20
CA LEU G 165 -24.10 -32.78 -6.06
C LEU G 165 -25.37 -31.99 -6.34
N TYR G 166 -25.22 -30.81 -6.93
CA TYR G 166 -26.31 -29.85 -7.05
C TYR G 166 -26.72 -29.58 -8.48
N GLY G 167 -25.89 -30.00 -9.43
CA GLY G 167 -26.09 -29.72 -10.83
C GLY G 167 -25.61 -28.32 -11.19
N PRO G 168 -25.72 -27.95 -12.48
CA PRO G 168 -25.27 -26.64 -12.94
C PRO G 168 -26.27 -25.53 -12.61
N GLY G 169 -25.83 -24.28 -12.73
CA GLY G 169 -26.66 -23.12 -12.46
C GLY G 169 -27.90 -23.08 -13.33
N TYR H 4 1.12 -52.42 -2.07
CA TYR H 4 2.25 -51.48 -1.82
C TYR H 4 1.96 -50.06 -2.34
N ASN H 5 2.77 -49.10 -1.88
CA ASN H 5 2.77 -47.72 -2.39
C ASN H 5 4.20 -47.19 -2.45
N VAL H 6 4.49 -46.40 -3.49
CA VAL H 6 5.75 -45.67 -3.57
C VAL H 6 5.52 -44.23 -3.09
N PHE H 7 6.28 -43.27 -3.58
CA PHE H 7 6.02 -41.86 -3.32
C PHE H 7 5.63 -41.13 -4.63
N PRO H 8 5.27 -39.81 -4.53
CA PRO H 8 4.87 -39.16 -5.78
C PRO H 8 6.03 -38.64 -6.61
N ARG H 9 5.70 -38.34 -7.86
CA ARG H 9 6.66 -37.87 -8.83
C ARG H 9 7.01 -36.41 -8.60
N THR H 10 8.30 -36.13 -8.69
CA THR H 10 8.85 -34.79 -8.50
C THR H 10 9.16 -34.21 -9.87
N LEU H 11 8.46 -34.71 -10.87
CA LEU H 11 8.76 -34.41 -12.25
C LEU H 11 8.56 -32.94 -12.58
N LYS H 12 7.34 -32.46 -12.40
CA LYS H 12 6.97 -31.16 -12.91
C LYS H 12 5.84 -30.52 -12.12
N TRP H 13 5.83 -29.20 -12.11
CA TRP H 13 4.73 -28.43 -11.56
C TRP H 13 3.50 -28.64 -12.43
N SER H 14 2.57 -29.44 -11.94
CA SER H 14 1.33 -29.77 -12.66
C SER H 14 0.61 -28.52 -13.19
N LYS H 15 0.90 -27.38 -12.57
CA LYS H 15 0.51 -26.08 -13.11
C LYS H 15 1.73 -25.37 -13.72
N MET H 16 1.50 -24.68 -14.83
CA MET H 16 2.57 -24.00 -15.54
C MET H 16 2.77 -22.61 -14.97
N ASN H 17 1.74 -22.11 -14.27
CA ASN H 17 1.79 -20.80 -13.62
C ASN H 17 2.36 -20.94 -12.21
N LEU H 18 3.53 -20.34 -11.98
CA LEU H 18 4.20 -20.45 -10.69
C LEU H 18 4.44 -19.08 -10.03
N THR H 19 4.51 -19.09 -8.70
CA THR H 19 4.75 -17.87 -7.92
C THR H 19 6.10 -17.96 -7.25
N TYR H 20 6.72 -16.81 -6.98
CA TYR H 20 7.96 -16.77 -6.22
C TYR H 20 8.00 -15.61 -5.25
N ARG H 21 8.71 -15.81 -4.15
CA ARG H 21 8.94 -14.76 -3.16
C ARG H 21 10.42 -14.66 -2.79
N ILE H 22 10.93 -13.43 -2.86
CA ILE H 22 12.27 -13.09 -2.37
C ILE H 22 12.07 -12.73 -0.90
N VAL H 23 12.38 -13.69 -0.04
CA VAL H 23 12.12 -13.60 1.40
C VAL H 23 13.05 -12.59 2.08
N ASN H 24 14.31 -12.57 1.64
CA ASN H 24 15.32 -11.67 2.20
C ASN H 24 16.44 -11.40 1.18
N TYR H 25 17.37 -10.50 1.53
CA TYR H 25 18.34 -10.01 0.56
C TYR H 25 19.78 -10.13 1.03
N THR H 26 20.69 -10.34 0.10
CA THR H 26 22.11 -10.39 0.38
C THR H 26 22.67 -8.98 0.60
N PRO H 27 23.74 -8.84 1.42
CA PRO H 27 24.38 -7.53 1.57
C PRO H 27 25.09 -7.05 0.30
N ASP H 28 25.42 -8.01 -0.58
CA ASP H 28 26.42 -7.82 -1.64
C ASP H 28 25.96 -6.98 -2.79
N MET H 29 24.66 -6.88 -2.96
CA MET H 29 24.04 -6.22 -4.10
C MET H 29 22.87 -5.45 -3.56
N THR H 30 22.35 -4.51 -4.34
CA THR H 30 21.13 -3.78 -3.93
C THR H 30 19.85 -4.57 -4.21
N HIS H 31 18.77 -4.15 -3.57
CA HIS H 31 17.44 -4.72 -3.79
C HIS H 31 17.12 -4.82 -5.28
N SER H 32 17.22 -3.70 -6.00
CA SER H 32 17.01 -3.66 -7.45
C SER H 32 17.89 -4.65 -8.23
N GLU H 33 19.18 -4.70 -7.89
CA GLU H 33 20.12 -5.59 -8.57
C GLU H 33 19.75 -7.05 -8.37
N VAL H 34 19.20 -7.37 -7.21
CA VAL H 34 18.84 -8.74 -6.83
C VAL H 34 17.54 -9.15 -7.53
N GLU H 35 16.53 -8.28 -7.46
CA GLU H 35 15.27 -8.50 -8.15
C GLU H 35 15.45 -8.72 -9.65
N LYS H 36 16.31 -7.89 -10.26
CA LYS H 36 16.67 -7.98 -11.67
C LYS H 36 17.33 -9.31 -12.04
N ALA H 37 18.23 -9.78 -11.18
CA ALA H 37 18.93 -11.03 -11.37
C ALA H 37 17.97 -12.22 -11.34
N PHE H 38 17.07 -12.25 -10.35
CA PHE H 38 16.04 -13.30 -10.28
C PHE H 38 15.01 -13.20 -11.39
N LYS H 39 14.57 -11.99 -11.70
CA LYS H 39 13.66 -11.75 -12.83
C LYS H 39 14.31 -12.27 -14.11
N LYS H 40 15.57 -11.93 -14.33
CA LYS H 40 16.33 -12.48 -15.47
C LYS H 40 16.42 -14.03 -15.46
N ALA H 41 16.76 -14.59 -14.31
CA ALA H 41 16.89 -16.04 -14.15
C ALA H 41 15.59 -16.83 -14.40
N PHE H 42 14.45 -16.26 -14.01
CA PHE H 42 13.15 -16.84 -14.32
C PHE H 42 12.79 -16.73 -15.81
N LYS H 43 13.20 -15.61 -16.42
CA LYS H 43 12.93 -15.32 -17.82
C LYS H 43 13.62 -16.30 -18.76
N VAL H 44 14.84 -16.68 -18.40
CA VAL H 44 15.61 -17.71 -19.09
C VAL H 44 14.78 -18.96 -19.41
N TRP H 45 14.05 -19.45 -18.41
CA TRP H 45 13.28 -20.68 -18.53
C TRP H 45 11.88 -20.45 -19.09
N SER H 46 11.30 -19.30 -18.77
CA SER H 46 9.92 -19.03 -19.17
C SER H 46 9.79 -18.66 -20.65
N ASP H 47 10.91 -18.23 -21.25
CA ASP H 47 10.97 -17.92 -22.69
C ASP H 47 10.87 -19.16 -23.59
N VAL H 48 11.32 -20.30 -23.10
CA VAL H 48 11.34 -21.55 -23.89
C VAL H 48 10.34 -22.62 -23.41
N THR H 49 9.45 -22.22 -22.51
CA THR H 49 8.39 -23.09 -22.00
C THR H 49 7.09 -22.29 -21.93
N PRO H 50 5.98 -22.97 -21.57
CA PRO H 50 4.77 -22.23 -21.26
C PRO H 50 4.68 -21.88 -19.78
N LEU H 51 5.77 -22.10 -19.03
CA LEU H 51 5.89 -21.67 -17.64
C LEU H 51 5.74 -20.18 -17.52
N ASN H 52 5.16 -19.73 -16.41
CA ASN H 52 4.88 -18.32 -16.20
C ASN H 52 5.06 -18.00 -14.72
N PHE H 53 5.79 -16.92 -14.41
CA PHE H 53 6.22 -16.65 -13.03
C PHE H 53 5.71 -15.34 -12.49
N THR H 54 5.09 -15.40 -11.31
CA THR H 54 4.56 -14.22 -10.63
C THR H 54 5.25 -14.00 -9.28
N ARG H 55 5.64 -12.75 -9.01
CA ARG H 55 6.28 -12.41 -7.74
C ARG H 55 5.25 -12.05 -6.68
N LEU H 56 5.30 -12.75 -5.55
CA LEU H 56 4.56 -12.35 -4.34
C LEU H 56 5.47 -11.65 -3.35
N HIS H 57 4.95 -10.61 -2.71
CA HIS H 57 5.71 -9.83 -1.73
C HIS H 57 5.44 -10.36 -0.33
N ASP H 58 4.40 -11.16 -0.18
CA ASP H 58 4.06 -11.77 1.11
C ASP H 58 3.57 -13.20 0.95
N GLY H 59 3.57 -13.93 2.06
CA GLY H 59 2.94 -15.24 2.16
C GLY H 59 3.74 -16.36 1.56
N ILE H 60 3.10 -17.53 1.46
CA ILE H 60 3.70 -18.69 0.81
C ILE H 60 3.52 -18.57 -0.70
N ALA H 61 4.65 -18.70 -1.41
CA ALA H 61 4.71 -18.75 -2.86
C ALA H 61 5.31 -20.09 -3.19
N ASP H 62 5.12 -20.55 -4.42
CA ASP H 62 5.64 -21.85 -4.84
C ASP H 62 7.15 -21.92 -4.66
N ILE H 63 7.85 -20.90 -5.12
CA ILE H 63 9.30 -20.86 -5.04
C ILE H 63 9.68 -19.76 -4.03
N MET H 64 10.06 -20.18 -2.84
CA MET H 64 10.49 -19.24 -1.80
C MET H 64 12.01 -19.09 -1.92
N ILE H 65 12.48 -17.85 -2.03
CA ILE H 65 13.91 -17.57 -2.25
C ILE H 65 14.51 -16.84 -1.04
N SER H 66 15.63 -17.35 -0.55
CA SER H 66 16.28 -16.73 0.58
C SER H 66 17.79 -16.87 0.57
N PHE H 67 18.44 -15.95 1.26
CA PHE H 67 19.87 -15.98 1.46
C PHE H 67 20.06 -16.38 2.92
N GLY H 68 20.92 -17.36 3.17
CA GLY H 68 21.27 -17.74 4.53
C GLY H 68 22.68 -18.27 4.54
N ILE H 69 23.20 -18.56 5.72
CA ILE H 69 24.57 -19.11 5.86
C ILE H 69 24.56 -20.32 6.79
N LYS H 70 25.65 -21.09 6.76
CA LYS H 70 25.79 -22.30 7.57
C LYS H 70 24.47 -23.08 7.65
N GLU H 71 24.03 -23.44 8.86
CA GLU H 71 22.71 -24.09 9.04
C GLU H 71 21.58 -23.06 9.15
N HIS H 72 20.58 -23.21 8.28
CA HIS H 72 19.59 -22.16 8.04
C HIS H 72 18.17 -22.71 7.90
N GLY H 73 17.91 -23.86 8.50
CA GLY H 73 16.55 -24.36 8.64
C GLY H 73 16.08 -25.50 7.74
N ASP H 74 16.98 -26.19 7.06
CA ASP H 74 16.57 -27.34 6.26
C ASP H 74 17.49 -28.57 6.40
N PHE H 75 18.49 -28.46 7.28
CA PHE H 75 19.49 -29.52 7.54
C PHE H 75 20.42 -29.86 6.37
N TYR H 76 20.50 -28.90 5.44
CA TYR H 76 21.46 -28.93 4.37
C TYR H 76 22.32 -27.69 4.55
N PRO H 77 23.21 -27.69 5.56
CA PRO H 77 23.91 -26.45 5.90
C PRO H 77 24.89 -26.02 4.82
N PHE H 78 25.14 -24.72 4.71
CA PHE H 78 26.17 -24.22 3.81
C PHE H 78 27.52 -24.31 4.51
N ASP H 79 28.58 -24.02 3.75
CA ASP H 79 29.92 -24.36 4.20
C ASP H 79 30.87 -23.16 4.35
N GLY H 80 30.35 -21.95 4.36
CA GLY H 80 31.21 -20.77 4.37
C GLY H 80 31.71 -20.46 2.96
N PRO H 81 32.79 -19.65 2.84
CA PRO H 81 33.26 -19.21 1.53
C PRO H 81 33.55 -20.35 0.53
N SER H 82 33.28 -20.09 -0.74
CA SER H 82 33.53 -21.06 -1.83
C SER H 82 32.84 -22.42 -1.63
N GLY H 83 33.26 -23.42 -2.39
CA GLY H 83 32.64 -24.75 -2.36
C GLY H 83 31.16 -24.69 -2.76
N LEU H 84 30.30 -25.13 -1.87
CA LEU H 84 28.84 -25.08 -2.05
C LEU H 84 28.37 -23.64 -2.20
N LEU H 85 27.68 -23.32 -3.29
CA LEU H 85 27.29 -21.93 -3.60
C LEU H 85 25.83 -21.63 -3.28
N ALA H 86 24.98 -22.65 -3.42
CA ALA H 86 23.54 -22.52 -3.29
C ALA H 86 22.90 -23.88 -3.54
N HIS H 87 21.61 -24.00 -3.21
CA HIS H 87 20.83 -25.18 -3.63
C HIS H 87 19.35 -24.87 -3.75
N ALA H 88 18.65 -25.76 -4.45
CA ALA H 88 17.21 -25.64 -4.63
C ALA H 88 16.59 -27.02 -4.53
N PHE H 89 15.30 -27.07 -4.24
CA PHE H 89 14.61 -28.33 -4.03
C PHE H 89 13.76 -28.68 -5.24
N PRO H 90 13.74 -29.97 -5.63
CA PRO H 90 12.92 -30.47 -6.74
C PRO H 90 11.47 -30.04 -6.58
N PRO H 91 10.71 -29.97 -7.69
CA PRO H 91 9.30 -29.60 -7.62
C PRO H 91 8.54 -30.38 -6.55
N GLY H 92 7.44 -29.80 -6.06
CA GLY H 92 6.69 -30.41 -4.96
C GLY H 92 6.32 -29.37 -3.92
N PRO H 93 5.58 -29.81 -2.87
CA PRO H 93 4.98 -28.88 -1.92
C PRO H 93 5.97 -28.40 -0.87
N ASN H 94 5.56 -27.45 -0.04
CA ASN H 94 6.42 -26.95 1.03
C ASN H 94 7.79 -26.53 0.51
N TYR H 95 8.84 -27.22 0.98
CA TYR H 95 10.22 -26.86 0.64
C TYR H 95 10.50 -27.06 -0.85
N GLY H 96 9.65 -27.86 -1.50
CA GLY H 96 9.77 -28.10 -2.94
C GLY H 96 9.75 -26.80 -3.71
N GLY H 97 10.72 -26.64 -4.62
CA GLY H 97 10.78 -25.45 -5.47
C GLY H 97 11.62 -24.32 -4.90
N ASP H 98 11.82 -24.34 -3.58
CA ASP H 98 12.58 -23.30 -2.85
C ASP H 98 14.05 -23.24 -3.26
N ALA H 99 14.60 -22.03 -3.32
CA ALA H 99 16.02 -21.84 -3.63
C ALA H 99 16.74 -21.04 -2.55
N HIS H 100 17.81 -21.63 -2.01
CA HIS H 100 18.64 -20.96 -0.99
C HIS H 100 20.02 -20.67 -1.55
N PHE H 101 20.52 -19.47 -1.22
CA PHE H 101 21.81 -18.99 -1.67
C PHE H 101 22.74 -18.75 -0.49
N ASP H 102 23.99 -19.16 -0.64
CA ASP H 102 24.95 -19.09 0.44
C ASP H 102 25.47 -17.67 0.58
N ASP H 103 25.07 -17.00 1.65
CA ASP H 103 25.46 -15.62 1.79
C ASP H 103 26.85 -15.43 2.39
N ASP H 104 27.62 -16.51 2.46
CA ASP H 104 29.07 -16.46 2.64
C ASP H 104 29.82 -16.40 1.31
N GLU H 105 29.10 -16.45 0.19
CA GLU H 105 29.66 -16.11 -1.11
C GLU H 105 29.46 -14.63 -1.38
N THR H 106 30.29 -14.05 -2.24
CA THR H 106 30.04 -12.69 -2.70
C THR H 106 29.20 -12.76 -3.99
N TRP H 107 28.03 -12.13 -3.94
CA TRP H 107 27.12 -12.15 -5.07
C TRP H 107 27.28 -10.86 -5.86
N THR H 108 27.34 -11.02 -7.18
CA THR H 108 27.59 -9.89 -8.09
C THR H 108 26.73 -10.00 -9.34
N SER H 109 26.67 -8.89 -10.08
CA SER H 109 26.10 -8.86 -11.41
C SER H 109 27.22 -8.75 -12.45
N SER H 110 28.30 -9.54 -12.22
CA SER H 110 29.51 -9.53 -13.04
C SER H 110 30.30 -10.81 -12.84
N SER H 111 31.56 -10.84 -13.31
CA SER H 111 32.45 -12.00 -13.22
C SER H 111 32.98 -12.21 -11.80
N LYS H 112 32.94 -11.13 -11.02
CA LYS H 112 33.42 -11.10 -9.65
C LYS H 112 32.63 -12.08 -8.77
N GLY H 113 33.30 -12.62 -7.77
CA GLY H 113 32.69 -13.59 -6.86
C GLY H 113 31.89 -14.59 -7.67
N TYR H 114 30.58 -14.61 -7.42
CA TYR H 114 29.66 -15.42 -8.19
C TYR H 114 28.49 -14.61 -8.67
N ASN H 115 28.29 -14.66 -9.99
CA ASN H 115 27.21 -13.99 -10.67
C ASN H 115 25.87 -14.50 -10.14
N LEU H 116 25.09 -13.64 -9.51
CA LEU H 116 23.80 -14.07 -8.92
C LEU H 116 22.84 -14.64 -9.98
N PHE H 117 22.65 -13.89 -11.05
CA PHE H 117 21.76 -14.32 -12.13
C PHE H 117 22.07 -15.75 -12.61
N LEU H 118 23.35 -16.00 -12.88
CA LEU H 118 23.85 -17.27 -13.42
C LEU H 118 23.62 -18.45 -12.47
N VAL H 119 23.91 -18.25 -11.20
CA VAL H 119 23.67 -19.29 -10.19
C VAL H 119 22.17 -19.50 -9.95
N ALA H 120 21.39 -18.40 -9.99
CA ALA H 120 19.95 -18.50 -9.79
C ALA H 120 19.25 -19.11 -10.99
N ALA H 121 19.83 -18.93 -12.18
CA ALA H 121 19.29 -19.53 -13.40
C ALA H 121 19.45 -21.05 -13.33
N HIS H 122 20.64 -21.49 -12.91
CA HIS H 122 20.96 -22.89 -12.70
C HIS H 122 20.11 -23.53 -11.61
N GLU H 123 19.97 -22.84 -10.47
CA GLU H 123 19.20 -23.36 -9.33
C GLU H 123 17.72 -23.48 -9.66
N PHE H 124 17.17 -22.46 -10.32
CA PHE H 124 15.79 -22.49 -10.75
C PHE H 124 15.52 -23.69 -11.68
N GLY H 125 16.54 -24.08 -12.46
CA GLY H 125 16.49 -25.31 -13.27
C GLY H 125 16.21 -26.56 -12.42
N HIS H 126 16.77 -26.59 -11.22
CA HIS H 126 16.42 -27.62 -10.22
C HIS H 126 14.99 -27.45 -9.68
N SER H 127 14.57 -26.20 -9.47
CA SER H 127 13.22 -25.86 -8.96
C SER H 127 12.12 -26.31 -9.91
N LEU H 128 12.51 -26.59 -11.14
CA LEU H 128 11.56 -26.92 -12.19
C LEU H 128 11.67 -28.38 -12.62
N GLY H 129 12.67 -29.09 -12.11
CA GLY H 129 12.74 -30.53 -12.29
C GLY H 129 13.96 -31.09 -12.99
N LEU H 130 14.96 -30.24 -13.21
CA LEU H 130 16.17 -30.70 -13.90
C LEU H 130 17.31 -31.02 -12.93
N ASP H 131 18.01 -32.10 -13.21
CA ASP H 131 19.20 -32.48 -12.49
C ASP H 131 20.41 -31.99 -13.28
N HIS H 132 21.61 -32.27 -12.78
CA HIS H 132 22.85 -31.86 -13.47
C HIS H 132 23.04 -32.57 -14.81
N SER H 133 23.67 -31.87 -15.75
CA SER H 133 23.92 -32.37 -17.10
C SER H 133 25.39 -32.74 -17.28
N LYS H 134 25.66 -33.72 -18.13
CA LYS H 134 27.05 -34.10 -18.43
C LYS H 134 27.67 -33.22 -19.51
N ASP H 135 26.88 -32.28 -20.04
CA ASP H 135 27.31 -31.36 -21.08
C ASP H 135 28.04 -30.18 -20.44
N PRO H 136 29.37 -30.10 -20.63
CA PRO H 136 30.23 -29.07 -20.02
C PRO H 136 29.83 -27.63 -20.39
N GLY H 137 29.10 -27.49 -21.48
CA GLY H 137 28.65 -26.17 -21.97
C GLY H 137 27.27 -25.75 -21.50
N ALA H 138 26.56 -26.66 -20.83
CA ALA H 138 25.18 -26.38 -20.38
C ALA H 138 25.15 -25.49 -19.15
N LEU H 139 24.01 -24.83 -18.92
CA LEU H 139 23.77 -24.12 -17.67
C LEU H 139 23.69 -25.12 -16.52
N MET H 140 23.08 -26.26 -16.77
CA MET H 140 22.89 -27.27 -15.73
C MET H 140 24.11 -28.18 -15.48
N PHE H 141 25.26 -27.84 -16.06
CA PHE H 141 26.51 -28.51 -15.71
C PHE H 141 26.82 -28.22 -14.22
N PRO H 142 27.29 -29.23 -13.47
CA PRO H 142 27.53 -29.08 -12.03
C PRO H 142 28.39 -27.89 -11.64
N ILE H 143 29.42 -27.62 -12.44
CA ILE H 143 30.53 -26.77 -12.05
C ILE H 143 30.40 -25.37 -12.66
N TYR H 144 30.38 -24.37 -11.77
CA TYR H 144 30.21 -22.97 -12.14
C TYR H 144 31.32 -22.52 -13.08
N THR H 145 30.93 -21.81 -14.14
CA THR H 145 31.89 -21.21 -15.06
C THR H 145 31.26 -19.93 -15.62
N TYR H 146 31.95 -18.80 -15.51
CA TYR H 146 31.48 -17.53 -16.06
C TYR H 146 32.19 -17.23 -17.39
N THR H 147 31.44 -17.30 -18.50
CA THR H 147 32.02 -17.26 -19.85
C THR H 147 31.80 -15.93 -20.57
N GLY H 148 31.93 -14.84 -19.83
CA GLY H 148 31.80 -13.49 -20.39
C GLY H 148 30.40 -13.16 -20.89
N PHE H 152 23.24 -13.52 -23.00
CA PHE H 152 22.98 -14.87 -22.50
C PHE H 152 21.88 -15.53 -23.31
N MET H 153 22.27 -16.53 -24.10
CA MET H 153 21.30 -17.37 -24.79
C MET H 153 21.36 -18.74 -24.13
N LEU H 154 20.21 -19.28 -23.78
CA LEU H 154 20.14 -20.53 -23.04
C LEU H 154 20.67 -21.66 -23.92
N PRO H 155 21.74 -22.35 -23.48
CA PRO H 155 22.30 -23.45 -24.29
C PRO H 155 21.24 -24.49 -24.69
N ASP H 156 21.48 -25.12 -25.82
CA ASP H 156 20.59 -26.11 -26.42
C ASP H 156 20.20 -27.24 -25.46
N ASP H 157 21.19 -27.80 -24.78
CA ASP H 157 20.96 -28.92 -23.85
C ASP H 157 19.93 -28.60 -22.76
N ASP H 158 19.93 -27.36 -22.28
CA ASP H 158 19.00 -26.92 -21.24
C ASP H 158 17.62 -26.58 -21.81
N VAL H 159 17.59 -26.08 -23.03
CA VAL H 159 16.34 -25.86 -23.74
C VAL H 159 15.64 -27.22 -23.95
N GLN H 160 16.38 -28.20 -24.44
CA GLN H 160 15.84 -29.54 -24.64
C GLN H 160 15.38 -30.12 -23.32
N GLY H 161 16.24 -29.99 -22.31
CA GLY H 161 15.98 -30.47 -20.96
C GLY H 161 14.65 -30.05 -20.38
N ILE H 162 14.42 -28.74 -20.35
CA ILE H 162 13.20 -28.20 -19.76
C ILE H 162 11.97 -28.37 -20.67
N GLN H 163 12.18 -28.41 -21.98
CA GLN H 163 11.09 -28.74 -22.91
C GLN H 163 10.69 -30.21 -22.84
N SER H 164 11.62 -31.09 -22.46
CA SER H 164 11.28 -32.50 -22.23
C SER H 164 10.47 -32.74 -20.94
N LEU H 165 10.21 -31.65 -20.19
CA LEU H 165 9.33 -31.70 -19.03
C LEU H 165 8.05 -30.91 -19.26
N TYR H 166 8.18 -29.69 -19.79
CA TYR H 166 7.07 -28.75 -19.89
C TYR H 166 6.66 -28.46 -21.33
N GLY H 167 7.45 -28.97 -22.28
CA GLY H 167 7.23 -28.66 -23.69
C GLY H 167 7.63 -27.24 -24.06
N PRO H 168 7.59 -26.91 -25.37
CA PRO H 168 8.18 -25.66 -25.89
C PRO H 168 7.37 -24.37 -25.67
N GLY H 169 6.10 -24.50 -25.30
CA GLY H 169 5.25 -23.34 -25.08
C GLY H 169 4.97 -22.52 -26.34
#